data_1UMB
#
_entry.id   1UMB
#
_cell.length_a   127.629
_cell.length_b   246.180
_cell.length_c   137.052
_cell.angle_alpha   90.00
_cell.angle_beta   90.00
_cell.angle_gamma   90.00
#
_symmetry.space_group_name_H-M   'C 2 2 21'
#
loop_
_entity.id
_entity.type
_entity.pdbx_description
1 polymer '2-oxo acid dehydrogenase alpha subunit'
2 polymer '2-oxo acid dehydrogenase beta subunit'
3 non-polymer 'MAGNESIUM ION'
4 non-polymer 'THIAMINE DIPHOSPHATE'
5 water water
#
loop_
_entity_poly.entity_id
_entity_poly.type
_entity_poly.pdbx_seq_one_letter_code
_entity_poly.pdbx_strand_id
1 'polypeptide(L)'
;MVKETHRFETFTEEPIRLIGEEGEWLGDFPLDLEGEKLRRLYRDMLAARMLDERYTILIRTGKTSFIAPAAGHEAAQVAI
AHAIRPGFDWVFPYYRDHGLALALGIPLKELLGQMLATKADPNKGRQMPEHPGSKALNFFTVASPIASHVPPAAGAAISM
KLLRTGQVAVCTFGDGATSEGDWYAGINFAAVQGAPAVFIAENNFYAISVDYRHQTHSPTIADKAHAFGIPGYLVDGMDV
LASYYVVKEAVERARRGEGPSLVELRVYRYGPHSSADDDSRYRPKEEVAFWRKKDPIPRFRRFLEARGLWNEEWEEDVRE
EIRAELERGLKEAEEAGPVPPEWMFEDVFAEKPWHLLRQEALLKEEL
;
A,C
2 'polypeptide(L)'
;MALMTMVQALNRALDEEMAKDPRVVVLGEDVGKRGGVFLVTEGLLQKYGPDRVMDTPLSEAAIVGAALGMAAHGLRPVAE
IQFADYIFPGFDQLVSQVAKLRYRSGGQFTAPLVVRMPSGGGVRGGHHHSQSPEAHFVHTAGLKVVAVSTPYDAKGLLKA
AIRDEDPVVFLEPKRLYRSVKEEVPEEDYTLPIGKAALRREGKDLTLICYGTVMPEVLQAAAELAKAGVSAEVLDLRTLM
PWDYEAVMNSVAKTGRVVLVSDAPRHASFVSEVAATIAEDLLDMLLAPPIRVTGFDTPYPYAQDKLYLPTVTRILNAAKR
ALDY
;
B,D
#
# COMPACT_ATOMS: atom_id res chain seq x y z
N HIS A 6 28.04 29.97 5.24
CA HIS A 6 26.77 30.54 5.80
C HIS A 6 25.74 29.45 6.06
N ARG A 7 24.93 29.65 7.09
CA ARG A 7 23.90 28.68 7.46
C ARG A 7 22.62 29.37 7.91
N PHE A 8 21.51 29.06 7.24
CA PHE A 8 20.23 29.64 7.61
C PHE A 8 19.78 28.98 8.90
N GLU A 9 18.92 29.67 9.65
CA GLU A 9 18.41 29.13 10.89
C GLU A 9 17.34 28.08 10.59
N THR A 10 17.39 26.97 11.32
CA THR A 10 16.42 25.90 11.13
C THR A 10 15.25 26.09 12.08
N PHE A 11 14.08 25.59 11.68
CA PHE A 11 12.87 25.66 12.51
C PHE A 11 12.53 27.04 13.08
N THR A 12 12.75 28.10 12.29
CA THR A 12 12.43 29.44 12.76
C THR A 12 10.92 29.58 12.92
N GLU A 13 10.50 30.35 13.92
CA GLU A 13 9.07 30.56 14.14
C GLU A 13 8.52 31.44 13.03
N GLU A 14 9.36 32.35 12.55
CA GLU A 14 8.98 33.25 11.47
C GLU A 14 9.62 32.77 10.17
N PRO A 15 8.85 32.71 9.09
CA PRO A 15 9.43 32.26 7.83
C PRO A 15 10.58 33.16 7.38
N ILE A 16 11.64 32.53 6.89
CA ILE A 16 12.83 33.24 6.42
C ILE A 16 12.50 34.16 5.24
N ARG A 17 12.94 35.41 5.35
CA ARG A 17 12.73 36.41 4.30
C ARG A 17 14.04 37.13 3.99
N LEU A 18 14.22 37.53 2.74
CA LEU A 18 15.42 38.24 2.31
C LEU A 18 15.05 39.55 1.64
N ILE A 19 13.85 39.62 1.07
CA ILE A 19 13.39 40.83 0.40
C ILE A 19 12.47 41.65 1.29
N GLY A 20 12.90 42.86 1.62
CA GLY A 20 12.07 43.72 2.45
C GLY A 20 10.89 44.19 1.62
N GLU A 21 9.80 44.58 2.27
CA GLU A 21 8.62 45.02 1.54
C GLU A 21 8.88 46.31 0.75
N GLU A 22 10.00 46.97 1.06
CA GLU A 22 10.37 48.20 0.37
C GLU A 22 11.46 47.92 -0.67
N GLY A 23 11.87 46.67 -0.77
CA GLY A 23 12.89 46.30 -1.73
C GLY A 23 14.28 46.23 -1.09
N GLU A 24 14.33 46.28 0.24
CA GLU A 24 15.60 46.23 0.94
C GLU A 24 16.08 44.79 1.11
N TRP A 25 17.39 44.62 1.28
CA TRP A 25 17.99 43.31 1.47
C TRP A 25 18.06 43.03 2.96
N LEU A 26 17.50 41.91 3.39
CA LEU A 26 17.48 41.55 4.81
C LEU A 26 18.48 40.46 5.19
N GLY A 27 19.23 39.96 4.22
CA GLY A 27 20.17 38.89 4.50
C GLY A 27 21.29 39.20 5.48
N ASP A 28 21.74 38.16 6.19
CA ASP A 28 22.84 38.29 7.12
C ASP A 28 24.09 37.83 6.39
N PHE A 29 24.07 38.02 5.08
CA PHE A 29 25.18 37.70 4.19
C PHE A 29 24.97 38.60 2.98
N PRO A 30 26.03 38.89 2.22
CA PRO A 30 25.86 39.75 1.05
C PRO A 30 25.20 39.10 -0.16
N LEU A 31 24.34 39.85 -0.83
CA LEU A 31 23.67 39.38 -2.03
C LEU A 31 24.78 39.12 -3.05
N ASP A 32 24.86 37.90 -3.57
CA ASP A 32 25.91 37.59 -4.53
C ASP A 32 25.41 37.25 -5.94
N LEU A 33 24.16 37.56 -6.22
CA LEU A 33 23.62 37.30 -7.55
C LEU A 33 23.81 38.56 -8.39
N GLU A 34 24.49 38.41 -9.52
CA GLU A 34 24.74 39.52 -10.45
C GLU A 34 23.40 40.01 -10.98
N GLY A 35 23.38 41.26 -11.48
CA GLY A 35 22.16 41.83 -12.02
C GLY A 35 21.51 40.98 -13.08
N GLU A 36 22.31 40.42 -13.98
CA GLU A 36 21.79 39.57 -15.05
C GLU A 36 21.03 38.37 -14.50
N LYS A 37 21.58 37.73 -13.48
CA LYS A 37 20.94 36.58 -12.87
C LYS A 37 19.65 36.99 -12.14
N LEU A 38 19.68 38.14 -11.47
CA LEU A 38 18.50 38.62 -10.76
C LEU A 38 17.36 38.88 -11.74
N ARG A 39 17.68 39.50 -12.87
CA ARG A 39 16.67 39.79 -13.88
C ARG A 39 16.14 38.51 -14.51
N ARG A 40 16.96 37.46 -14.55
CA ARG A 40 16.52 36.19 -15.12
C ARG A 40 15.47 35.57 -14.20
N LEU A 41 15.68 35.68 -12.90
CA LEU A 41 14.73 35.13 -11.93
C LEU A 41 13.37 35.80 -12.19
N TYR A 42 13.40 37.11 -12.37
CA TYR A 42 12.18 37.87 -12.62
C TYR A 42 11.54 37.45 -13.93
N ARG A 43 12.37 37.32 -14.96
CA ARG A 43 11.93 36.94 -16.29
C ARG A 43 11.18 35.59 -16.24
N ASP A 44 11.77 34.62 -15.54
CA ASP A 44 11.16 33.30 -15.43
C ASP A 44 9.86 33.29 -14.64
N MET A 45 9.73 34.19 -13.66
CA MET A 45 8.49 34.24 -12.89
C MET A 45 7.37 34.79 -13.77
N LEU A 46 7.70 35.77 -14.61
CA LEU A 46 6.69 36.33 -15.51
C LEU A 46 6.27 35.26 -16.50
N ALA A 47 7.27 34.53 -17.02
CA ALA A 47 7.00 33.47 -17.97
C ALA A 47 6.12 32.40 -17.34
N ALA A 48 6.38 32.07 -16.08
CA ALA A 48 5.60 31.05 -15.38
C ALA A 48 4.16 31.55 -15.18
N ARG A 49 4.01 32.81 -14.80
CA ARG A 49 2.69 33.40 -14.59
C ARG A 49 1.89 33.44 -15.90
N MET A 50 2.56 33.86 -16.98
CA MET A 50 1.90 33.95 -18.27
C MET A 50 1.55 32.58 -18.84
N LEU A 51 2.36 31.57 -18.54
CA LEU A 51 2.07 30.22 -19.01
C LEU A 51 0.78 29.76 -18.33
N ASP A 52 0.68 30.06 -17.03
CA ASP A 52 -0.49 29.69 -16.22
C ASP A 52 -1.75 30.36 -16.76
N GLU A 53 -1.61 31.62 -17.16
CA GLU A 53 -2.74 32.37 -17.69
C GLU A 53 -3.11 31.82 -19.08
N ARG A 54 -2.10 31.30 -19.79
CA ARG A 54 -2.32 30.72 -21.11
C ARG A 54 -3.12 29.44 -20.91
N TYR A 55 -2.77 28.71 -19.85
CA TYR A 55 -3.45 27.47 -19.52
C TYR A 55 -4.95 27.71 -19.32
N THR A 56 -5.29 28.80 -18.62
CA THR A 56 -6.68 29.14 -18.38
C THR A 56 -7.43 29.23 -19.71
N ILE A 57 -6.78 29.82 -20.70
CA ILE A 57 -7.36 29.98 -22.02
C ILE A 57 -7.49 28.62 -22.73
N LEU A 58 -6.49 27.77 -22.56
CA LEU A 58 -6.52 26.45 -23.20
C LEU A 58 -7.73 25.68 -22.70
N ILE A 59 -8.09 25.89 -21.44
CA ILE A 59 -9.25 25.22 -20.84
C ILE A 59 -10.51 25.78 -21.51
N ARG A 60 -10.62 27.09 -21.57
CA ARG A 60 -11.78 27.74 -22.17
C ARG A 60 -11.98 27.34 -23.63
N THR A 61 -10.91 27.36 -24.41
CA THR A 61 -11.01 27.00 -25.82
C THR A 61 -11.10 25.49 -26.06
N GLY A 62 -11.08 24.73 -24.98
CA GLY A 62 -11.19 23.28 -25.10
C GLY A 62 -9.94 22.58 -25.63
N LYS A 63 -8.80 23.25 -25.61
CA LYS A 63 -7.55 22.66 -26.08
C LYS A 63 -7.03 21.60 -25.10
N THR A 64 -7.26 21.82 -23.81
CA THR A 64 -6.84 20.87 -22.79
C THR A 64 -8.02 20.59 -21.89
N SER A 65 -8.06 19.40 -21.29
CA SER A 65 -9.17 19.02 -20.42
C SER A 65 -8.93 19.23 -18.94
N PHE A 66 -7.73 19.66 -18.56
CA PHE A 66 -7.43 19.82 -17.14
C PHE A 66 -6.21 20.69 -16.89
N ILE A 67 -6.32 21.58 -15.91
CA ILE A 67 -5.20 22.43 -15.51
C ILE A 67 -5.17 22.55 -13.99
N ALA A 68 -3.97 22.74 -13.46
CA ALA A 68 -3.74 22.90 -12.03
C ALA A 68 -3.04 24.25 -11.87
N PRO A 69 -3.81 25.34 -11.69
CA PRO A 69 -3.28 26.70 -11.54
C PRO A 69 -2.12 26.83 -10.57
N ALA A 70 -0.99 27.34 -11.07
CA ALA A 70 0.20 27.52 -10.24
C ALA A 70 0.46 28.99 -9.89
N ALA A 71 -0.43 29.89 -10.31
CA ALA A 71 -0.27 31.30 -10.00
C ALA A 71 -0.15 31.46 -8.49
N GLY A 72 0.95 32.06 -8.04
CA GLY A 72 1.18 32.24 -6.62
C GLY A 72 2.34 31.38 -6.17
N HIS A 73 2.71 30.40 -7.00
CA HIS A 73 3.81 29.48 -6.72
C HIS A 73 5.09 29.87 -7.47
N GLU A 74 5.03 30.93 -8.28
CA GLU A 74 6.17 31.35 -9.08
C GLU A 74 7.52 31.55 -8.39
N ALA A 75 7.54 32.24 -7.25
CA ALA A 75 8.81 32.47 -6.56
C ALA A 75 9.43 31.14 -6.15
N ALA A 76 8.61 30.26 -5.57
CA ALA A 76 9.09 28.96 -5.13
C ALA A 76 9.60 28.11 -6.29
N GLN A 77 8.78 27.96 -7.32
CA GLN A 77 9.15 27.15 -8.47
C GLN A 77 10.35 27.67 -9.26
N VAL A 78 10.40 28.96 -9.53
CA VAL A 78 11.53 29.51 -10.28
C VAL A 78 12.81 29.41 -9.42
N ALA A 79 12.68 29.66 -8.12
CA ALA A 79 13.81 29.59 -7.23
C ALA A 79 14.43 28.19 -7.26
N ILE A 80 13.59 27.17 -7.17
CA ILE A 80 14.06 25.79 -7.18
C ILE A 80 14.79 25.46 -8.49
N ALA A 81 14.22 25.91 -9.60
CA ALA A 81 14.81 25.66 -10.91
C ALA A 81 16.23 26.24 -11.04
N HIS A 82 16.47 27.37 -10.38
CA HIS A 82 17.76 28.02 -10.43
C HIS A 82 18.73 27.59 -9.34
N ALA A 83 18.22 26.96 -8.29
CA ALA A 83 19.07 26.50 -7.19
C ALA A 83 19.82 25.21 -7.55
N ILE A 84 19.40 24.56 -8.62
CA ILE A 84 20.03 23.32 -9.06
C ILE A 84 20.66 23.53 -10.43
N ARG A 85 21.26 22.48 -10.98
CA ARG A 85 21.87 22.56 -12.31
C ARG A 85 20.98 21.78 -13.28
N PRO A 86 20.15 22.48 -14.05
CA PRO A 86 19.28 21.79 -15.01
C PRO A 86 20.03 20.88 -15.97
N GLY A 87 19.54 19.65 -16.14
CA GLY A 87 20.21 18.72 -17.03
C GLY A 87 21.22 17.86 -16.29
N PHE A 88 21.62 18.28 -15.08
CA PHE A 88 22.58 17.54 -14.27
C PHE A 88 21.87 16.97 -13.05
N ASP A 89 21.30 17.85 -12.23
CA ASP A 89 20.58 17.42 -11.05
C ASP A 89 19.21 16.89 -11.52
N TRP A 90 18.55 16.13 -10.65
CA TRP A 90 17.25 15.57 -10.97
C TRP A 90 16.13 16.27 -10.22
N VAL A 91 14.95 16.25 -10.82
CA VAL A 91 13.77 16.86 -10.23
C VAL A 91 12.63 15.85 -10.22
N PHE A 92 12.00 15.69 -9.07
CA PHE A 92 10.85 14.79 -8.91
C PHE A 92 9.73 15.74 -8.52
N PRO A 93 9.03 16.29 -9.51
CA PRO A 93 7.93 17.24 -9.32
C PRO A 93 6.56 16.61 -9.18
N TYR A 94 5.56 17.45 -9.00
CA TYR A 94 4.18 16.98 -8.96
C TYR A 94 3.42 17.81 -9.98
N TYR A 95 2.13 17.53 -10.16
CA TYR A 95 1.31 18.20 -11.17
C TYR A 95 1.26 19.73 -11.24
N ARG A 96 1.45 20.42 -10.12
CA ARG A 96 1.36 21.88 -10.16
C ARG A 96 2.67 22.61 -10.53
N ASP A 97 3.71 21.83 -10.82
CA ASP A 97 5.01 22.39 -11.14
C ASP A 97 5.33 22.79 -12.59
N HIS A 98 4.35 23.24 -13.37
CA HIS A 98 4.68 23.60 -14.74
C HIS A 98 5.53 24.86 -14.81
N GLY A 99 5.48 25.69 -13.77
CA GLY A 99 6.29 26.89 -13.74
C GLY A 99 7.74 26.48 -13.56
N LEU A 100 7.97 25.49 -12.70
CA LEU A 100 9.31 24.97 -12.45
C LEU A 100 9.82 24.29 -13.72
N ALA A 101 8.95 23.53 -14.37
CA ALA A 101 9.31 22.84 -15.60
C ALA A 101 9.80 23.86 -16.64
N LEU A 102 9.06 24.95 -16.78
CA LEU A 102 9.43 25.99 -17.73
C LEU A 102 10.77 26.62 -17.39
N ALA A 103 10.93 27.02 -16.12
CA ALA A 103 12.16 27.65 -15.66
C ALA A 103 13.35 26.71 -15.79
N LEU A 104 13.08 25.41 -15.67
CA LEU A 104 14.12 24.39 -15.78
C LEU A 104 14.65 24.30 -17.21
N GLY A 105 13.84 24.69 -18.18
CA GLY A 105 14.28 24.65 -19.56
C GLY A 105 13.52 23.70 -20.47
N ILE A 106 12.49 23.04 -19.96
CA ILE A 106 11.71 22.14 -20.80
C ILE A 106 11.00 22.96 -21.88
N PRO A 107 11.18 22.59 -23.16
CA PRO A 107 10.55 23.32 -24.28
C PRO A 107 9.04 23.42 -24.11
N LEU A 108 8.50 24.62 -24.37
CA LEU A 108 7.06 24.82 -24.27
C LEU A 108 6.34 23.84 -25.17
N LYS A 109 6.98 23.50 -26.29
CA LYS A 109 6.42 22.55 -27.25
C LYS A 109 6.09 21.23 -26.55
N GLU A 110 7.00 20.79 -25.68
CA GLU A 110 6.82 19.55 -24.94
C GLU A 110 5.79 19.69 -23.82
N LEU A 111 5.84 20.81 -23.10
CA LEU A 111 4.89 21.05 -22.02
C LEU A 111 3.46 21.13 -22.54
N LEU A 112 3.27 21.91 -23.60
CA LEU A 112 1.97 22.09 -24.20
C LEU A 112 1.56 20.83 -24.97
N GLY A 113 2.56 20.14 -25.52
CA GLY A 113 2.26 18.92 -26.24
C GLY A 113 1.65 17.91 -25.28
N GLN A 114 2.12 17.92 -24.04
CA GLN A 114 1.60 17.01 -23.03
C GLN A 114 0.22 17.45 -22.60
N MET A 115 0.01 18.77 -22.50
CA MET A 115 -1.30 19.30 -22.13
C MET A 115 -2.36 18.97 -23.18
N LEU A 116 -1.94 18.94 -24.44
CA LEU A 116 -2.83 18.66 -25.57
C LEU A 116 -2.80 17.22 -26.04
N ALA A 117 -1.88 16.43 -25.49
CA ALA A 117 -1.75 15.03 -25.85
C ALA A 117 -1.47 14.83 -27.34
N THR A 118 -0.54 15.62 -27.89
CA THR A 118 -0.18 15.50 -29.30
C THR A 118 1.16 14.78 -29.36
N LYS A 119 1.63 14.48 -30.57
CA LYS A 119 2.91 13.78 -30.70
C LYS A 119 4.07 14.65 -30.22
N ALA A 120 3.80 15.90 -29.89
CA ALA A 120 4.85 16.80 -29.39
C ALA A 120 5.19 16.39 -27.96
N ASP A 121 4.30 15.63 -27.32
CA ASP A 121 4.53 15.17 -25.95
C ASP A 121 5.50 13.99 -25.94
N PRO A 122 6.68 14.16 -25.32
CA PRO A 122 7.63 13.05 -25.28
C PRO A 122 7.08 11.90 -24.44
N ASN A 123 6.04 12.20 -23.66
CA ASN A 123 5.40 11.20 -22.82
C ASN A 123 4.27 10.54 -23.61
N LYS A 124 4.21 10.89 -24.90
CA LYS A 124 3.24 10.30 -25.83
C LYS A 124 1.75 10.35 -25.47
N GLY A 125 1.32 11.41 -24.82
CA GLY A 125 -0.09 11.53 -24.46
C GLY A 125 -0.62 10.38 -23.64
N ARG A 126 0.25 9.75 -22.88
CA ARG A 126 -0.13 8.61 -22.05
C ARG A 126 -0.98 9.00 -20.84
N GLN A 127 -0.75 10.18 -20.28
CA GLN A 127 -1.50 10.61 -19.10
C GLN A 127 -2.30 11.87 -19.35
N MET A 128 -3.13 12.23 -18.38
CA MET A 128 -3.94 13.44 -18.50
C MET A 128 -3.04 14.66 -18.34
N PRO A 129 -3.53 15.85 -18.69
CA PRO A 129 -2.76 17.09 -18.58
C PRO A 129 -2.10 17.30 -17.22
N GLU A 130 -1.07 18.14 -17.21
CA GLU A 130 -0.32 18.46 -16.00
C GLU A 130 0.53 17.27 -15.52
N HIS A 131 0.97 16.44 -16.46
CA HIS A 131 1.84 15.31 -16.15
C HIS A 131 3.06 15.34 -17.06
N PRO A 132 3.81 16.45 -17.06
CA PRO A 132 5.01 16.55 -17.90
C PRO A 132 6.13 15.67 -17.38
N GLY A 133 7.16 15.50 -18.20
CA GLY A 133 8.30 14.67 -17.83
C GLY A 133 9.32 14.76 -18.95
N SER A 134 10.60 14.86 -18.57
CA SER A 134 11.66 14.98 -19.56
C SER A 134 12.93 14.24 -19.17
N LYS A 135 13.37 13.35 -20.04
CA LYS A 135 14.60 12.60 -19.81
C LYS A 135 15.77 13.58 -19.92
N ALA A 136 15.74 14.43 -20.93
CA ALA A 136 16.79 15.40 -21.17
C ALA A 136 17.11 16.28 -19.96
N LEU A 137 16.08 16.74 -19.26
CA LEU A 137 16.28 17.59 -18.10
C LEU A 137 16.05 16.89 -16.75
N ASN A 138 16.14 15.56 -16.75
CA ASN A 138 15.97 14.77 -15.53
C ASN A 138 14.75 15.20 -14.72
N PHE A 139 13.63 15.41 -15.42
CA PHE A 139 12.37 15.83 -14.81
C PHE A 139 11.52 14.55 -14.79
N PHE A 140 11.60 13.81 -13.68
CA PHE A 140 10.88 12.55 -13.51
C PHE A 140 9.38 12.71 -13.79
N THR A 141 8.90 12.03 -14.83
CA THR A 141 7.49 12.14 -15.21
C THR A 141 6.52 12.07 -14.03
N VAL A 142 5.71 13.11 -13.91
CA VAL A 142 4.72 13.22 -12.86
C VAL A 142 3.81 11.99 -12.81
N ALA A 143 3.53 11.53 -11.59
CA ALA A 143 2.66 10.38 -11.36
C ALA A 143 1.46 10.93 -10.58
N SER A 144 0.29 10.33 -10.77
CA SER A 144 -0.91 10.81 -10.11
C SER A 144 -1.04 10.60 -8.59
N PRO A 145 -0.72 9.40 -8.10
CA PRO A 145 -0.86 9.24 -6.64
C PRO A 145 0.01 10.20 -5.83
N ILE A 146 -0.65 10.96 -4.97
CA ILE A 146 0.00 11.94 -4.11
C ILE A 146 1.18 11.35 -3.33
N ALA A 147 2.32 12.03 -3.44
CA ALA A 147 3.55 11.64 -2.76
C ALA A 147 4.22 10.34 -3.21
N SER A 148 3.68 9.69 -4.23
CA SER A 148 4.28 8.43 -4.69
C SER A 148 5.69 8.63 -5.26
N HIS A 149 6.02 9.88 -5.60
CA HIS A 149 7.32 10.19 -6.17
C HIS A 149 8.39 10.44 -5.10
N VAL A 150 8.01 10.45 -3.83
CA VAL A 150 8.96 10.72 -2.76
C VAL A 150 9.96 9.57 -2.57
N PRO A 151 9.48 8.32 -2.46
CA PRO A 151 10.43 7.22 -2.29
C PRO A 151 11.39 7.13 -3.48
N PRO A 152 10.88 7.30 -4.72
CA PRO A 152 11.78 7.23 -5.87
C PRO A 152 12.86 8.31 -5.83
N ALA A 153 12.49 9.51 -5.38
CA ALA A 153 13.45 10.61 -5.29
C ALA A 153 14.60 10.18 -4.37
N ALA A 154 14.24 9.57 -3.24
CA ALA A 154 15.23 9.10 -2.29
C ALA A 154 16.13 8.05 -2.93
N GLY A 155 15.54 7.16 -3.71
CA GLY A 155 16.31 6.12 -4.37
C GLY A 155 17.28 6.70 -5.38
N ALA A 156 16.82 7.65 -6.18
CA ALA A 156 17.68 8.28 -7.18
C ALA A 156 18.87 8.94 -6.48
N ALA A 157 18.60 9.59 -5.35
CA ALA A 157 19.65 10.26 -4.59
C ALA A 157 20.66 9.25 -4.05
N ILE A 158 20.18 8.10 -3.58
CA ILE A 158 21.08 7.06 -3.07
C ILE A 158 21.97 6.57 -4.21
N SER A 159 21.40 6.46 -5.41
CA SER A 159 22.15 6.03 -6.57
C SER A 159 23.25 7.06 -6.87
N MET A 160 22.88 8.34 -6.80
CA MET A 160 23.84 9.43 -7.04
C MET A 160 25.00 9.35 -6.05
N LYS A 161 24.68 9.03 -4.81
CA LYS A 161 25.71 8.93 -3.78
C LYS A 161 26.65 7.76 -4.07
N LEU A 162 26.06 6.59 -4.30
CA LEU A 162 26.84 5.39 -4.57
C LEU A 162 27.70 5.49 -5.83
N LEU A 163 27.16 6.10 -6.88
CA LEU A 163 27.89 6.25 -8.13
C LEU A 163 28.82 7.47 -8.17
N ARG A 164 28.80 8.25 -7.08
CA ARG A 164 29.63 9.44 -6.96
C ARG A 164 29.51 10.40 -8.14
N THR A 165 28.28 10.68 -8.56
CA THR A 165 28.04 11.58 -9.68
C THR A 165 28.09 13.05 -9.27
N GLY A 166 27.91 13.31 -7.99
CA GLY A 166 27.92 14.69 -7.52
C GLY A 166 26.58 15.38 -7.77
N GLN A 167 25.59 14.59 -8.19
CA GLN A 167 24.26 15.12 -8.46
C GLN A 167 23.45 15.19 -7.19
N VAL A 168 22.33 15.90 -7.26
CA VAL A 168 21.40 16.05 -6.17
C VAL A 168 20.01 15.84 -6.76
N ALA A 169 19.09 15.30 -5.96
CA ALA A 169 17.72 15.11 -6.41
C ALA A 169 16.81 15.99 -5.56
N VAL A 170 16.04 16.86 -6.22
CA VAL A 170 15.12 17.70 -5.48
C VAL A 170 13.72 17.14 -5.70
N CYS A 171 12.94 17.13 -4.63
CA CYS A 171 11.60 16.56 -4.68
C CYS A 171 10.58 17.57 -4.15
N THR A 172 9.63 17.96 -4.99
CA THR A 172 8.61 18.93 -4.61
C THR A 172 7.23 18.28 -4.43
N PHE A 173 6.44 18.85 -3.53
CA PHE A 173 5.12 18.35 -3.23
C PHE A 173 4.34 19.42 -2.47
N GLY A 174 3.02 19.25 -2.38
CA GLY A 174 2.20 20.21 -1.67
C GLY A 174 2.07 19.84 -0.20
N ASP A 175 1.29 20.61 0.55
CA ASP A 175 1.10 20.34 1.98
C ASP A 175 0.32 19.05 2.22
N GLY A 176 -0.67 18.77 1.37
CA GLY A 176 -1.45 17.56 1.52
C GLY A 176 -0.60 16.31 1.43
N ALA A 177 0.38 16.34 0.54
CA ALA A 177 1.27 15.21 0.33
C ALA A 177 2.00 14.77 1.59
N THR A 178 2.25 15.70 2.50
CA THR A 178 2.98 15.38 3.72
C THR A 178 2.24 14.43 4.68
N SER A 179 0.96 14.17 4.40
CA SER A 179 0.17 13.27 5.24
C SER A 179 0.21 11.81 4.80
N GLU A 180 0.72 11.56 3.60
CA GLU A 180 0.82 10.20 3.06
C GLU A 180 1.94 9.41 3.70
N GLY A 181 1.71 8.13 3.96
CA GLY A 181 2.74 7.30 4.56
C GLY A 181 4.01 7.23 3.72
N ASP A 182 3.86 7.14 2.40
CA ASP A 182 5.03 7.06 1.53
C ASP A 182 5.90 8.31 1.59
N TRP A 183 5.29 9.44 1.91
CA TRP A 183 6.04 10.68 2.03
C TRP A 183 7.05 10.47 3.17
N TYR A 184 6.53 10.07 4.32
CA TYR A 184 7.34 9.82 5.51
C TYR A 184 8.36 8.70 5.31
N ALA A 185 7.89 7.57 4.76
CA ALA A 185 8.76 6.42 4.56
C ALA A 185 9.93 6.71 3.64
N GLY A 186 9.68 7.46 2.57
CA GLY A 186 10.73 7.79 1.63
C GLY A 186 11.77 8.72 2.21
N ILE A 187 11.34 9.80 2.87
CA ILE A 187 12.28 10.73 3.44
C ILE A 187 13.10 10.08 4.56
N ASN A 188 12.47 9.19 5.31
CA ASN A 188 13.16 8.51 6.40
C ASN A 188 14.34 7.69 5.85
N PHE A 189 14.12 6.98 4.74
CA PHE A 189 15.19 6.18 4.15
C PHE A 189 16.31 7.08 3.64
N ALA A 190 15.95 8.17 2.96
CA ALA A 190 16.93 9.11 2.44
C ALA A 190 17.79 9.67 3.56
N ALA A 191 17.16 9.98 4.69
CA ALA A 191 17.86 10.56 5.83
C ALA A 191 18.85 9.56 6.44
N VAL A 192 18.39 8.32 6.60
CA VAL A 192 19.23 7.27 7.17
C VAL A 192 20.46 7.02 6.30
N GLN A 193 20.29 7.13 4.99
CA GLN A 193 21.40 6.91 4.07
C GLN A 193 22.20 8.18 3.80
N GLY A 194 21.78 9.30 4.40
CA GLY A 194 22.48 10.54 4.17
C GLY A 194 22.54 10.82 2.67
N ALA A 195 21.46 10.50 1.98
CA ALA A 195 21.38 10.69 0.54
C ALA A 195 21.24 12.16 0.13
N PRO A 196 21.80 12.53 -1.04
CA PRO A 196 21.74 13.90 -1.56
C PRO A 196 20.37 14.23 -2.15
N ALA A 197 19.38 14.38 -1.27
CA ALA A 197 18.02 14.70 -1.69
C ALA A 197 17.49 15.89 -0.89
N VAL A 198 16.81 16.79 -1.58
CA VAL A 198 16.22 17.97 -0.94
C VAL A 198 14.71 17.87 -1.13
N PHE A 199 13.98 17.74 -0.01
CA PHE A 199 12.52 17.64 -0.06
C PHE A 199 11.94 19.02 0.19
N ILE A 200 11.18 19.50 -0.79
CA ILE A 200 10.61 20.84 -0.74
C ILE A 200 9.09 20.86 -0.79
N ALA A 201 8.48 21.48 0.21
CA ALA A 201 7.04 21.59 0.26
C ALA A 201 6.58 22.94 -0.27
N GLU A 202 5.65 22.91 -1.21
CA GLU A 202 5.07 24.13 -1.74
C GLU A 202 3.75 24.19 -0.97
N ASN A 203 3.82 24.72 0.24
CA ASN A 203 2.67 24.80 1.12
C ASN A 203 1.72 25.96 0.83
N ASN A 204 0.56 25.65 0.27
CA ASN A 204 -0.43 26.69 -0.02
C ASN A 204 -1.59 26.61 0.98
N PHE A 205 -1.38 25.86 2.06
CA PHE A 205 -2.37 25.72 3.14
C PHE A 205 -3.67 24.98 2.80
N TYR A 206 -3.72 24.35 1.63
CA TYR A 206 -4.91 23.61 1.21
C TYR A 206 -4.55 22.38 0.38
N ALA A 207 -5.38 21.35 0.50
CA ALA A 207 -5.23 20.10 -0.26
C ALA A 207 -6.62 20.00 -0.86
N ILE A 208 -6.81 20.70 -1.98
CA ILE A 208 -8.09 20.83 -2.66
C ILE A 208 -8.93 21.70 -1.72
N SER A 209 -9.79 21.08 -0.91
CA SER A 209 -10.62 21.85 0.02
C SER A 209 -10.23 21.68 1.48
N VAL A 210 -9.43 20.66 1.79
CA VAL A 210 -9.00 20.41 3.16
C VAL A 210 -7.90 21.39 3.58
N ASP A 211 -8.17 22.23 4.57
CA ASP A 211 -7.17 23.19 5.01
C ASP A 211 -6.06 22.57 5.86
N TYR A 212 -4.97 23.31 6.01
CA TYR A 212 -3.82 22.84 6.76
C TYR A 212 -4.15 22.30 8.15
N ARG A 213 -5.05 23.00 8.86
CA ARG A 213 -5.43 22.59 10.21
C ARG A 213 -6.01 21.18 10.27
N HIS A 214 -6.75 20.79 9.24
CA HIS A 214 -7.35 19.46 9.21
C HIS A 214 -6.44 18.47 8.48
N GLN A 215 -5.29 18.96 8.04
CA GLN A 215 -4.32 18.14 7.32
C GLN A 215 -3.31 17.50 8.27
N THR A 216 -2.80 18.28 9.20
CA THR A 216 -1.82 17.77 10.15
C THR A 216 -1.84 18.64 11.41
N HIS A 217 -1.37 18.07 12.52
CA HIS A 217 -1.37 18.79 13.79
C HIS A 217 -0.05 19.51 14.09
N SER A 218 1.01 19.24 13.33
CA SER A 218 2.27 19.94 13.57
C SER A 218 2.07 21.39 13.10
N PRO A 219 2.53 22.35 13.91
CA PRO A 219 2.37 23.76 13.52
C PRO A 219 2.88 24.09 12.13
N THR A 220 3.97 23.43 11.71
CA THR A 220 4.51 23.66 10.38
C THR A 220 4.95 22.34 9.75
N ILE A 221 5.28 22.39 8.47
CA ILE A 221 5.74 21.20 7.78
C ILE A 221 7.24 21.06 8.10
N ALA A 222 7.89 22.20 8.29
CA ALA A 222 9.32 22.20 8.63
C ALA A 222 9.58 21.38 9.89
N ASP A 223 8.68 21.49 10.87
CA ASP A 223 8.84 20.77 12.13
C ASP A 223 8.91 19.26 11.95
N LYS A 224 8.32 18.76 10.87
CA LYS A 224 8.33 17.32 10.60
C LYS A 224 9.76 16.79 10.40
N ALA A 225 10.67 17.67 10.03
CA ALA A 225 12.07 17.27 9.82
C ALA A 225 12.65 16.62 11.07
N HIS A 226 12.13 16.98 12.23
CA HIS A 226 12.59 16.42 13.50
C HIS A 226 12.41 14.90 13.54
N ALA A 227 11.42 14.41 12.80
CA ALA A 227 11.14 12.98 12.77
C ALA A 227 12.18 12.20 11.98
N PHE A 228 13.05 12.91 11.25
CA PHE A 228 14.09 12.28 10.44
C PHE A 228 15.49 12.66 10.91
N GLY A 229 15.58 13.61 11.83
CA GLY A 229 16.88 14.04 12.28
C GLY A 229 17.60 14.86 11.23
N ILE A 230 16.84 15.54 10.37
CA ILE A 230 17.45 16.36 9.33
C ILE A 230 17.02 17.81 9.54
N PRO A 231 17.73 18.76 8.92
CA PRO A 231 17.35 20.16 9.12
C PRO A 231 16.03 20.52 8.42
N GLY A 232 15.22 21.33 9.10
CA GLY A 232 13.96 21.77 8.55
C GLY A 232 13.96 23.29 8.46
N TYR A 233 13.47 23.83 7.35
CA TYR A 233 13.45 25.27 7.16
C TYR A 233 12.06 25.81 6.82
N LEU A 234 11.69 26.91 7.46
CA LEU A 234 10.41 27.57 7.20
C LEU A 234 10.77 28.83 6.42
N VAL A 235 10.27 28.93 5.20
CA VAL A 235 10.62 30.04 4.32
C VAL A 235 9.42 30.76 3.70
N ASP A 236 9.60 32.05 3.42
CA ASP A 236 8.56 32.85 2.77
C ASP A 236 8.64 32.48 1.30
N GLY A 237 7.75 31.59 0.87
CA GLY A 237 7.74 31.14 -0.51
C GLY A 237 7.33 32.18 -1.54
N MET A 238 6.97 33.37 -1.10
CA MET A 238 6.60 34.45 -2.03
C MET A 238 7.81 35.34 -2.24
N ASP A 239 8.92 34.95 -1.60
CA ASP A 239 10.19 35.68 -1.68
C ASP A 239 11.11 34.81 -2.53
N VAL A 240 11.29 35.18 -3.79
CA VAL A 240 12.14 34.39 -4.69
C VAL A 240 13.58 34.26 -4.21
N LEU A 241 14.11 35.29 -3.56
CA LEU A 241 15.49 35.23 -3.08
C LEU A 241 15.62 34.33 -1.85
N ALA A 242 14.66 34.41 -0.94
CA ALA A 242 14.70 33.57 0.26
C ALA A 242 14.57 32.12 -0.18
N SER A 243 13.66 31.88 -1.12
CA SER A 243 13.45 30.52 -1.62
C SER A 243 14.70 30.01 -2.31
N TYR A 244 15.29 30.83 -3.17
CA TYR A 244 16.49 30.46 -3.90
C TYR A 244 17.65 30.10 -2.97
N TYR A 245 18.02 31.03 -2.10
CA TYR A 245 19.14 30.82 -1.19
C TYR A 245 18.97 29.68 -0.19
N VAL A 246 17.79 29.52 0.38
CA VAL A 246 17.59 28.43 1.34
C VAL A 246 17.67 27.08 0.61
N VAL A 247 17.01 26.98 -0.54
CA VAL A 247 17.02 25.73 -1.30
C VAL A 247 18.45 25.45 -1.78
N LYS A 248 19.11 26.49 -2.27
CA LYS A 248 20.48 26.37 -2.75
C LYS A 248 21.40 25.86 -1.65
N GLU A 249 21.24 26.37 -0.44
CA GLU A 249 22.05 25.93 0.67
C GLU A 249 21.81 24.45 0.95
N ALA A 250 20.54 24.04 0.91
CA ALA A 250 20.18 22.64 1.14
C ALA A 250 20.79 21.77 0.04
N VAL A 251 20.80 22.29 -1.19
CA VAL A 251 21.36 21.56 -2.33
C VAL A 251 22.86 21.35 -2.15
N GLU A 252 23.56 22.42 -1.73
CA GLU A 252 25.00 22.34 -1.52
C GLU A 252 25.32 21.39 -0.38
N ARG A 253 24.47 21.40 0.65
CA ARG A 253 24.66 20.52 1.79
C ARG A 253 24.58 19.07 1.32
N ALA A 254 23.59 18.78 0.49
CA ALA A 254 23.39 17.44 -0.05
C ALA A 254 24.56 17.05 -0.94
N ARG A 255 24.99 17.99 -1.77
CA ARG A 255 26.08 17.75 -2.69
C ARG A 255 27.40 17.44 -1.96
N ARG A 256 27.60 18.02 -0.78
CA ARG A 256 28.83 17.72 -0.06
C ARG A 256 28.70 16.48 0.81
N GLY A 257 27.59 15.77 0.67
CA GLY A 257 27.38 14.54 1.42
C GLY A 257 26.85 14.65 2.84
N GLU A 258 26.22 15.78 3.16
CA GLU A 258 25.68 15.97 4.51
C GLU A 258 24.24 15.49 4.69
N GLY A 259 23.69 14.86 3.66
CA GLY A 259 22.33 14.36 3.76
C GLY A 259 21.23 15.32 3.34
N PRO A 260 19.96 14.86 3.38
CA PRO A 260 18.81 15.67 2.99
C PRO A 260 18.37 16.78 3.94
N SER A 261 17.44 17.59 3.45
CA SER A 261 16.86 18.70 4.20
C SER A 261 15.38 18.76 3.80
N LEU A 262 14.58 19.37 4.65
CA LEU A 262 13.16 19.56 4.37
C LEU A 262 12.95 21.06 4.36
N VAL A 263 12.59 21.61 3.21
CA VAL A 263 12.37 23.04 3.07
C VAL A 263 10.90 23.35 2.83
N GLU A 264 10.31 24.15 3.70
CA GLU A 264 8.90 24.52 3.56
C GLU A 264 8.81 25.91 2.96
N LEU A 265 8.24 26.01 1.76
CA LEU A 265 8.08 27.29 1.09
C LEU A 265 6.62 27.67 1.15
N ARG A 266 6.29 28.62 2.02
CA ARG A 266 4.91 29.06 2.17
C ARG A 266 4.51 29.95 1.01
N VAL A 267 3.54 29.48 0.25
CA VAL A 267 3.04 30.23 -0.90
C VAL A 267 1.53 30.25 -0.80
N TYR A 268 0.88 30.69 -1.87
CA TYR A 268 -0.57 30.72 -1.89
C TYR A 268 -1.04 30.36 -3.29
N ARG A 269 -2.11 29.57 -3.35
CA ARG A 269 -2.69 29.15 -4.62
C ARG A 269 -3.77 30.16 -4.98
N TYR A 270 -3.46 31.10 -5.86
CA TYR A 270 -4.45 32.11 -6.24
C TYR A 270 -5.65 31.53 -6.99
N GLY A 271 -5.40 30.56 -7.87
CA GLY A 271 -6.49 29.96 -8.60
C GLY A 271 -7.14 28.83 -7.84
N PRO A 272 -8.15 28.17 -8.40
CA PRO A 272 -8.79 27.07 -7.68
C PRO A 272 -7.84 25.88 -7.67
N HIS A 273 -8.21 24.81 -6.96
CA HIS A 273 -7.35 23.64 -6.92
C HIS A 273 -7.03 23.20 -8.36
N SER A 274 -8.08 23.15 -9.18
CA SER A 274 -7.93 22.74 -10.58
C SER A 274 -9.17 23.16 -11.37
N SER A 275 -9.10 23.01 -12.70
CA SER A 275 -10.22 23.37 -13.56
C SER A 275 -11.45 22.54 -13.22
N ALA A 276 -11.24 21.44 -12.52
CA ALA A 276 -12.33 20.56 -12.11
C ALA A 276 -12.86 20.95 -10.75
N ASP A 277 -12.24 21.96 -10.13
CA ASP A 277 -12.63 22.43 -8.80
C ASP A 277 -13.20 23.86 -8.84
N ASP A 278 -13.53 24.38 -7.66
CA ASP A 278 -14.07 25.74 -7.52
C ASP A 278 -13.58 26.35 -6.19
N ASP A 279 -12.53 27.17 -6.28
CA ASP A 279 -11.93 27.82 -5.11
C ASP A 279 -12.92 28.56 -4.22
N SER A 280 -13.70 29.46 -4.81
CA SER A 280 -14.67 30.25 -4.07
C SER A 280 -15.74 29.38 -3.41
N ARG A 281 -15.43 28.10 -3.21
CA ARG A 281 -16.36 27.17 -2.60
C ARG A 281 -15.91 26.72 -1.20
N TYR A 282 -14.87 27.37 -0.67
CA TYR A 282 -14.37 27.00 0.65
C TYR A 282 -13.29 27.93 1.21
N ARG A 283 -13.02 29.03 0.51
CA ARG A 283 -12.02 29.99 0.98
C ARG A 283 -12.58 31.40 1.06
N PRO A 284 -12.32 32.10 2.19
CA PRO A 284 -12.81 33.46 2.37
C PRO A 284 -12.10 34.43 1.44
N LYS A 285 -12.87 35.18 0.65
CA LYS A 285 -12.31 36.15 -0.29
C LYS A 285 -11.35 37.08 0.44
N GLU A 286 -11.48 37.11 1.77
CA GLU A 286 -10.65 37.95 2.63
C GLU A 286 -9.23 37.40 2.72
N GLU A 287 -9.12 36.08 2.78
CA GLU A 287 -7.81 35.42 2.86
C GLU A 287 -7.11 35.50 1.51
N VAL A 288 -7.88 35.28 0.45
CA VAL A 288 -7.34 35.33 -0.91
C VAL A 288 -6.81 36.72 -1.22
N ALA A 289 -7.53 37.75 -0.78
CA ALA A 289 -7.13 39.13 -1.01
C ALA A 289 -5.83 39.43 -0.27
N PHE A 290 -5.76 39.00 0.99
CA PHE A 290 -4.56 39.21 1.80
C PHE A 290 -3.33 38.67 1.09
N TRP A 291 -3.43 37.44 0.59
CA TRP A 291 -2.30 36.83 -0.09
C TRP A 291 -2.08 37.39 -1.50
N ARG A 292 -3.11 38.01 -2.06
CA ARG A 292 -2.98 38.60 -3.38
C ARG A 292 -2.02 39.78 -3.31
N LYS A 293 -2.02 40.46 -2.17
CA LYS A 293 -1.13 41.60 -1.95
C LYS A 293 0.30 41.10 -1.79
N LYS A 294 0.46 39.79 -1.64
CA LYS A 294 1.76 39.19 -1.46
C LYS A 294 2.33 38.56 -2.73
N ASP A 295 1.72 38.88 -3.87
CA ASP A 295 2.17 38.36 -5.16
C ASP A 295 3.69 38.49 -5.23
N PRO A 296 4.39 37.38 -5.49
CA PRO A 296 5.85 37.38 -5.59
C PRO A 296 6.43 38.20 -6.74
N ILE A 297 5.64 38.41 -7.79
CA ILE A 297 6.12 39.15 -8.94
C ILE A 297 6.32 40.65 -8.64
N PRO A 298 5.28 41.33 -8.16
CA PRO A 298 5.43 42.77 -7.86
C PRO A 298 6.44 43.00 -6.75
N ARG A 299 6.55 42.04 -5.85
CA ARG A 299 7.47 42.15 -4.73
C ARG A 299 8.93 42.14 -5.19
N PHE A 300 9.26 41.25 -6.12
CA PHE A 300 10.63 41.19 -6.62
C PHE A 300 10.87 42.36 -7.56
N ARG A 301 9.83 42.78 -8.26
CA ARG A 301 9.96 43.91 -9.17
C ARG A 301 10.47 45.11 -8.40
N ARG A 302 9.88 45.38 -7.24
CA ARG A 302 10.28 46.50 -6.40
C ARG A 302 11.73 46.37 -5.98
N PHE A 303 12.17 45.15 -5.72
CA PHE A 303 13.54 44.89 -5.32
C PHE A 303 14.51 45.23 -6.45
N LEU A 304 14.14 44.88 -7.67
CA LEU A 304 14.98 45.17 -8.84
C LEU A 304 14.94 46.66 -9.13
N GLU A 305 13.76 47.24 -9.02
CA GLU A 305 13.57 48.66 -9.28
C GLU A 305 14.43 49.51 -8.36
N ALA A 306 14.51 49.12 -7.09
CA ALA A 306 15.31 49.85 -6.11
C ALA A 306 16.80 49.74 -6.40
N ARG A 307 17.17 48.93 -7.39
CA ARG A 307 18.57 48.75 -7.74
C ARG A 307 18.86 49.08 -9.21
N GLY A 308 17.96 49.81 -9.84
CA GLY A 308 18.14 50.18 -11.24
C GLY A 308 18.19 48.98 -12.17
N LEU A 309 17.55 47.89 -11.77
CA LEU A 309 17.52 46.67 -12.56
C LEU A 309 16.17 46.39 -13.21
N TRP A 310 15.28 47.37 -13.16
CA TRP A 310 13.95 47.22 -13.75
C TRP A 310 13.35 48.56 -14.17
N ASN A 311 12.61 48.53 -15.27
CA ASN A 311 11.91 49.72 -15.78
C ASN A 311 10.77 49.22 -16.66
N GLU A 312 9.75 50.05 -16.84
CA GLU A 312 8.59 49.67 -17.65
C GLU A 312 8.91 49.18 -19.05
N GLU A 313 9.86 49.84 -19.72
CA GLU A 313 10.23 49.45 -21.07
C GLU A 313 10.70 48.00 -21.13
N TRP A 314 11.61 47.65 -20.22
CA TRP A 314 12.13 46.28 -20.17
C TRP A 314 10.99 45.32 -19.89
N GLU A 315 10.16 45.69 -18.92
CA GLU A 315 9.00 44.89 -18.53
C GLU A 315 8.18 44.50 -19.76
N GLU A 316 7.76 45.51 -20.52
CA GLU A 316 6.96 45.27 -21.72
C GLU A 316 7.73 44.43 -22.74
N ASP A 317 9.03 44.70 -22.87
CA ASP A 317 9.89 43.97 -23.79
C ASP A 317 9.91 42.48 -23.46
N VAL A 318 10.04 42.17 -22.17
CA VAL A 318 10.08 40.78 -21.73
C VAL A 318 8.74 40.08 -21.95
N ARG A 319 7.65 40.77 -21.63
CA ARG A 319 6.32 40.19 -21.79
C ARG A 319 6.00 39.87 -23.24
N GLU A 320 6.38 40.76 -24.16
CA GLU A 320 6.11 40.51 -25.57
C GLU A 320 6.92 39.33 -26.07
N GLU A 321 8.15 39.18 -25.57
CA GLU A 321 9.00 38.07 -25.96
C GLU A 321 8.41 36.76 -25.44
N ILE A 322 7.86 36.80 -24.23
CA ILE A 322 7.27 35.63 -23.62
C ILE A 322 6.00 35.21 -24.37
N ARG A 323 5.13 36.16 -24.69
CA ARG A 323 3.90 35.81 -25.39
C ARG A 323 4.18 35.25 -26.77
N ALA A 324 5.29 35.67 -27.38
CA ALA A 324 5.66 35.16 -28.70
C ALA A 324 6.13 33.72 -28.53
N GLU A 325 6.86 33.46 -27.46
CA GLU A 325 7.36 32.11 -27.18
C GLU A 325 6.18 31.18 -26.93
N LEU A 326 5.17 31.68 -26.21
CA LEU A 326 3.98 30.89 -25.92
C LEU A 326 3.25 30.55 -27.21
N GLU A 327 3.05 31.56 -28.06
CA GLU A 327 2.36 31.35 -29.33
C GLU A 327 3.10 30.33 -30.19
N ARG A 328 4.41 30.49 -30.29
CA ARG A 328 5.23 29.58 -31.07
C ARG A 328 5.21 28.17 -30.45
N GLY A 329 5.24 28.12 -29.12
CA GLY A 329 5.21 26.84 -28.44
C GLY A 329 3.90 26.10 -28.68
N LEU A 330 2.78 26.82 -28.59
CA LEU A 330 1.48 26.22 -28.81
C LEU A 330 1.34 25.76 -30.26
N LYS A 331 1.83 26.58 -31.19
CA LYS A 331 1.76 26.26 -32.61
C LYS A 331 2.49 24.93 -32.90
N GLU A 332 3.71 24.80 -32.38
CA GLU A 332 4.49 23.59 -32.58
C GLU A 332 3.78 22.38 -31.99
N ALA A 333 3.26 22.53 -30.77
CA ALA A 333 2.57 21.43 -30.10
C ALA A 333 1.37 20.94 -30.90
N GLU A 334 0.56 21.87 -31.38
CA GLU A 334 -0.63 21.54 -32.16
C GLU A 334 -0.34 20.90 -33.51
N GLU A 335 0.62 21.47 -34.25
CA GLU A 335 0.94 20.93 -35.57
C GLU A 335 1.58 19.54 -35.51
N ALA A 336 1.98 19.12 -34.31
CA ALA A 336 2.60 17.81 -34.14
C ALA A 336 1.65 16.67 -34.55
N GLY A 337 0.35 16.89 -34.37
CA GLY A 337 -0.62 15.87 -34.73
C GLY A 337 -0.98 14.93 -33.60
N PRO A 338 -2.12 14.23 -33.70
CA PRO A 338 -2.60 13.29 -32.69
C PRO A 338 -1.68 12.08 -32.55
N VAL A 339 -1.67 11.47 -31.37
CA VAL A 339 -0.85 10.29 -31.16
C VAL A 339 -1.60 9.10 -31.74
N PRO A 340 -0.90 8.22 -32.45
CA PRO A 340 -1.53 7.04 -33.06
C PRO A 340 -2.21 6.14 -32.04
N PRO A 341 -3.31 5.49 -32.44
CA PRO A 341 -4.04 4.59 -31.54
C PRO A 341 -3.16 3.43 -31.09
N GLU A 342 -2.31 2.95 -31.99
CA GLU A 342 -1.42 1.83 -31.70
C GLU A 342 -0.45 2.10 -30.54
N TRP A 343 -0.07 3.37 -30.35
CA TRP A 343 0.86 3.73 -29.28
C TRP A 343 0.36 3.30 -27.90
N MET A 344 -0.92 2.97 -27.81
CA MET A 344 -1.53 2.53 -26.56
C MET A 344 -0.87 1.23 -26.09
N PHE A 345 -0.27 0.48 -27.01
CA PHE A 345 0.37 -0.79 -26.67
C PHE A 345 1.89 -0.70 -26.57
N GLU A 346 2.44 0.48 -26.84
CA GLU A 346 3.88 0.68 -26.78
C GLU A 346 4.33 1.12 -25.39
N ASP A 347 5.56 0.74 -25.05
CA ASP A 347 6.18 1.11 -23.78
C ASP A 347 5.65 0.51 -22.49
N VAL A 348 4.80 -0.52 -22.59
CA VAL A 348 4.31 -1.18 -21.40
C VAL A 348 5.56 -1.92 -20.90
N PHE A 349 6.24 -2.56 -21.84
CA PHE A 349 7.48 -3.29 -21.59
C PHE A 349 8.41 -2.78 -22.70
N ALA A 350 9.70 -3.13 -22.64
CA ALA A 350 10.63 -2.71 -23.68
C ALA A 350 10.09 -3.20 -25.03
N GLU A 351 9.64 -4.45 -25.04
CA GLU A 351 9.08 -5.08 -26.25
C GLU A 351 7.70 -5.66 -25.95
N LYS A 352 6.81 -5.63 -26.94
CA LYS A 352 5.46 -6.15 -26.77
C LYS A 352 5.39 -7.67 -26.71
N PRO A 353 4.86 -8.22 -25.60
CA PRO A 353 4.75 -9.68 -25.44
C PRO A 353 3.62 -10.21 -26.33
N TRP A 354 3.48 -11.53 -26.39
CA TRP A 354 2.45 -12.13 -27.22
C TRP A 354 1.05 -11.58 -26.98
N HIS A 355 0.65 -11.45 -25.71
CA HIS A 355 -0.68 -10.96 -25.41
C HIS A 355 -0.95 -9.54 -25.88
N LEU A 356 0.06 -8.67 -25.84
CA LEU A 356 -0.14 -7.30 -26.29
C LEU A 356 -0.22 -7.25 -27.80
N LEU A 357 0.51 -8.13 -28.47
CA LEU A 357 0.49 -8.19 -29.92
C LEU A 357 -0.90 -8.64 -30.36
N ARG A 358 -1.46 -9.62 -29.63
CA ARG A 358 -2.79 -10.11 -29.94
C ARG A 358 -3.84 -9.03 -29.70
N GLN A 359 -3.69 -8.31 -28.60
CA GLN A 359 -4.63 -7.24 -28.27
C GLN A 359 -4.51 -6.09 -29.27
N GLU A 360 -3.30 -5.81 -29.74
CA GLU A 360 -3.12 -4.74 -30.71
C GLU A 360 -3.78 -5.11 -32.03
N ALA A 361 -3.69 -6.38 -32.41
CA ALA A 361 -4.29 -6.85 -33.66
C ALA A 361 -5.80 -6.77 -33.52
N LEU A 362 -6.30 -7.05 -32.33
CA LEU A 362 -7.73 -6.99 -32.07
C LEU A 362 -8.27 -5.58 -32.28
N LEU A 363 -7.59 -4.61 -31.71
CA LEU A 363 -8.02 -3.22 -31.84
C LEU A 363 -8.05 -2.79 -33.30
N LYS A 364 -7.03 -3.19 -34.05
CA LYS A 364 -6.95 -2.85 -35.46
C LYS A 364 -8.18 -3.30 -36.26
N GLU A 365 -8.79 -4.41 -35.86
CA GLU A 365 -9.98 -4.91 -36.55
C GLU A 365 -11.08 -3.86 -36.48
N GLU A 366 -11.03 -3.07 -35.42
CA GLU A 366 -12.01 -2.03 -35.15
C GLU A 366 -11.67 -0.66 -35.75
N LEU A 367 -10.42 -0.47 -36.12
CA LEU A 367 -9.98 0.80 -36.69
C LEU A 367 -10.20 0.85 -38.19
N ALA B 2 27.44 -27.94 -9.88
CA ALA B 2 27.52 -28.60 -8.54
C ALA B 2 26.13 -28.79 -7.95
N LEU B 3 26.02 -29.65 -6.96
CA LEU B 3 24.74 -29.89 -6.30
C LEU B 3 24.51 -28.81 -5.27
N MET B 4 23.35 -28.16 -5.32
CA MET B 4 23.04 -27.12 -4.36
C MET B 4 21.54 -26.93 -4.18
N THR B 5 21.19 -26.29 -3.07
CA THR B 5 19.80 -26.00 -2.74
C THR B 5 19.37 -24.77 -3.52
N MET B 6 18.09 -24.41 -3.44
CA MET B 6 17.61 -23.23 -4.15
C MET B 6 18.28 -21.99 -3.56
N VAL B 7 18.42 -21.97 -2.23
CA VAL B 7 19.05 -20.84 -1.54
C VAL B 7 20.47 -20.64 -2.06
N GLN B 8 21.20 -21.73 -2.24
CA GLN B 8 22.57 -21.65 -2.73
C GLN B 8 22.59 -21.20 -4.18
N ALA B 9 21.64 -21.69 -4.97
CA ALA B 9 21.54 -21.33 -6.38
C ALA B 9 21.25 -19.83 -6.50
N LEU B 10 20.33 -19.34 -5.68
CA LEU B 10 19.97 -17.92 -5.70
C LEU B 10 21.16 -17.08 -5.25
N ASN B 11 21.82 -17.52 -4.19
CA ASN B 11 22.97 -16.81 -3.65
C ASN B 11 24.08 -16.71 -4.70
N ARG B 12 24.27 -17.78 -5.45
CA ARG B 12 25.28 -17.82 -6.50
C ARG B 12 24.93 -16.85 -7.61
N ALA B 13 23.66 -16.82 -7.99
CA ALA B 13 23.20 -15.92 -9.04
C ALA B 13 23.53 -14.48 -8.66
N LEU B 14 23.18 -14.11 -7.43
CA LEU B 14 23.45 -12.76 -6.95
C LEU B 14 24.94 -12.44 -6.96
N ASP B 15 25.74 -13.34 -6.41
CA ASP B 15 27.19 -13.17 -6.35
C ASP B 15 27.76 -12.92 -7.75
N GLU B 16 27.37 -13.79 -8.69
CA GLU B 16 27.83 -13.69 -10.08
C GLU B 16 27.47 -12.39 -10.77
N GLU B 17 26.20 -12.01 -10.71
CA GLU B 17 25.76 -10.77 -11.34
C GLU B 17 26.43 -9.55 -10.73
N MET B 18 26.66 -9.60 -9.42
CA MET B 18 27.31 -8.48 -8.72
C MET B 18 28.79 -8.39 -9.08
N ALA B 19 29.42 -9.53 -9.31
CA ALA B 19 30.84 -9.53 -9.67
C ALA B 19 30.98 -9.04 -11.11
N LYS B 20 29.95 -9.27 -11.91
CA LYS B 20 29.96 -8.87 -13.31
C LYS B 20 29.57 -7.41 -13.57
N ASP B 21 28.69 -6.86 -12.74
CA ASP B 21 28.24 -5.49 -12.92
C ASP B 21 28.17 -4.73 -11.60
N PRO B 22 28.99 -3.67 -11.46
CA PRO B 22 29.06 -2.83 -10.26
C PRO B 22 27.70 -2.19 -9.92
N ARG B 23 26.87 -2.02 -10.94
CA ARG B 23 25.55 -1.41 -10.78
C ARG B 23 24.59 -2.27 -9.98
N VAL B 24 24.84 -3.58 -9.94
CA VAL B 24 23.95 -4.47 -9.21
C VAL B 24 24.11 -4.32 -7.71
N VAL B 25 23.03 -3.96 -7.04
CA VAL B 25 23.05 -3.79 -5.59
C VAL B 25 21.86 -4.50 -4.98
N VAL B 26 22.02 -4.95 -3.73
CA VAL B 26 20.96 -5.64 -3.03
C VAL B 26 20.50 -4.76 -1.87
N LEU B 27 19.19 -4.67 -1.67
CA LEU B 27 18.66 -3.89 -0.56
C LEU B 27 17.41 -4.52 0.01
N GLY B 28 17.25 -4.38 1.32
CA GLY B 28 16.08 -4.94 1.97
C GLY B 28 16.31 -5.06 3.45
N GLU B 29 15.32 -5.59 4.15
CA GLU B 29 15.43 -5.77 5.59
C GLU B 29 16.29 -6.99 5.93
N ASP B 30 17.32 -6.78 6.75
CA ASP B 30 18.17 -7.87 7.20
C ASP B 30 18.94 -8.64 6.11
N VAL B 31 19.27 -8.00 5.00
CA VAL B 31 19.98 -8.67 3.92
C VAL B 31 21.51 -8.57 4.09
N GLY B 32 21.96 -7.61 4.88
CA GLY B 32 23.38 -7.39 5.08
C GLY B 32 24.10 -8.38 5.97
N LYS B 33 24.50 -7.90 7.15
CA LYS B 33 25.23 -8.73 8.11
C LYS B 33 24.54 -10.06 8.39
N ARG B 34 23.22 -10.01 8.57
CA ARG B 34 22.45 -11.22 8.84
C ARG B 34 22.50 -12.23 7.70
N GLY B 35 22.65 -11.73 6.48
CA GLY B 35 22.70 -12.61 5.32
C GLY B 35 21.32 -13.01 4.85
N GLY B 36 20.28 -12.35 5.39
CA GLY B 36 18.92 -12.66 5.01
C GLY B 36 18.28 -13.66 5.95
N VAL B 37 16.97 -13.51 6.21
CA VAL B 37 16.30 -14.44 7.10
C VAL B 37 16.24 -15.86 6.53
N PHE B 38 16.53 -16.00 5.25
CA PHE B 38 16.56 -17.31 4.60
C PHE B 38 17.94 -17.57 4.00
N LEU B 39 18.89 -16.72 4.39
CA LEU B 39 20.28 -16.80 3.96
C LEU B 39 20.58 -16.63 2.47
N VAL B 40 19.61 -16.14 1.71
CA VAL B 40 19.82 -15.94 0.28
C VAL B 40 20.95 -14.97 -0.06
N THR B 41 21.15 -13.96 0.80
CA THR B 41 22.20 -12.97 0.55
C THR B 41 23.41 -13.16 1.47
N GLU B 42 23.54 -14.35 2.04
CA GLU B 42 24.65 -14.64 2.94
C GLU B 42 26.01 -14.40 2.29
N GLY B 43 26.88 -13.70 3.01
CA GLY B 43 28.23 -13.43 2.51
C GLY B 43 28.40 -12.30 1.51
N LEU B 44 27.31 -11.79 0.94
CA LEU B 44 27.42 -10.74 -0.05
C LEU B 44 27.93 -9.40 0.53
N LEU B 45 27.46 -9.03 1.71
CA LEU B 45 27.91 -7.79 2.33
C LEU B 45 29.41 -7.83 2.56
N GLN B 46 29.89 -8.91 3.16
CA GLN B 46 31.31 -9.06 3.44
C GLN B 46 32.15 -8.95 2.18
N LYS B 47 31.63 -9.46 1.07
CA LYS B 47 32.36 -9.44 -0.18
C LYS B 47 32.24 -8.14 -0.98
N TYR B 48 31.05 -7.56 -1.01
CA TYR B 48 30.82 -6.34 -1.79
C TYR B 48 30.71 -5.02 -1.04
N GLY B 49 30.61 -5.07 0.28
CA GLY B 49 30.52 -3.83 1.05
C GLY B 49 29.11 -3.30 1.26
N PRO B 50 28.92 -2.44 2.26
CA PRO B 50 27.62 -1.83 2.61
C PRO B 50 26.98 -0.94 1.55
N ASP B 51 27.75 -0.51 0.55
CA ASP B 51 27.19 0.33 -0.49
C ASP B 51 26.61 -0.49 -1.65
N ARG B 52 26.63 -1.81 -1.51
CA ARG B 52 26.08 -2.67 -2.55
C ARG B 52 25.13 -3.70 -1.98
N VAL B 53 25.20 -3.89 -0.67
CA VAL B 53 24.32 -4.81 0.05
C VAL B 53 23.89 -3.97 1.24
N MET B 54 22.70 -3.37 1.16
CA MET B 54 22.27 -2.52 2.24
C MET B 54 21.01 -2.87 2.99
N ASP B 55 21.14 -2.90 4.31
CA ASP B 55 20.02 -3.16 5.18
C ASP B 55 19.23 -1.86 5.11
N THR B 56 17.91 -1.97 5.01
CA THR B 56 17.08 -0.79 4.91
C THR B 56 16.18 -0.65 6.13
N PRO B 57 15.53 0.51 6.26
CA PRO B 57 14.63 0.71 7.39
C PRO B 57 13.46 -0.24 7.12
N LEU B 58 12.61 -0.46 8.11
CA LEU B 58 11.49 -1.37 7.94
C LEU B 58 10.33 -0.72 7.18
N SER B 59 10.49 -0.55 5.88
CA SER B 59 9.45 0.05 5.05
C SER B 59 9.47 -0.51 3.63
N GLU B 60 8.40 -1.19 3.25
CA GLU B 60 8.32 -1.76 1.91
C GLU B 60 8.13 -0.69 0.85
N ALA B 61 7.49 0.42 1.21
CA ALA B 61 7.29 1.50 0.25
C ALA B 61 8.66 2.12 -0.03
N ALA B 62 9.48 2.24 1.01
CA ALA B 62 10.83 2.79 0.87
C ALA B 62 11.70 1.85 0.03
N ILE B 63 11.62 0.56 0.33
CA ILE B 63 12.40 -0.43 -0.40
C ILE B 63 12.06 -0.45 -1.90
N VAL B 64 10.79 -0.66 -2.21
CA VAL B 64 10.35 -0.71 -3.61
C VAL B 64 10.50 0.64 -4.31
N GLY B 65 10.07 1.71 -3.67
CA GLY B 65 10.18 3.03 -4.28
C GLY B 65 11.62 3.49 -4.49
N ALA B 66 12.47 3.28 -3.49
CA ALA B 66 13.86 3.67 -3.62
C ALA B 66 14.51 2.82 -4.71
N ALA B 67 14.13 1.55 -4.75
CA ALA B 67 14.67 0.66 -5.76
C ALA B 67 14.30 1.20 -7.14
N LEU B 68 13.06 1.67 -7.27
CA LEU B 68 12.59 2.23 -8.53
C LEU B 68 13.43 3.44 -8.89
N GLY B 69 13.68 4.31 -7.91
CA GLY B 69 14.48 5.50 -8.14
C GLY B 69 15.90 5.16 -8.54
N MET B 70 16.48 4.16 -7.89
CA MET B 70 17.83 3.72 -8.20
C MET B 70 17.90 3.19 -9.64
N ALA B 71 16.92 2.37 -10.01
CA ALA B 71 16.87 1.77 -11.35
C ALA B 71 16.74 2.83 -12.44
N ALA B 72 15.89 3.82 -12.19
CA ALA B 72 15.68 4.88 -13.16
C ALA B 72 16.95 5.71 -13.35
N HIS B 73 17.73 5.87 -12.29
CA HIS B 73 18.95 6.68 -12.36
C HIS B 73 20.21 6.01 -12.90
N GLY B 74 20.39 4.72 -12.66
CA GLY B 74 21.59 4.08 -13.17
C GLY B 74 22.03 2.80 -12.50
N LEU B 75 21.35 2.41 -11.42
CA LEU B 75 21.70 1.17 -10.74
C LEU B 75 20.78 0.07 -11.20
N ARG B 76 21.10 -1.17 -10.82
CA ARG B 76 20.29 -2.32 -11.17
C ARG B 76 20.05 -3.02 -9.84
N PRO B 77 19.07 -2.51 -9.07
CA PRO B 77 18.72 -3.06 -7.77
C PRO B 77 17.93 -4.34 -7.73
N VAL B 78 18.24 -5.15 -6.73
CA VAL B 78 17.55 -6.39 -6.48
C VAL B 78 17.01 -6.16 -5.07
N ALA B 79 15.75 -5.75 -5.01
CA ALA B 79 15.10 -5.47 -3.74
C ALA B 79 14.46 -6.73 -3.19
N GLU B 80 14.52 -6.88 -1.87
CA GLU B 80 13.90 -8.03 -1.24
C GLU B 80 12.79 -7.56 -0.31
N ILE B 81 11.68 -8.29 -0.36
CA ILE B 81 10.53 -8.05 0.51
C ILE B 81 10.63 -9.32 1.33
N GLN B 82 10.82 -9.19 2.64
CA GLN B 82 11.02 -10.35 3.50
C GLN B 82 10.08 -11.52 3.30
N PHE B 83 8.81 -11.24 3.09
CA PHE B 83 7.79 -12.25 2.83
C PHE B 83 6.87 -11.63 1.80
N ALA B 84 6.43 -12.43 0.83
CA ALA B 84 5.53 -11.92 -0.19
C ALA B 84 4.31 -11.27 0.45
N ASP B 85 3.96 -11.76 1.64
CA ASP B 85 2.83 -11.27 2.39
C ASP B 85 2.96 -9.80 2.77
N TYR B 86 4.20 -9.31 2.76
CA TYR B 86 4.46 -7.92 3.14
C TYR B 86 4.74 -6.96 2.01
N ILE B 87 4.31 -7.32 0.80
CA ILE B 87 4.50 -6.44 -0.34
C ILE B 87 3.50 -5.29 -0.28
N PHE B 88 2.37 -5.52 0.36
CA PHE B 88 1.29 -4.54 0.42
C PHE B 88 1.60 -3.13 0.93
N PRO B 89 2.39 -2.99 2.00
CA PRO B 89 2.68 -1.63 2.46
C PRO B 89 3.38 -0.84 1.36
N GLY B 90 4.02 -1.55 0.43
CA GLY B 90 4.70 -0.90 -0.66
C GLY B 90 4.00 -1.14 -1.98
N PHE B 91 2.70 -1.46 -1.90
CA PHE B 91 1.91 -1.76 -3.08
C PHE B 91 1.77 -0.62 -4.08
N ASP B 92 1.53 0.59 -3.60
CA ASP B 92 1.39 1.69 -4.55
C ASP B 92 2.69 1.91 -5.30
N GLN B 93 3.81 1.83 -4.60
CA GLN B 93 5.10 2.00 -5.25
C GLN B 93 5.24 0.97 -6.38
N LEU B 94 4.87 -0.26 -6.10
CA LEU B 94 4.97 -1.32 -7.09
C LEU B 94 4.05 -1.15 -8.30
N VAL B 95 2.76 -0.93 -8.05
CA VAL B 95 1.81 -0.81 -9.15
C VAL B 95 1.69 0.58 -9.78
N SER B 96 1.95 1.64 -9.03
CA SER B 96 1.83 2.99 -9.57
C SER B 96 3.12 3.60 -10.09
N GLN B 97 4.23 3.35 -9.42
CA GLN B 97 5.51 3.90 -9.87
C GLN B 97 6.31 2.91 -10.72
N VAL B 98 6.59 1.73 -10.18
CA VAL B 98 7.35 0.73 -10.91
C VAL B 98 6.70 0.26 -12.21
N ALA B 99 5.54 -0.36 -12.09
CA ALA B 99 4.83 -0.90 -13.25
C ALA B 99 4.56 0.07 -14.39
N LYS B 100 4.23 1.31 -14.06
CA LYS B 100 3.86 2.29 -15.08
C LYS B 100 4.92 3.30 -15.52
N LEU B 101 6.11 3.25 -14.95
CA LEU B 101 7.15 4.22 -15.30
C LEU B 101 7.46 4.32 -16.81
N ARG B 102 7.77 3.19 -17.43
CA ARG B 102 8.11 3.22 -18.86
C ARG B 102 6.92 3.74 -19.69
N TYR B 103 5.73 3.23 -19.38
CA TYR B 103 4.53 3.61 -20.10
C TYR B 103 4.17 5.10 -19.97
N ARG B 104 4.04 5.56 -18.73
CA ARG B 104 3.64 6.95 -18.48
C ARG B 104 4.64 8.00 -18.96
N SER B 105 5.89 7.60 -19.12
CA SER B 105 6.92 8.54 -19.57
C SER B 105 7.23 8.40 -21.06
N GLY B 106 6.41 7.64 -21.77
CA GLY B 106 6.66 7.45 -23.20
C GLY B 106 8.00 6.80 -23.44
N GLY B 107 8.46 6.00 -22.47
CA GLY B 107 9.74 5.33 -22.60
C GLY B 107 10.96 6.15 -22.23
N GLN B 108 10.77 7.37 -21.73
CA GLN B 108 11.89 8.20 -21.36
C GLN B 108 12.61 7.66 -20.12
N PHE B 109 11.85 7.04 -19.22
CA PHE B 109 12.42 6.48 -17.99
C PHE B 109 12.11 4.99 -17.90
N THR B 110 13.06 4.22 -17.39
CA THR B 110 12.86 2.78 -17.28
C THR B 110 13.15 2.26 -15.88
N ALA B 111 12.69 1.03 -15.62
CA ALA B 111 12.86 0.43 -14.30
C ALA B 111 13.54 -0.94 -14.28
N PRO B 112 14.84 -0.99 -14.61
CA PRO B 112 15.55 -2.28 -14.60
C PRO B 112 15.80 -2.74 -13.16
N LEU B 113 14.73 -3.17 -12.49
CA LEU B 113 14.85 -3.62 -11.12
C LEU B 113 14.19 -4.98 -10.92
N VAL B 114 14.61 -5.66 -9.86
CA VAL B 114 14.07 -6.97 -9.53
C VAL B 114 13.57 -6.93 -8.09
N VAL B 115 12.37 -7.45 -7.86
CA VAL B 115 11.84 -7.49 -6.50
C VAL B 115 11.66 -8.97 -6.12
N ARG B 116 12.57 -9.44 -5.28
CA ARG B 116 12.58 -10.83 -4.80
C ARG B 116 11.71 -10.96 -3.56
N MET B 117 11.05 -12.11 -3.41
CA MET B 117 10.23 -12.34 -2.23
C MET B 117 9.90 -13.82 -2.02
N PRO B 118 10.03 -14.30 -0.78
CA PRO B 118 9.71 -15.70 -0.50
C PRO B 118 8.19 -15.78 -0.52
N SER B 119 7.63 -16.92 -0.92
CA SER B 119 6.17 -17.03 -0.98
C SER B 119 5.67 -18.46 -0.79
N GLY B 120 4.36 -18.63 -0.92
CA GLY B 120 3.76 -19.95 -0.80
C GLY B 120 3.56 -20.45 0.61
N GLY B 121 2.59 -21.36 0.77
CA GLY B 121 2.31 -21.92 2.08
C GLY B 121 3.04 -23.22 2.33
N GLY B 122 2.44 -24.09 3.14
CA GLY B 122 3.05 -25.37 3.45
C GLY B 122 4.13 -25.26 4.51
N VAL B 123 4.29 -24.09 5.11
CA VAL B 123 5.31 -23.88 6.13
C VAL B 123 4.72 -23.38 7.45
N ARG B 124 3.44 -23.67 7.67
CA ARG B 124 2.74 -23.24 8.87
C ARG B 124 2.98 -21.76 9.15
N GLY B 125 2.89 -20.96 8.09
CA GLY B 125 3.12 -19.53 8.22
C GLY B 125 1.90 -18.69 8.52
N GLY B 126 0.72 -19.32 8.61
CA GLY B 126 -0.49 -18.58 8.91
C GLY B 126 -0.86 -17.55 7.85
N HIS B 127 -1.49 -16.46 8.28
CA HIS B 127 -1.93 -15.40 7.37
C HIS B 127 -0.83 -14.66 6.62
N HIS B 128 0.28 -14.38 7.29
CA HIS B 128 1.35 -13.61 6.64
C HIS B 128 2.74 -14.20 6.42
N HIS B 129 2.84 -15.53 6.44
CA HIS B 129 4.12 -16.20 6.15
C HIS B 129 3.77 -17.32 5.17
N SER B 130 2.70 -17.13 4.40
CA SER B 130 2.26 -18.17 3.48
C SER B 130 1.67 -17.71 2.15
N GLN B 131 1.28 -16.43 2.06
CA GLN B 131 0.65 -15.93 0.84
C GLN B 131 1.40 -16.09 -0.48
N SER B 132 0.61 -16.21 -1.55
CA SER B 132 1.07 -16.32 -2.94
C SER B 132 0.23 -15.27 -3.66
N PRO B 133 0.68 -14.00 -3.64
CA PRO B 133 0.02 -12.85 -4.26
C PRO B 133 0.34 -12.56 -5.73
N GLU B 134 0.86 -13.54 -6.46
CA GLU B 134 1.21 -13.32 -7.86
C GLU B 134 0.07 -12.73 -8.70
N ALA B 135 -1.18 -13.08 -8.39
CA ALA B 135 -2.34 -12.56 -9.14
C ALA B 135 -2.34 -11.04 -9.15
N HIS B 136 -2.04 -10.44 -8.00
CA HIS B 136 -2.00 -8.98 -7.87
C HIS B 136 -0.99 -8.39 -8.86
N PHE B 137 0.11 -9.11 -9.07
CA PHE B 137 1.16 -8.64 -9.97
C PHE B 137 0.82 -8.89 -11.43
N VAL B 138 0.34 -10.07 -11.75
CA VAL B 138 -0.03 -10.40 -13.12
C VAL B 138 -1.14 -9.48 -13.64
N HIS B 139 -2.01 -9.04 -12.74
CA HIS B 139 -3.11 -8.16 -13.11
C HIS B 139 -2.62 -6.74 -13.38
N THR B 140 -1.42 -6.43 -12.90
CA THR B 140 -0.82 -5.12 -13.07
C THR B 140 0.06 -5.03 -14.33
N ALA B 141 -0.45 -4.34 -15.35
CA ALA B 141 0.28 -4.17 -16.60
C ALA B 141 1.64 -3.53 -16.36
N GLY B 142 2.69 -4.10 -16.94
CA GLY B 142 4.01 -3.52 -16.78
C GLY B 142 4.95 -4.30 -15.89
N LEU B 143 4.45 -5.35 -15.26
CA LEU B 143 5.29 -6.17 -14.39
C LEU B 143 5.50 -7.56 -14.95
N LYS B 144 6.74 -8.02 -14.98
CA LYS B 144 7.00 -9.39 -15.42
C LYS B 144 6.95 -10.15 -14.10
N VAL B 145 6.42 -11.38 -14.13
CA VAL B 145 6.30 -12.17 -12.92
C VAL B 145 6.83 -13.58 -13.11
N VAL B 146 7.80 -13.93 -12.27
CA VAL B 146 8.44 -15.24 -12.31
C VAL B 146 8.36 -15.94 -10.96
N ALA B 147 8.04 -17.23 -10.99
CA ALA B 147 7.95 -18.05 -9.79
C ALA B 147 8.70 -19.35 -10.07
N VAL B 148 9.85 -19.54 -9.42
CA VAL B 148 10.68 -20.73 -9.64
C VAL B 148 10.38 -21.89 -8.69
N SER B 149 10.79 -23.09 -9.07
CA SER B 149 10.55 -24.29 -8.27
C SER B 149 11.75 -25.24 -8.17
N THR B 150 12.85 -24.91 -8.84
CA THR B 150 14.05 -25.75 -8.77
C THR B 150 15.29 -24.89 -8.64
N PRO B 151 16.36 -25.45 -8.05
CA PRO B 151 17.60 -24.69 -7.89
C PRO B 151 18.17 -24.24 -9.24
N TYR B 152 18.06 -25.10 -10.24
CA TYR B 152 18.56 -24.79 -11.57
C TYR B 152 17.84 -23.58 -12.16
N ASP B 153 16.52 -23.55 -12.04
CA ASP B 153 15.75 -22.43 -12.58
C ASP B 153 16.01 -21.17 -11.77
N ALA B 154 16.13 -21.32 -10.45
CA ALA B 154 16.37 -20.20 -9.57
C ALA B 154 17.58 -19.38 -10.02
N LYS B 155 18.72 -20.02 -10.21
CA LYS B 155 19.91 -19.31 -10.65
C LYS B 155 19.73 -18.74 -12.06
N GLY B 156 19.29 -19.60 -12.98
CA GLY B 156 19.12 -19.17 -14.36
C GLY B 156 18.13 -18.05 -14.59
N LEU B 157 16.99 -18.09 -13.91
CA LEU B 157 15.98 -17.05 -14.10
C LEU B 157 16.29 -15.77 -13.32
N LEU B 158 16.93 -15.88 -12.15
CA LEU B 158 17.25 -14.68 -11.38
C LEU B 158 18.31 -13.89 -12.16
N LYS B 159 19.30 -14.59 -12.71
CA LYS B 159 20.34 -13.94 -13.50
C LYS B 159 19.66 -13.26 -14.70
N ALA B 160 18.70 -13.96 -15.30
CA ALA B 160 17.97 -13.41 -16.45
C ALA B 160 17.20 -12.16 -16.06
N ALA B 161 16.54 -12.21 -14.90
CA ALA B 161 15.77 -11.07 -14.41
C ALA B 161 16.67 -9.86 -14.18
N ILE B 162 17.84 -10.09 -13.61
CA ILE B 162 18.79 -9.01 -13.33
C ILE B 162 19.28 -8.36 -14.61
N ARG B 163 19.32 -9.14 -15.69
CA ARG B 163 19.76 -8.62 -16.98
C ARG B 163 18.61 -7.98 -17.74
N ASP B 164 17.39 -8.40 -17.42
CA ASP B 164 16.19 -7.86 -18.06
C ASP B 164 15.98 -6.40 -17.64
N GLU B 165 15.66 -5.55 -18.61
CA GLU B 165 15.44 -4.13 -18.34
C GLU B 165 14.04 -3.83 -17.80
N ASP B 166 13.14 -4.80 -17.98
CA ASP B 166 11.76 -4.64 -17.50
C ASP B 166 11.70 -5.07 -16.04
N PRO B 167 10.86 -4.41 -15.23
CA PRO B 167 10.72 -4.74 -13.80
C PRO B 167 10.24 -6.19 -13.67
N VAL B 168 10.89 -6.94 -12.78
CA VAL B 168 10.51 -8.34 -12.58
C VAL B 168 10.22 -8.65 -11.11
N VAL B 169 9.08 -9.26 -10.83
CA VAL B 169 8.73 -9.66 -9.48
C VAL B 169 9.12 -11.13 -9.47
N PHE B 170 10.09 -11.47 -8.64
CA PHE B 170 10.64 -12.82 -8.55
C PHE B 170 10.20 -13.53 -7.27
N LEU B 171 9.29 -14.50 -7.39
CA LEU B 171 8.80 -15.23 -6.22
C LEU B 171 9.54 -16.55 -5.99
N GLU B 172 9.95 -16.75 -4.75
CA GLU B 172 10.68 -17.95 -4.35
C GLU B 172 9.90 -18.73 -3.30
N PRO B 173 9.28 -19.86 -3.69
CA PRO B 173 8.50 -20.67 -2.74
C PRO B 173 9.42 -21.12 -1.61
N LYS B 174 9.22 -20.55 -0.44
CA LYS B 174 10.08 -20.83 0.70
C LYS B 174 10.14 -22.30 1.13
N ARG B 175 9.07 -23.05 0.91
CA ARG B 175 9.08 -24.46 1.29
C ARG B 175 10.07 -25.23 0.43
N LEU B 176 10.47 -24.62 -0.70
CA LEU B 176 11.40 -25.25 -1.63
C LEU B 176 12.84 -24.71 -1.53
N TYR B 177 13.08 -23.81 -0.58
CA TYR B 177 14.41 -23.23 -0.40
C TYR B 177 15.53 -24.25 -0.20
N ARG B 178 15.26 -25.32 0.54
CA ARG B 178 16.27 -26.35 0.80
C ARG B 178 15.67 -27.74 0.75
N SER B 179 14.53 -27.87 0.08
CA SER B 179 13.83 -29.15 -0.01
C SER B 179 14.57 -30.16 -0.87
N VAL B 180 15.51 -29.70 -1.69
CA VAL B 180 16.26 -30.61 -2.55
C VAL B 180 17.55 -30.01 -3.07
N LYS B 181 18.49 -30.89 -3.42
CA LYS B 181 19.77 -30.45 -3.96
C LYS B 181 19.86 -30.95 -5.39
N GLU B 182 19.88 -30.01 -6.33
CA GLU B 182 19.95 -30.33 -7.75
C GLU B 182 21.25 -29.83 -8.36
N GLU B 183 21.62 -30.39 -9.51
CA GLU B 183 22.83 -30.00 -10.21
C GLU B 183 22.68 -28.60 -10.81
N VAL B 184 23.55 -27.69 -10.38
CA VAL B 184 23.52 -26.32 -10.87
C VAL B 184 24.90 -25.90 -11.36
N PRO B 185 25.05 -25.68 -12.67
CA PRO B 185 26.33 -25.27 -13.24
C PRO B 185 26.94 -24.04 -12.55
N GLU B 186 28.24 -24.10 -12.28
CA GLU B 186 28.94 -22.99 -11.65
C GLU B 186 29.16 -21.91 -12.70
N GLU B 187 29.24 -22.35 -13.96
CA GLU B 187 29.46 -21.45 -15.08
C GLU B 187 28.28 -20.50 -15.24
N ASP B 188 28.51 -19.41 -15.97
CA ASP B 188 27.47 -18.42 -16.21
C ASP B 188 26.49 -18.93 -17.26
N TYR B 189 25.20 -18.84 -16.94
CA TYR B 189 24.16 -19.25 -17.85
C TYR B 189 22.86 -18.58 -17.41
N THR B 190 21.97 -18.35 -18.36
CA THR B 190 20.68 -17.74 -18.06
C THR B 190 19.60 -18.62 -18.64
N LEU B 191 18.36 -18.38 -18.24
CA LEU B 191 17.24 -19.12 -18.76
C LEU B 191 16.26 -18.09 -19.32
N PRO B 192 15.45 -18.49 -20.31
CA PRO B 192 14.50 -17.53 -20.89
C PRO B 192 13.27 -17.23 -20.06
N ILE B 193 13.06 -15.95 -19.76
CA ILE B 193 11.88 -15.54 -19.01
C ILE B 193 10.72 -15.60 -20.01
N GLY B 194 9.64 -16.26 -19.64
CA GLY B 194 8.50 -16.37 -20.53
C GLY B 194 8.36 -17.75 -21.13
N LYS B 195 9.20 -18.67 -20.70
CA LYS B 195 9.16 -20.04 -21.22
C LYS B 195 8.91 -21.09 -20.13
N ALA B 196 7.94 -21.96 -20.39
CA ALA B 196 7.61 -23.02 -19.46
C ALA B 196 8.67 -24.12 -19.54
N ALA B 197 8.61 -25.04 -18.59
CA ALA B 197 9.55 -26.15 -18.55
C ALA B 197 8.74 -27.44 -18.41
N LEU B 198 8.94 -28.35 -19.35
CA LEU B 198 8.25 -29.63 -19.33
C LEU B 198 8.97 -30.52 -18.31
N ARG B 199 8.25 -30.96 -17.28
CA ARG B 199 8.83 -31.83 -16.26
C ARG B 199 8.56 -33.29 -16.59
N ARG B 200 7.47 -33.52 -17.29
CA ARG B 200 7.07 -34.87 -17.68
C ARG B 200 6.24 -34.82 -18.94
N GLU B 201 6.55 -35.70 -19.89
CA GLU B 201 5.80 -35.77 -21.13
C GLU B 201 4.72 -36.83 -20.94
N GLY B 202 3.54 -36.57 -21.48
CA GLY B 202 2.44 -37.52 -21.36
C GLY B 202 1.37 -37.20 -22.38
N LYS B 203 0.40 -38.08 -22.56
CA LYS B 203 -0.64 -37.83 -23.55
C LYS B 203 -2.06 -37.99 -23.04
N ASP B 204 -2.22 -38.38 -21.78
CA ASP B 204 -3.55 -38.57 -21.24
C ASP B 204 -4.10 -37.39 -20.46
N LEU B 205 -3.21 -36.56 -19.91
CA LEU B 205 -3.66 -35.43 -19.12
C LEU B 205 -2.56 -34.39 -18.99
N THR B 206 -2.97 -33.12 -18.99
CA THR B 206 -2.01 -32.03 -18.84
C THR B 206 -2.15 -31.46 -17.43
N LEU B 207 -1.03 -31.31 -16.74
CA LEU B 207 -1.01 -30.75 -15.40
C LEU B 207 -0.25 -29.43 -15.48
N ILE B 208 -0.97 -28.32 -15.42
CA ILE B 208 -0.35 -27.01 -15.48
C ILE B 208 -0.12 -26.55 -14.04
N CYS B 209 1.11 -26.15 -13.74
CA CYS B 209 1.44 -25.73 -12.39
C CYS B 209 2.69 -24.88 -12.35
N TYR B 210 3.12 -24.53 -11.15
CA TYR B 210 4.32 -23.73 -10.95
C TYR B 210 4.56 -23.55 -9.46
N GLY B 211 5.76 -23.08 -9.12
CA GLY B 211 6.14 -22.83 -7.75
C GLY B 211 5.82 -23.82 -6.65
N THR B 212 5.22 -23.27 -5.59
CA THR B 212 4.85 -23.98 -4.37
C THR B 212 4.30 -25.40 -4.47
N VAL B 213 3.34 -25.63 -5.35
CA VAL B 213 2.72 -26.95 -5.47
C VAL B 213 3.46 -28.04 -6.25
N MET B 214 4.58 -27.71 -6.86
CA MET B 214 5.32 -28.70 -7.66
C MET B 214 5.53 -30.07 -7.00
N PRO B 215 5.93 -30.10 -5.71
CA PRO B 215 6.15 -31.40 -5.06
C PRO B 215 4.94 -32.33 -5.18
N GLU B 216 3.76 -31.86 -4.80
CA GLU B 216 2.56 -32.68 -4.87
C GLU B 216 2.14 -33.01 -6.30
N VAL B 217 2.32 -32.08 -7.22
CA VAL B 217 1.95 -32.32 -8.61
C VAL B 217 2.81 -33.44 -9.21
N LEU B 218 4.13 -33.34 -9.03
CA LEU B 218 5.04 -34.36 -9.55
C LEU B 218 4.75 -35.71 -8.91
N GLN B 219 4.39 -35.68 -7.63
CA GLN B 219 4.08 -36.90 -6.90
C GLN B 219 2.79 -37.49 -7.46
N ALA B 220 1.82 -36.63 -7.77
CA ALA B 220 0.55 -37.08 -8.32
C ALA B 220 0.81 -37.68 -9.69
N ALA B 221 1.69 -37.04 -10.46
CA ALA B 221 2.01 -37.53 -11.79
C ALA B 221 2.65 -38.90 -11.71
N ALA B 222 3.54 -39.09 -10.73
CA ALA B 222 4.20 -40.38 -10.55
C ALA B 222 3.18 -41.46 -10.22
N GLU B 223 2.24 -41.14 -9.32
CA GLU B 223 1.21 -42.10 -8.94
C GLU B 223 0.28 -42.45 -10.09
N LEU B 224 -0.05 -41.47 -10.92
CA LEU B 224 -0.91 -41.73 -12.07
C LEU B 224 -0.20 -42.70 -13.01
N ALA B 225 1.10 -42.51 -13.17
CA ALA B 225 1.90 -43.38 -14.04
C ALA B 225 1.75 -44.82 -13.60
N LYS B 226 1.94 -45.07 -12.30
CA LYS B 226 1.82 -46.42 -11.75
C LYS B 226 0.44 -47.01 -12.03
N ALA B 227 -0.54 -46.15 -12.27
CA ALA B 227 -1.89 -46.60 -12.53
C ALA B 227 -2.17 -46.65 -14.03
N GLY B 228 -1.13 -46.48 -14.83
CA GLY B 228 -1.28 -46.53 -16.27
C GLY B 228 -1.70 -45.23 -16.93
N VAL B 229 -1.71 -44.14 -16.17
CA VAL B 229 -2.09 -42.84 -16.71
C VAL B 229 -0.84 -42.02 -17.01
N SER B 230 -0.70 -41.58 -18.26
CA SER B 230 0.45 -40.78 -18.68
C SER B 230 0.14 -39.30 -18.63
N ALA B 231 0.53 -38.64 -17.55
CA ALA B 231 0.29 -37.21 -17.39
C ALA B 231 1.48 -36.37 -17.81
N GLU B 232 1.20 -35.23 -18.44
CA GLU B 232 2.23 -34.31 -18.88
C GLU B 232 2.27 -33.18 -17.85
N VAL B 233 3.44 -32.94 -17.25
CA VAL B 233 3.59 -31.89 -16.25
C VAL B 233 4.31 -30.67 -16.81
N LEU B 234 3.65 -29.53 -16.78
CA LEU B 234 4.24 -28.31 -17.29
C LEU B 234 4.42 -27.24 -16.20
N ASP B 235 5.67 -26.93 -15.89
CA ASP B 235 6.00 -25.90 -14.90
C ASP B 235 6.09 -24.59 -15.70
N LEU B 236 5.12 -23.71 -15.51
CA LEU B 236 5.10 -22.45 -16.24
C LEU B 236 6.33 -21.57 -16.00
N ARG B 237 6.79 -21.53 -14.75
CA ARG B 237 7.94 -20.71 -14.37
C ARG B 237 7.65 -19.22 -14.47
N THR B 238 7.40 -18.72 -15.67
CA THR B 238 7.07 -17.31 -15.84
C THR B 238 5.55 -17.18 -15.91
N LEU B 239 4.98 -16.34 -15.06
CA LEU B 239 3.53 -16.15 -15.02
C LEU B 239 3.11 -14.96 -15.91
N MET B 240 4.05 -14.05 -16.16
CA MET B 240 3.79 -12.89 -17.00
C MET B 240 5.08 -12.40 -17.63
N PRO B 241 5.22 -12.55 -18.96
CA PRO B 241 4.23 -13.16 -19.86
C PRO B 241 4.36 -14.69 -19.84
N TRP B 242 3.24 -15.39 -19.70
CA TRP B 242 3.31 -16.85 -19.66
C TRP B 242 3.43 -17.52 -21.03
N ASP B 243 3.90 -18.77 -21.01
CA ASP B 243 4.12 -19.55 -22.22
C ASP B 243 2.83 -20.03 -22.87
N TYR B 244 2.18 -19.15 -23.62
CA TYR B 244 0.93 -19.49 -24.28
C TYR B 244 1.06 -20.73 -25.16
N GLU B 245 2.09 -20.76 -26.01
CA GLU B 245 2.29 -21.89 -26.92
C GLU B 245 2.47 -23.22 -26.20
N ALA B 246 3.35 -23.26 -25.22
CA ALA B 246 3.60 -24.50 -24.48
C ALA B 246 2.30 -25.03 -23.86
N VAL B 247 1.47 -24.12 -23.35
CA VAL B 247 0.21 -24.51 -22.74
C VAL B 247 -0.78 -25.08 -23.74
N MET B 248 -1.06 -24.35 -24.81
CA MET B 248 -2.01 -24.81 -25.81
C MET B 248 -1.58 -26.08 -26.53
N ASN B 249 -0.28 -26.24 -26.77
CA ASN B 249 0.19 -27.45 -27.45
C ASN B 249 -0.07 -28.67 -26.60
N SER B 250 0.21 -28.58 -25.30
CA SER B 250 -0.02 -29.70 -24.41
C SER B 250 -1.50 -30.04 -24.30
N VAL B 251 -2.33 -29.03 -24.05
CA VAL B 251 -3.76 -29.25 -23.91
C VAL B 251 -4.38 -29.78 -25.20
N ALA B 252 -3.93 -29.27 -26.33
CA ALA B 252 -4.46 -29.71 -27.62
C ALA B 252 -4.18 -31.19 -27.79
N LYS B 253 -3.00 -31.63 -27.33
CA LYS B 253 -2.59 -33.01 -27.43
C LYS B 253 -3.34 -33.94 -26.47
N THR B 254 -3.41 -33.56 -25.20
CA THR B 254 -4.08 -34.39 -24.20
C THR B 254 -5.59 -34.24 -24.15
N GLY B 255 -6.09 -33.05 -24.46
CA GLY B 255 -7.53 -32.83 -24.44
C GLY B 255 -8.11 -32.63 -23.04
N ARG B 256 -7.31 -32.83 -22.02
CA ARG B 256 -7.77 -32.62 -20.65
C ARG B 256 -6.69 -31.97 -19.80
N VAL B 257 -7.11 -30.97 -19.02
CA VAL B 257 -6.16 -30.23 -18.21
C VAL B 257 -6.65 -29.95 -16.79
N VAL B 258 -5.69 -29.98 -15.87
CA VAL B 258 -5.92 -29.69 -14.46
C VAL B 258 -4.86 -28.66 -14.11
N LEU B 259 -5.30 -27.50 -13.61
CA LEU B 259 -4.37 -26.44 -13.23
C LEU B 259 -4.25 -26.41 -11.72
N VAL B 260 -3.01 -26.38 -11.22
CA VAL B 260 -2.75 -26.41 -9.79
C VAL B 260 -1.90 -25.23 -9.28
N SER B 261 -2.33 -24.68 -8.14
CA SER B 261 -1.64 -23.57 -7.51
C SER B 261 -2.14 -23.45 -6.08
N ASP B 262 -1.35 -22.86 -5.19
CA ASP B 262 -1.78 -22.70 -3.80
C ASP B 262 -2.38 -21.31 -3.58
N ALA B 263 -2.41 -20.49 -4.62
CA ALA B 263 -2.98 -19.14 -4.50
C ALA B 263 -4.50 -19.21 -4.45
N PRO B 264 -5.15 -18.27 -3.75
CA PRO B 264 -6.61 -18.24 -3.64
C PRO B 264 -7.25 -18.35 -5.02
N ARG B 265 -8.34 -19.11 -5.10
CA ARG B 265 -9.04 -19.33 -6.36
C ARG B 265 -9.53 -18.10 -7.12
N HIS B 266 -10.42 -17.33 -6.51
CA HIS B 266 -11.01 -16.16 -7.16
C HIS B 266 -10.06 -15.16 -7.79
N ALA B 267 -10.21 -14.99 -9.10
CA ALA B 267 -9.41 -14.07 -9.90
C ALA B 267 -7.92 -14.39 -9.79
N SER B 268 -7.59 -15.66 -9.64
CA SER B 268 -6.20 -16.08 -9.53
C SER B 268 -5.55 -16.20 -10.91
N PHE B 269 -4.24 -16.41 -10.91
CA PHE B 269 -3.52 -16.57 -12.16
C PHE B 269 -3.97 -17.82 -12.92
N VAL B 270 -4.18 -18.93 -12.21
CA VAL B 270 -4.61 -20.15 -12.90
C VAL B 270 -6.00 -19.97 -13.49
N SER B 271 -6.84 -19.14 -12.85
CA SER B 271 -8.17 -18.88 -13.39
C SER B 271 -8.01 -18.20 -14.74
N GLU B 272 -6.98 -17.36 -14.86
CA GLU B 272 -6.71 -16.65 -16.11
C GLU B 272 -6.32 -17.62 -17.21
N VAL B 273 -5.40 -18.54 -16.89
CA VAL B 273 -4.94 -19.52 -17.84
C VAL B 273 -6.11 -20.43 -18.26
N ALA B 274 -6.90 -20.83 -17.28
CA ALA B 274 -8.05 -21.70 -17.53
C ALA B 274 -9.05 -21.03 -18.46
N ALA B 275 -9.34 -19.76 -18.21
CA ALA B 275 -10.28 -19.00 -19.03
C ALA B 275 -9.76 -18.86 -20.46
N THR B 276 -8.45 -18.70 -20.60
CA THR B 276 -7.84 -18.55 -21.90
C THR B 276 -7.91 -19.87 -22.67
N ILE B 277 -7.66 -20.98 -21.97
CA ILE B 277 -7.74 -22.30 -22.60
C ILE B 277 -9.17 -22.52 -23.11
N ALA B 278 -10.15 -22.21 -22.27
CA ALA B 278 -11.55 -22.37 -22.65
C ALA B 278 -11.92 -21.49 -23.84
N GLU B 279 -11.42 -20.26 -23.83
CA GLU B 279 -11.71 -19.31 -24.90
C GLU B 279 -11.05 -19.64 -26.24
N ASP B 280 -9.83 -20.15 -26.21
CA ASP B 280 -9.09 -20.47 -27.43
C ASP B 280 -9.08 -21.93 -27.88
N LEU B 281 -9.23 -22.86 -26.95
CA LEU B 281 -9.20 -24.28 -27.31
C LEU B 281 -10.44 -25.09 -26.94
N LEU B 282 -11.62 -24.47 -26.98
CA LEU B 282 -12.84 -25.19 -26.66
C LEU B 282 -12.97 -26.47 -27.47
N ASP B 283 -12.61 -26.39 -28.75
CA ASP B 283 -12.70 -27.52 -29.67
C ASP B 283 -11.76 -28.67 -29.34
N MET B 284 -10.70 -28.40 -28.58
CA MET B 284 -9.73 -29.43 -28.22
C MET B 284 -9.97 -30.04 -26.84
N LEU B 285 -10.96 -29.52 -26.12
CA LEU B 285 -11.25 -30.02 -24.78
C LEU B 285 -12.16 -31.24 -24.72
N LEU B 286 -11.65 -32.30 -24.08
CA LEU B 286 -12.41 -33.54 -23.92
C LEU B 286 -13.02 -33.53 -22.52
N ALA B 287 -12.60 -32.57 -21.71
CA ALA B 287 -13.09 -32.43 -20.34
C ALA B 287 -12.95 -30.97 -19.92
N PRO B 288 -13.71 -30.54 -18.90
CA PRO B 288 -13.66 -29.16 -18.41
C PRO B 288 -12.31 -28.83 -17.78
N PRO B 289 -11.87 -27.57 -17.91
CA PRO B 289 -10.58 -27.19 -17.32
C PRO B 289 -10.79 -27.21 -15.81
N ILE B 290 -10.09 -28.09 -15.11
CA ILE B 290 -10.27 -28.19 -13.66
C ILE B 290 -9.17 -27.48 -12.88
N ARG B 291 -9.57 -26.64 -11.95
CA ARG B 291 -8.63 -25.88 -11.13
C ARG B 291 -8.57 -26.40 -9.69
N VAL B 292 -7.35 -26.70 -9.25
CA VAL B 292 -7.10 -27.15 -7.88
C VAL B 292 -6.29 -25.98 -7.33
N THR B 293 -6.91 -25.19 -6.46
CA THR B 293 -6.26 -24.01 -5.92
C THR B 293 -6.41 -23.86 -4.41
N GLY B 294 -5.80 -22.80 -3.89
CA GLY B 294 -5.93 -22.52 -2.48
C GLY B 294 -7.38 -22.10 -2.31
N PHE B 295 -7.94 -22.26 -1.11
CA PHE B 295 -9.33 -21.87 -0.88
C PHE B 295 -9.45 -20.35 -0.77
N ASP B 296 -10.66 -19.85 -0.94
CA ASP B 296 -10.90 -18.41 -0.86
C ASP B 296 -11.07 -17.95 0.60
N THR B 297 -10.00 -18.16 1.36
CA THR B 297 -9.96 -17.79 2.77
C THR B 297 -8.55 -17.28 3.05
N PRO B 298 -8.35 -16.58 4.17
CA PRO B 298 -7.00 -16.11 4.48
C PRO B 298 -6.25 -17.42 4.77
N TYR B 299 -4.92 -17.44 4.64
CA TYR B 299 -4.19 -18.68 4.88
C TYR B 299 -4.26 -19.06 6.37
N PRO B 300 -4.91 -20.19 6.68
CA PRO B 300 -5.05 -20.69 8.06
C PRO B 300 -3.82 -21.38 8.63
N TYR B 301 -3.57 -21.15 9.92
CA TYR B 301 -2.43 -21.78 10.58
C TYR B 301 -2.71 -23.23 10.93
N ALA B 302 -3.74 -23.46 11.74
CA ALA B 302 -4.09 -24.80 12.17
C ALA B 302 -4.29 -25.77 11.02
N GLN B 303 -5.01 -25.35 9.99
CA GLN B 303 -5.28 -26.20 8.83
C GLN B 303 -4.28 -26.02 7.70
N ASP B 304 -3.06 -25.62 8.04
CA ASP B 304 -1.99 -25.39 7.06
C ASP B 304 -1.88 -26.47 5.98
N LYS B 305 -1.78 -27.73 6.39
CA LYS B 305 -1.63 -28.82 5.44
C LYS B 305 -2.90 -29.22 4.71
N LEU B 306 -4.04 -28.65 5.11
CA LEU B 306 -5.31 -28.94 4.46
C LEU B 306 -5.59 -27.88 3.42
N TYR B 307 -5.03 -26.68 3.63
CA TYR B 307 -5.22 -25.58 2.70
C TYR B 307 -4.37 -25.80 1.45
N LEU B 308 -3.10 -26.15 1.66
CA LEU B 308 -2.19 -26.43 0.55
C LEU B 308 -2.73 -27.65 -0.19
N PRO B 309 -2.84 -27.59 -1.53
CA PRO B 309 -3.33 -28.72 -2.31
C PRO B 309 -2.56 -30.00 -2.00
N THR B 310 -3.29 -31.08 -1.70
CA THR B 310 -2.67 -32.37 -1.40
C THR B 310 -2.62 -33.24 -2.65
N VAL B 311 -1.78 -34.27 -2.61
CA VAL B 311 -1.67 -35.20 -3.74
C VAL B 311 -3.06 -35.76 -4.02
N THR B 312 -3.77 -36.08 -2.94
CA THR B 312 -5.13 -36.63 -3.04
C THR B 312 -6.03 -35.68 -3.80
N ARG B 313 -6.00 -34.40 -3.41
CA ARG B 313 -6.83 -33.36 -4.04
C ARG B 313 -6.56 -33.31 -5.53
N ILE B 314 -5.28 -33.32 -5.89
CA ILE B 314 -4.86 -33.26 -7.29
C ILE B 314 -5.29 -34.52 -8.03
N LEU B 315 -5.17 -35.68 -7.37
CA LEU B 315 -5.56 -36.94 -8.00
C LEU B 315 -7.07 -36.99 -8.21
N ASN B 316 -7.83 -36.42 -7.28
CA ASN B 316 -9.28 -36.42 -7.43
C ASN B 316 -9.67 -35.59 -8.65
N ALA B 317 -8.99 -34.46 -8.84
CA ALA B 317 -9.25 -33.59 -9.98
C ALA B 317 -8.89 -34.31 -11.27
N ALA B 318 -7.76 -35.01 -11.24
CA ALA B 318 -7.29 -35.75 -12.42
C ALA B 318 -8.35 -36.79 -12.82
N LYS B 319 -8.87 -37.50 -11.82
CA LYS B 319 -9.89 -38.52 -12.05
C LYS B 319 -11.13 -37.91 -12.72
N ARG B 320 -11.53 -36.73 -12.25
CA ARG B 320 -12.70 -36.07 -12.81
C ARG B 320 -12.45 -35.73 -14.28
N ALA B 321 -11.26 -35.24 -14.57
CA ALA B 321 -10.90 -34.88 -15.94
C ALA B 321 -10.80 -36.11 -16.84
N LEU B 322 -10.23 -37.18 -16.29
CA LEU B 322 -10.06 -38.42 -17.03
C LEU B 322 -11.37 -39.18 -17.25
N ASP B 323 -12.25 -39.16 -16.26
CA ASP B 323 -13.52 -39.88 -16.35
C ASP B 323 -14.63 -39.11 -17.05
N TYR B 324 -14.42 -37.82 -17.29
CA TYR B 324 -15.44 -36.99 -17.95
C TYR B 324 -15.80 -37.48 -19.34
N HIS C 6 1.56 17.14 39.17
CA HIS C 6 2.93 17.00 38.61
C HIS C 6 2.89 16.41 37.20
N ARG C 7 3.87 16.79 36.38
CA ARG C 7 3.95 16.31 35.01
C ARG C 7 5.38 15.88 34.69
N PHE C 8 5.58 15.35 33.48
CA PHE C 8 6.90 14.93 33.05
C PHE C 8 7.40 15.79 31.90
N GLU C 9 8.71 15.97 31.84
CA GLU C 9 9.32 16.77 30.79
C GLU C 9 9.27 16.03 29.45
N THR C 10 8.90 16.75 28.40
CA THR C 10 8.81 16.17 27.07
C THR C 10 10.15 16.30 26.36
N PHE C 11 10.41 15.41 25.41
CA PHE C 11 11.64 15.43 24.62
C PHE C 11 12.91 15.61 25.44
N THR C 12 13.02 14.93 26.58
CA THR C 12 14.20 15.07 27.41
C THR C 12 15.44 14.46 26.77
N GLU C 13 16.58 15.00 27.14
CA GLU C 13 17.88 14.55 26.65
C GLU C 13 18.10 13.13 27.17
N GLU C 14 17.98 12.99 28.47
CA GLU C 14 18.16 11.70 29.14
C GLU C 14 16.79 11.07 29.38
N PRO C 15 16.69 9.75 29.18
CA PRO C 15 15.41 9.09 29.42
C PRO C 15 14.95 9.25 30.87
N ILE C 16 13.65 9.47 31.05
CA ILE C 16 13.08 9.65 32.38
C ILE C 16 13.24 8.38 33.20
N ARG C 17 13.69 8.55 34.44
CA ARG C 17 13.85 7.40 35.35
C ARG C 17 13.43 7.81 36.77
N LEU C 18 12.84 6.86 37.49
CA LEU C 18 12.38 7.11 38.84
C LEU C 18 13.03 6.19 39.87
N ILE C 19 13.61 5.10 39.40
CA ILE C 19 14.28 4.15 40.29
C ILE C 19 15.79 4.30 40.21
N GLY C 20 16.41 4.65 41.34
CA GLY C 20 17.85 4.81 41.36
C GLY C 20 18.58 3.51 41.22
N GLU C 21 19.90 3.60 41.08
CA GLU C 21 20.75 2.43 40.93
C GLU C 21 20.73 1.54 42.18
N GLU C 22 20.56 2.17 43.34
CA GLU C 22 20.54 1.43 44.60
C GLU C 22 19.12 1.23 45.12
N GLY C 23 18.14 1.33 44.24
CA GLY C 23 16.75 1.14 44.63
C GLY C 23 16.07 2.33 45.27
N GLU C 24 16.67 3.51 45.16
CA GLU C 24 16.08 4.71 45.75
C GLU C 24 15.11 5.39 44.79
N TRP C 25 14.14 6.11 45.37
CA TRP C 25 13.14 6.83 44.59
C TRP C 25 13.76 8.15 44.13
N LEU C 26 13.67 8.44 42.83
CA LEU C 26 14.25 9.66 42.27
C LEU C 26 13.23 10.70 41.81
N GLY C 27 11.94 10.39 41.94
CA GLY C 27 10.93 11.33 41.50
C GLY C 27 10.86 12.64 42.26
N ASP C 28 10.37 13.68 41.60
CA ASP C 28 10.23 14.99 42.24
C ASP C 28 9.08 14.87 43.22
N PHE C 29 7.99 14.27 42.75
CA PHE C 29 6.81 14.07 43.56
C PHE C 29 6.99 12.87 44.47
N PRO C 30 6.18 12.77 45.53
CA PRO C 30 6.30 11.64 46.45
C PRO C 30 5.61 10.42 45.85
N LEU C 31 6.23 9.26 45.99
CA LEU C 31 5.68 8.02 45.46
C LEU C 31 4.28 7.85 46.07
N ASP C 32 3.27 7.72 45.21
CA ASP C 32 1.90 7.56 45.70
C ASP C 32 1.23 6.23 45.38
N LEU C 33 2.04 5.19 45.18
CA LEU C 33 1.51 3.85 44.91
C LEU C 33 1.64 3.05 46.20
N GLU C 34 0.56 2.43 46.64
CA GLU C 34 0.60 1.64 47.87
C GLU C 34 1.52 0.43 47.73
N GLY C 35 2.12 0.01 48.85
CA GLY C 35 3.02 -1.12 48.83
C GLY C 35 2.44 -2.33 48.14
N GLU C 36 1.14 -2.55 48.33
CA GLU C 36 0.44 -3.68 47.73
C GLU C 36 0.46 -3.60 46.19
N LYS C 37 0.28 -2.40 45.66
CA LYS C 37 0.30 -2.21 44.21
C LYS C 37 1.72 -2.40 43.69
N LEU C 38 2.70 -1.92 44.44
CA LEU C 38 4.11 -2.07 44.06
C LEU C 38 4.48 -3.54 43.94
N ARG C 39 3.99 -4.34 44.88
CA ARG C 39 4.28 -5.78 44.86
C ARG C 39 3.59 -6.43 43.68
N ARG C 40 2.43 -5.92 43.31
CA ARG C 40 1.69 -6.46 42.17
C ARG C 40 2.49 -6.25 40.88
N LEU C 41 3.11 -5.09 40.74
CA LEU C 41 3.90 -4.80 39.55
C LEU C 41 5.02 -5.84 39.42
N TYR C 42 5.69 -6.10 40.53
CA TYR C 42 6.80 -7.06 40.54
C TYR C 42 6.28 -8.46 40.20
N ARG C 43 5.16 -8.81 40.80
CA ARG C 43 4.53 -10.11 40.61
C ARG C 43 4.23 -10.34 39.13
N ASP C 44 3.65 -9.33 38.48
CA ASP C 44 3.31 -9.43 37.07
C ASP C 44 4.56 -9.50 36.18
N MET C 45 5.62 -8.82 36.57
CA MET C 45 6.85 -8.87 35.78
C MET C 45 7.45 -10.28 35.87
N LEU C 46 7.41 -10.87 37.06
CA LEU C 46 7.92 -12.22 37.23
C LEU C 46 7.09 -13.20 36.41
N ALA C 47 5.77 -13.02 36.45
CA ALA C 47 4.88 -13.88 35.70
C ALA C 47 5.19 -13.77 34.19
N ALA C 48 5.38 -12.55 33.72
CA ALA C 48 5.69 -12.32 32.30
C ALA C 48 7.00 -13.01 31.93
N ARG C 49 8.02 -12.83 32.75
CA ARG C 49 9.33 -13.42 32.50
C ARG C 49 9.24 -14.95 32.49
N MET C 50 8.50 -15.52 33.44
CA MET C 50 8.35 -16.96 33.51
C MET C 50 7.52 -17.51 32.35
N LEU C 51 6.59 -16.69 31.85
CA LEU C 51 5.77 -17.13 30.72
C LEU C 51 6.69 -17.21 29.51
N ASP C 52 7.57 -16.22 29.38
CA ASP C 52 8.51 -16.15 28.29
C ASP C 52 9.42 -17.38 28.32
N GLU C 53 9.81 -17.79 29.53
CA GLU C 53 10.69 -18.93 29.67
C GLU C 53 9.94 -20.23 29.42
N ARG C 54 8.63 -20.24 29.68
CA ARG C 54 7.83 -21.42 29.42
C ARG C 54 7.63 -21.56 27.90
N TYR C 55 7.60 -20.42 27.21
CA TYR C 55 7.46 -20.41 25.75
C TYR C 55 8.70 -21.03 25.12
N THR C 56 9.86 -20.74 25.70
CA THR C 56 11.12 -21.29 25.20
C THR C 56 11.07 -22.81 25.27
N ILE C 57 10.47 -23.32 26.35
CA ILE C 57 10.34 -24.75 26.53
C ILE C 57 9.35 -25.33 25.52
N LEU C 58 8.27 -24.61 25.23
CA LEU C 58 7.27 -25.07 24.27
C LEU C 58 7.91 -25.28 22.91
N ILE C 59 8.89 -24.45 22.57
CA ILE C 59 9.59 -24.57 21.30
C ILE C 59 10.42 -25.85 21.32
N ARG C 60 11.19 -26.05 22.39
CA ARG C 60 12.03 -27.22 22.54
C ARG C 60 11.26 -28.53 22.43
N THR C 61 10.05 -28.56 22.97
CA THR C 61 9.24 -29.77 22.93
C THR C 61 8.36 -29.82 21.69
N GLY C 62 8.41 -28.78 20.88
CA GLY C 62 7.61 -28.75 19.66
C GLY C 62 6.13 -28.48 19.88
N LYS C 63 5.75 -28.03 21.08
CA LYS C 63 4.35 -27.73 21.38
C LYS C 63 3.89 -26.51 20.58
N THR C 64 4.81 -25.60 20.28
CA THR C 64 4.50 -24.42 19.50
C THR C 64 5.59 -24.28 18.44
N SER C 65 5.26 -23.65 17.31
CA SER C 65 6.21 -23.52 16.21
C SER C 65 6.89 -22.16 16.13
N PHE C 66 6.50 -21.22 16.98
CA PHE C 66 7.07 -19.89 16.90
C PHE C 66 6.86 -19.09 18.19
N ILE C 67 7.90 -18.37 18.59
CA ILE C 67 7.81 -17.51 19.77
C ILE C 67 8.63 -16.26 19.49
N ALA C 68 8.26 -15.17 20.16
CA ALA C 68 8.96 -13.89 20.02
C ALA C 68 9.33 -13.51 21.45
N PRO C 69 10.54 -13.88 21.89
CA PRO C 69 11.03 -13.57 23.25
C PRO C 69 10.80 -12.13 23.68
N ALA C 70 10.15 -11.95 24.82
CA ALA C 70 9.87 -10.62 25.33
C ALA C 70 10.70 -10.32 26.58
N ALA C 71 11.61 -11.22 26.93
CA ALA C 71 12.45 -11.01 28.10
C ALA C 71 13.19 -9.69 27.92
N GLY C 72 13.04 -8.80 28.89
CA GLY C 72 13.67 -7.50 28.81
C GLY C 72 12.63 -6.41 28.62
N HIS C 73 11.43 -6.80 28.20
CA HIS C 73 10.32 -5.87 27.99
C HIS C 73 9.31 -5.86 29.14
N GLU C 74 9.55 -6.67 30.18
CA GLU C 74 8.59 -6.76 31.28
C GLU C 74 8.18 -5.47 31.98
N ALA C 75 9.13 -4.58 32.27
CA ALA C 75 8.80 -3.33 32.93
C ALA C 75 7.86 -2.49 32.06
N ALA C 76 8.16 -2.41 30.77
CA ALA C 76 7.35 -1.65 29.84
C ALA C 76 5.94 -2.22 29.70
N GLN C 77 5.86 -3.52 29.40
CA GLN C 77 4.58 -4.18 29.23
C GLN C 77 3.69 -4.21 30.47
N VAL C 78 4.28 -4.49 31.62
CA VAL C 78 3.51 -4.54 32.86
C VAL C 78 3.04 -3.14 33.26
N ALA C 79 3.89 -2.14 33.04
CA ALA C 79 3.54 -0.76 33.37
C ALA C 79 2.33 -0.31 32.55
N ILE C 80 2.33 -0.67 31.27
CA ILE C 80 1.24 -0.31 30.37
C ILE C 80 -0.08 -0.96 30.81
N ALA C 81 -0.02 -2.25 31.15
CA ALA C 81 -1.22 -2.96 31.59
C ALA C 81 -1.84 -2.30 32.82
N HIS C 82 -1.00 -1.77 33.69
CA HIS C 82 -1.47 -1.12 34.92
C HIS C 82 -1.81 0.36 34.77
N ALA C 83 -1.35 0.99 33.70
CA ALA C 83 -1.64 2.41 33.49
C ALA C 83 -3.01 2.63 32.87
N ILE C 84 -3.61 1.57 32.32
CA ILE C 84 -4.93 1.67 31.71
C ILE C 84 -5.97 0.92 32.53
N ARG C 85 -7.20 0.91 32.06
CA ARG C 85 -8.28 0.21 32.75
C ARG C 85 -8.66 -1.01 31.94
N PRO C 86 -8.12 -2.18 32.31
CA PRO C 86 -8.42 -3.41 31.59
C PRO C 86 -9.91 -3.71 31.46
N GLY C 87 -10.33 -4.08 30.26
CA GLY C 87 -11.74 -4.39 30.04
C GLY C 87 -12.54 -3.15 29.69
N PHE C 88 -11.93 -1.97 29.84
CA PHE C 88 -12.59 -0.71 29.54
C PHE C 88 -11.84 -0.04 28.39
N ASP C 89 -10.57 0.27 28.62
CA ASP C 89 -9.73 0.88 27.59
C ASP C 89 -9.37 -0.21 26.57
N TRP C 90 -8.94 0.21 25.38
CA TRP C 90 -8.56 -0.73 24.34
C TRP C 90 -7.05 -0.78 24.16
N VAL C 91 -6.56 -1.95 23.77
CA VAL C 91 -5.14 -2.15 23.54
C VAL C 91 -4.93 -2.69 22.13
N PHE C 92 -4.00 -2.09 21.40
CA PHE C 92 -3.65 -2.51 20.04
C PHE C 92 -2.17 -2.90 20.13
N PRO C 93 -1.90 -4.16 20.45
CA PRO C 93 -0.55 -4.73 20.61
C PRO C 93 0.06 -5.35 19.36
N TYR C 94 1.30 -5.80 19.50
CA TYR C 94 1.98 -6.50 18.42
C TYR C 94 2.44 -7.84 18.98
N TYR C 95 3.03 -8.67 18.13
CA TYR C 95 3.47 -10.02 18.52
C TYR C 95 4.29 -10.23 19.79
N ARG C 96 5.10 -9.25 20.19
CA ARG C 96 5.94 -9.45 21.37
C ARG C 96 5.28 -9.07 22.71
N ASP C 97 4.02 -8.67 22.66
CA ASP C 97 3.33 -8.25 23.89
C ASP C 97 2.62 -9.30 24.74
N HIS C 98 3.09 -10.55 24.73
CA HIS C 98 2.38 -11.54 25.57
C HIS C 98 2.51 -11.22 27.06
N GLY C 99 3.55 -10.47 27.43
CA GLY C 99 3.72 -10.09 28.83
C GLY C 99 2.61 -9.12 29.19
N LEU C 100 2.34 -8.19 28.28
CA LEU C 100 1.29 -7.20 28.46
C LEU C 100 -0.07 -7.89 28.50
N ALA C 101 -0.26 -8.86 27.61
CA ALA C 101 -1.52 -9.60 27.56
C ALA C 101 -1.78 -10.29 28.89
N LEU C 102 -0.76 -10.94 29.44
CA LEU C 102 -0.90 -11.65 30.71
C LEU C 102 -1.24 -10.67 31.85
N ALA C 103 -0.47 -9.60 31.96
CA ALA C 103 -0.69 -8.62 33.02
C ALA C 103 -2.05 -7.93 32.87
N LEU C 104 -2.56 -7.89 31.63
CA LEU C 104 -3.84 -7.26 31.36
C LEU C 104 -4.98 -8.12 31.90
N GLY C 105 -4.74 -9.41 32.04
CA GLY C 105 -5.77 -10.29 32.56
C GLY C 105 -6.23 -11.40 31.63
N ILE C 106 -5.65 -11.48 30.43
CA ILE C 106 -6.03 -12.52 29.51
C ILE C 106 -5.61 -13.87 30.08
N PRO C 107 -6.56 -14.81 30.18
CA PRO C 107 -6.30 -16.15 30.74
C PRO C 107 -5.16 -16.89 30.05
N LEU C 108 -4.29 -17.51 30.83
CA LEU C 108 -3.18 -18.26 30.28
C LEU C 108 -3.70 -19.33 29.33
N LYS C 109 -4.90 -19.82 29.61
CA LYS C 109 -5.54 -20.83 28.80
C LYS C 109 -5.69 -20.34 27.35
N GLU C 110 -6.10 -19.08 27.22
CA GLU C 110 -6.29 -18.47 25.91
C GLU C 110 -4.96 -18.14 25.24
N LEU C 111 -3.99 -17.66 26.01
CA LEU C 111 -2.68 -17.33 25.43
C LEU C 111 -2.01 -18.60 24.93
N LEU C 112 -1.98 -19.62 25.77
CA LEU C 112 -1.37 -20.90 25.42
C LEU C 112 -2.18 -21.62 24.36
N GLY C 113 -3.49 -21.42 24.39
CA GLY C 113 -4.35 -22.04 23.40
C GLY C 113 -4.00 -21.52 22.01
N GLN C 114 -3.69 -20.23 21.93
CA GLN C 114 -3.33 -19.61 20.65
C GLN C 114 -1.93 -20.06 20.24
N MET C 115 -1.03 -20.24 21.21
CA MET C 115 0.33 -20.68 20.90
C MET C 115 0.32 -22.11 20.36
N LEU C 116 -0.62 -22.91 20.85
CA LEU C 116 -0.73 -24.31 20.46
C LEU C 116 -1.80 -24.57 19.40
N ALA C 117 -2.59 -23.55 19.08
CA ALA C 117 -3.65 -23.67 18.09
C ALA C 117 -4.70 -24.71 18.48
N THR C 118 -5.12 -24.71 19.73
CA THR C 118 -6.15 -25.63 20.19
C THR C 118 -7.46 -24.85 20.28
N LYS C 119 -8.55 -25.53 20.58
CA LYS C 119 -9.85 -24.88 20.69
C LYS C 119 -9.92 -23.90 21.85
N ALA C 120 -8.88 -23.87 22.69
CA ALA C 120 -8.86 -22.96 23.81
C ALA C 120 -8.55 -21.54 23.29
N ASP C 121 -8.09 -21.46 22.05
CA ASP C 121 -7.78 -20.18 21.44
C ASP C 121 -9.06 -19.51 20.97
N PRO C 122 -9.41 -18.35 21.54
CA PRO C 122 -10.64 -17.69 21.08
C PRO C 122 -10.50 -17.26 19.63
N ASN C 123 -9.25 -17.22 19.16
CA ASN C 123 -8.96 -16.83 17.78
C ASN C 123 -8.97 -18.05 16.87
N LYS C 124 -9.42 -19.17 17.43
CA LYS C 124 -9.58 -20.43 16.70
C LYS C 124 -8.40 -21.02 15.92
N GLY C 125 -7.18 -20.79 16.41
CA GLY C 125 -6.00 -21.31 15.73
C GLY C 125 -5.87 -20.87 14.30
N ARG C 126 -6.42 -19.70 13.98
CA ARG C 126 -6.37 -19.15 12.63
C ARG C 126 -4.98 -18.62 12.25
N GLN C 127 -4.22 -18.16 13.22
CA GLN C 127 -2.89 -17.60 12.96
C GLN C 127 -1.74 -18.35 13.63
N MET C 128 -0.51 -18.03 13.23
CA MET C 128 0.59 -18.70 13.87
C MET C 128 0.77 -18.12 15.29
N PRO C 129 1.54 -18.82 16.14
CA PRO C 129 1.77 -18.38 17.52
C PRO C 129 2.14 -16.90 17.64
N GLU C 130 1.90 -16.35 18.84
CA GLU C 130 2.19 -14.95 19.15
C GLU C 130 1.20 -13.99 18.49
N HIS C 131 -0.01 -14.48 18.23
CA HIS C 131 -1.04 -13.63 17.64
C HIS C 131 -2.29 -13.67 18.53
N PRO C 132 -2.13 -13.34 19.82
CA PRO C 132 -3.29 -13.35 20.72
C PRO C 132 -4.29 -12.25 20.41
N GLY C 133 -5.48 -12.36 21.00
CA GLY C 133 -6.52 -11.38 20.80
C GLY C 133 -7.67 -11.73 21.73
N SER C 134 -8.28 -10.72 22.33
CA SER C 134 -9.38 -10.95 23.26
C SER C 134 -10.46 -9.89 23.22
N LYS C 135 -11.67 -10.31 22.84
CA LYS C 135 -12.80 -9.40 22.78
C LYS C 135 -13.11 -8.90 24.18
N ALA C 136 -13.12 -9.81 25.15
CA ALA C 136 -13.44 -9.47 26.53
C ALA C 136 -12.54 -8.38 27.11
N LEU C 137 -11.26 -8.39 26.75
CA LEU C 137 -10.33 -7.40 27.28
C LEU C 137 -9.89 -6.33 26.27
N ASN C 138 -10.69 -6.16 25.23
CA ASN C 138 -10.42 -5.17 24.18
C ASN C 138 -8.97 -5.23 23.71
N PHE C 139 -8.48 -6.45 23.52
CA PHE C 139 -7.11 -6.68 23.08
C PHE C 139 -7.22 -7.05 21.60
N PHE C 140 -7.16 -6.03 20.75
CA PHE C 140 -7.29 -6.18 19.29
C PHE C 140 -6.33 -7.23 18.73
N THR C 141 -6.89 -8.34 18.23
CA THR C 141 -6.08 -9.44 17.70
C THR C 141 -4.89 -9.00 16.87
N VAL C 142 -3.72 -9.46 17.29
CA VAL C 142 -2.45 -9.17 16.62
C VAL C 142 -2.48 -9.49 15.13
N ALA C 143 -1.92 -8.60 14.32
CA ALA C 143 -1.81 -8.79 12.87
C ALA C 143 -0.30 -8.78 12.58
N SER C 144 0.13 -9.55 11.60
CA SER C 144 1.56 -9.63 11.29
C SER C 144 2.24 -8.42 10.65
N PRO C 145 1.60 -7.77 9.67
CA PRO C 145 2.29 -6.62 9.07
C PRO C 145 2.63 -5.50 10.06
N ILE C 146 3.93 -5.25 10.18
CA ILE C 146 4.46 -4.23 11.09
C ILE C 146 3.72 -2.90 10.95
N ALA C 147 3.27 -2.37 12.09
CA ALA C 147 2.57 -1.09 12.16
C ALA C 147 1.16 -1.06 11.56
N SER C 148 0.69 -2.16 10.99
CA SER C 148 -0.64 -2.17 10.38
C SER C 148 -1.75 -1.89 11.39
N HIS C 149 -1.45 -2.08 12.68
CA HIS C 149 -2.44 -1.85 13.71
C HIS C 149 -2.49 -0.41 14.22
N VAL C 150 -1.60 0.44 13.69
CA VAL C 150 -1.59 1.84 14.13
C VAL C 150 -2.80 2.63 13.60
N PRO C 151 -3.09 2.57 12.28
CA PRO C 151 -4.27 3.34 11.85
C PRO C 151 -5.55 2.85 12.55
N PRO C 152 -5.72 1.53 12.71
CA PRO C 152 -6.92 1.02 13.39
C PRO C 152 -7.02 1.59 14.82
N ALA C 153 -5.90 1.65 15.51
CA ALA C 153 -5.86 2.19 16.86
C ALA C 153 -6.37 3.62 16.85
N ALA C 154 -5.92 4.39 15.86
CA ALA C 154 -6.34 5.79 15.73
C ALA C 154 -7.86 5.86 15.50
N GLY C 155 -8.37 4.94 14.68
CA GLY C 155 -9.79 4.89 14.39
C GLY C 155 -10.65 4.57 15.61
N ALA C 156 -10.22 3.60 16.42
CA ALA C 156 -10.96 3.22 17.60
C ALA C 156 -10.99 4.42 18.55
N ALA C 157 -9.86 5.12 18.65
CA ALA C 157 -9.76 6.30 19.52
C ALA C 157 -10.72 7.39 19.04
N ILE C 158 -10.81 7.56 17.72
CA ILE C 158 -11.71 8.56 17.15
C ILE C 158 -13.14 8.18 17.50
N SER C 159 -13.44 6.88 17.46
CA SER C 159 -14.78 6.39 17.80
C SER C 159 -15.08 6.66 19.27
N MET C 160 -14.09 6.43 20.15
CA MET C 160 -14.27 6.66 21.58
C MET C 160 -14.60 8.13 21.81
N LYS C 161 -13.95 9.00 21.06
CA LYS C 161 -14.17 10.44 21.18
C LYS C 161 -15.56 10.85 20.70
N LEU C 162 -15.94 10.39 19.51
CA LEU C 162 -17.24 10.74 18.95
C LEU C 162 -18.40 10.18 19.78
N LEU C 163 -18.21 8.98 20.32
CA LEU C 163 -19.25 8.35 21.12
C LEU C 163 -19.15 8.75 22.60
N ARG C 164 -18.12 9.52 22.93
CA ARG C 164 -17.89 9.98 24.29
C ARG C 164 -17.97 8.85 25.31
N THR C 165 -17.20 7.79 25.05
CA THR C 165 -17.18 6.64 25.94
C THR C 165 -16.28 6.86 27.15
N GLY C 166 -15.36 7.81 27.03
CA GLY C 166 -14.43 8.09 28.12
C GLY C 166 -13.29 7.07 28.11
N GLN C 167 -13.23 6.25 27.07
CA GLN C 167 -12.18 5.24 26.95
C GLN C 167 -10.94 5.83 26.29
N VAL C 168 -9.87 5.06 26.34
CA VAL C 168 -8.60 5.44 25.73
C VAL C 168 -8.08 4.20 25.01
N ALA C 169 -7.36 4.42 23.91
CA ALA C 169 -6.79 3.31 23.16
C ALA C 169 -5.27 3.43 23.23
N VAL C 170 -4.61 2.37 23.67
CA VAL C 170 -3.15 2.39 23.72
C VAL C 170 -2.67 1.49 22.60
N CYS C 171 -1.63 1.94 21.90
CA CYS C 171 -1.08 1.21 20.77
C CYS C 171 0.42 1.01 20.96
N THR C 172 0.84 -0.25 21.03
CA THR C 172 2.25 -0.58 21.23
C THR C 172 2.88 -1.14 19.97
N PHE C 173 4.17 -0.87 19.79
CA PHE C 173 4.92 -1.30 18.63
C PHE C 173 6.41 -1.16 18.93
N GLY C 174 7.26 -1.80 18.10
CA GLY C 174 8.69 -1.73 18.30
C GLY C 174 9.33 -0.57 17.56
N ASP C 175 10.64 -0.44 17.66
CA ASP C 175 11.34 0.66 16.98
C ASP C 175 11.26 0.54 15.45
N GLY C 176 11.35 -0.69 14.93
CA GLY C 176 11.27 -0.87 13.50
C GLY C 176 9.96 -0.38 12.91
N ALA C 177 8.87 -0.56 13.65
CA ALA C 177 7.55 -0.16 13.20
C ALA C 177 7.44 1.33 12.90
N THR C 178 8.27 2.15 13.55
CA THR C 178 8.22 3.58 13.33
C THR C 178 8.72 4.02 11.96
N SER C 179 9.24 3.07 11.18
CA SER C 179 9.73 3.39 9.84
C SER C 179 8.67 3.18 8.77
N GLU C 180 7.59 2.50 9.12
CA GLU C 180 6.51 2.23 8.18
C GLU C 180 5.64 3.46 7.94
N GLY C 181 5.18 3.62 6.70
CA GLY C 181 4.34 4.75 6.37
C GLY C 181 3.03 4.75 7.14
N ASP C 182 2.45 3.58 7.37
CA ASP C 182 1.18 3.48 8.08
C ASP C 182 1.29 3.93 9.53
N TRP C 183 2.48 3.79 10.11
CA TRP C 183 2.71 4.23 11.48
C TRP C 183 2.48 5.75 11.50
N TYR C 184 3.22 6.45 10.64
CA TYR C 184 3.13 7.89 10.52
C TYR C 184 1.72 8.38 10.15
N ALA C 185 1.15 7.77 9.12
CA ALA C 185 -0.18 8.16 8.64
C ALA C 185 -1.26 8.02 9.70
N GLY C 186 -1.23 6.91 10.43
CA GLY C 186 -2.21 6.68 11.47
C GLY C 186 -2.11 7.66 12.62
N ILE C 187 -0.90 7.87 13.12
CA ILE C 187 -0.70 8.80 14.22
C ILE C 187 -1.05 10.23 13.82
N ASN C 188 -0.69 10.62 12.59
CA ASN C 188 -0.99 11.96 12.08
C ASN C 188 -2.50 12.24 12.13
N PHE C 189 -3.30 11.25 11.73
CA PHE C 189 -4.75 11.42 11.75
C PHE C 189 -5.28 11.50 13.18
N ALA C 190 -4.74 10.65 14.05
CA ALA C 190 -5.16 10.65 15.45
C ALA C 190 -4.86 12.01 16.08
N ALA C 191 -3.70 12.58 15.74
CA ALA C 191 -3.30 13.86 16.28
C ALA C 191 -4.19 15.00 15.78
N VAL C 192 -4.52 14.99 14.50
CA VAL C 192 -5.37 16.02 13.92
C VAL C 192 -6.75 16.00 14.59
N GLN C 193 -7.24 14.80 14.87
CA GLN C 193 -8.54 14.62 15.50
C GLN C 193 -8.53 14.79 17.01
N GLY C 194 -7.34 14.93 17.60
CA GLY C 194 -7.24 15.07 19.04
C GLY C 194 -7.84 13.84 19.70
N ALA C 195 -7.66 12.69 19.07
CA ALA C 195 -8.20 11.42 19.57
C ALA C 195 -7.50 10.89 20.82
N PRO C 196 -8.25 10.22 21.70
CA PRO C 196 -7.71 9.65 22.94
C PRO C 196 -6.93 8.37 22.68
N ALA C 197 -5.73 8.53 22.12
CA ALA C 197 -4.87 7.39 21.80
C ALA C 197 -3.45 7.67 22.28
N VAL C 198 -2.81 6.65 22.84
CA VAL C 198 -1.43 6.78 23.29
C VAL C 198 -0.60 5.77 22.52
N PHE C 199 0.39 6.27 21.79
CA PHE C 199 1.26 5.46 20.98
C PHE C 199 2.55 5.22 21.75
N ILE C 200 2.82 3.94 22.02
CA ILE C 200 3.98 3.57 22.82
C ILE C 200 4.98 2.67 22.11
N ALA C 201 6.21 3.15 22.02
CA ALA C 201 7.27 2.38 21.38
C ALA C 201 8.07 1.60 22.41
N GLU C 202 8.19 0.29 22.17
CA GLU C 202 8.99 -0.58 23.02
C GLU C 202 10.25 -0.67 22.17
N ASN C 203 11.14 0.30 22.35
CA ASN C 203 12.36 0.39 21.58
C ASN C 203 13.50 -0.45 22.15
N ASN C 204 13.83 -1.56 21.47
CA ASN C 204 14.92 -2.41 21.94
C ASN C 204 16.16 -2.23 21.04
N PHE C 205 16.14 -1.18 20.23
CA PHE C 205 17.25 -0.81 19.36
C PHE C 205 17.52 -1.75 18.19
N TYR C 206 16.61 -2.68 17.93
CA TYR C 206 16.77 -3.62 16.83
C TYR C 206 15.44 -4.01 16.20
N ALA C 207 15.49 -4.25 14.89
CA ALA C 207 14.34 -4.69 14.10
C ALA C 207 14.93 -5.96 13.49
N ILE C 208 14.87 -7.04 14.27
CA ILE C 208 15.47 -8.32 13.92
C ILE C 208 16.98 -8.07 13.98
N SER C 209 17.62 -7.86 12.82
CA SER C 209 19.06 -7.63 12.79
C SER C 209 19.45 -6.19 12.49
N VAL C 210 18.51 -5.41 11.96
CA VAL C 210 18.80 -4.01 11.62
C VAL C 210 18.79 -3.17 12.90
N ASP C 211 19.91 -2.51 13.20
CA ASP C 211 19.99 -1.67 14.39
C ASP C 211 19.35 -0.30 14.21
N TYR C 212 19.09 0.37 15.33
CA TYR C 212 18.46 1.69 15.34
C TYR C 212 19.08 2.68 14.34
N ARG C 213 20.40 2.74 14.34
CA ARG C 213 21.15 3.64 13.46
C ARG C 213 20.79 3.44 11.98
N HIS C 214 20.50 2.20 11.60
CA HIS C 214 20.14 1.91 10.22
C HIS C 214 18.63 1.86 10.03
N GLN C 215 17.91 2.20 11.09
CA GLN C 215 16.45 2.21 11.08
C GLN C 215 15.91 3.61 10.81
N THR C 216 16.45 4.59 11.54
CA THR C 216 16.02 5.97 11.39
C THR C 216 17.17 6.89 11.79
N HIS C 217 17.14 8.13 11.30
CA HIS C 217 18.18 9.10 11.59
C HIS C 217 17.81 10.08 12.72
N SER C 218 16.58 10.00 13.23
CA SER C 218 16.21 10.87 14.33
C SER C 218 16.91 10.30 15.57
N PRO C 219 17.54 11.16 16.38
CA PRO C 219 18.22 10.64 17.58
C PRO C 219 17.35 9.76 18.47
N THR C 220 16.05 10.03 18.48
CA THR C 220 15.13 9.24 19.30
C THR C 220 13.79 9.08 18.58
N ILE C 221 12.98 8.16 19.09
CA ILE C 221 11.66 7.94 18.53
C ILE C 221 10.76 9.06 19.07
N ALA C 222 10.98 9.44 20.32
CA ALA C 222 10.20 10.51 20.95
C ALA C 222 10.24 11.79 20.11
N ASP C 223 11.39 12.07 19.49
CA ASP C 223 11.54 13.26 18.65
C ASP C 223 10.55 13.28 17.49
N LYS C 224 10.15 12.09 17.04
CA LYS C 224 9.22 12.00 15.92
C LYS C 224 7.88 12.66 16.26
N ALA C 225 7.57 12.80 17.55
CA ALA C 225 6.32 13.42 17.97
C ALA C 225 6.18 14.85 17.42
N HIS C 226 7.30 15.50 17.12
CA HIS C 226 7.25 16.86 16.59
C HIS C 226 6.54 16.91 15.24
N ALA C 227 6.58 15.80 14.50
CA ALA C 227 5.94 15.73 13.20
C ALA C 227 4.42 15.75 13.30
N PHE C 228 3.90 15.54 14.52
CA PHE C 228 2.46 15.52 14.72
C PHE C 228 1.99 16.64 15.65
N GLY C 229 2.93 17.38 16.22
CA GLY C 229 2.56 18.45 17.13
C GLY C 229 2.00 17.91 18.44
N ILE C 230 2.45 16.71 18.82
CA ILE C 230 1.99 16.10 20.07
C ILE C 230 3.18 15.90 20.98
N PRO C 231 2.92 15.74 22.29
CA PRO C 231 4.04 15.53 23.22
C PRO C 231 4.76 14.20 23.01
N GLY C 232 6.08 14.23 23.14
CA GLY C 232 6.88 13.03 22.99
C GLY C 232 7.69 12.86 24.25
N TYR C 233 7.79 11.61 24.74
CA TYR C 233 8.52 11.32 25.97
C TYR C 233 9.58 10.24 25.78
N LEU C 234 10.76 10.47 26.35
CA LEU C 234 11.87 9.52 26.31
C LEU C 234 11.93 8.93 27.71
N VAL C 235 11.68 7.62 27.81
CA VAL C 235 11.63 6.96 29.10
C VAL C 235 12.54 5.74 29.23
N ASP C 236 12.99 5.48 30.45
CA ASP C 236 13.81 4.31 30.75
C ASP C 236 12.82 3.16 30.87
N GLY C 237 12.70 2.37 29.80
CA GLY C 237 11.76 1.26 29.79
C GLY C 237 12.10 0.08 30.69
N MET C 238 13.26 0.11 31.33
CA MET C 238 13.65 -0.96 32.24
C MET C 238 13.26 -0.56 33.66
N ASP C 239 12.65 0.62 33.77
CA ASP C 239 12.21 1.20 35.03
C ASP C 239 10.67 1.09 35.03
N VAL C 240 10.14 0.12 35.75
CA VAL C 240 8.69 -0.08 35.78
C VAL C 240 7.92 1.13 36.32
N LEU C 241 8.51 1.89 37.24
CA LEU C 241 7.82 3.04 37.79
C LEU C 241 7.83 4.23 36.83
N ALA C 242 8.96 4.48 36.18
CA ALA C 242 9.04 5.58 35.23
C ALA C 242 8.09 5.28 34.07
N SER C 243 8.08 4.03 33.62
CA SER C 243 7.21 3.62 32.52
C SER C 243 5.74 3.79 32.91
N TYR C 244 5.41 3.33 34.11
CA TYR C 244 4.04 3.44 34.61
C TYR C 244 3.56 4.88 34.71
N TYR C 245 4.33 5.73 35.37
CA TYR C 245 3.93 7.13 35.54
C TYR C 245 3.84 7.94 34.25
N VAL C 246 4.81 7.77 33.36
CA VAL C 246 4.76 8.51 32.11
C VAL C 246 3.60 8.02 31.23
N VAL C 247 3.45 6.71 31.08
CA VAL C 247 2.34 6.19 30.29
C VAL C 247 1.02 6.62 30.92
N LYS C 248 0.95 6.55 32.26
CA LYS C 248 -0.23 6.94 33.01
C LYS C 248 -0.59 8.40 32.71
N GLU C 249 0.40 9.27 32.73
CA GLU C 249 0.17 10.69 32.46
C GLU C 249 -0.38 10.86 31.04
N ALA C 250 0.22 10.16 30.08
CA ALA C 250 -0.24 10.26 28.70
C ALA C 250 -1.67 9.76 28.57
N VAL C 251 -1.99 8.68 29.27
CA VAL C 251 -3.33 8.12 29.25
C VAL C 251 -4.35 9.11 29.82
N GLU C 252 -4.02 9.75 30.94
CA GLU C 252 -4.93 10.70 31.57
C GLU C 252 -5.15 11.92 30.67
N ARG C 253 -4.09 12.34 30.00
CA ARG C 253 -4.17 13.47 29.07
C ARG C 253 -5.15 13.08 27.96
N ALA C 254 -4.98 11.88 27.42
CA ALA C 254 -5.85 11.40 26.36
C ALA C 254 -7.29 11.32 26.86
N ARG C 255 -7.48 10.73 28.03
CA ARG C 255 -8.81 10.56 28.59
C ARG C 255 -9.54 11.89 28.83
N ARG C 256 -8.82 12.94 29.18
CA ARG C 256 -9.48 14.22 29.42
C ARG C 256 -9.69 15.02 28.14
N GLY C 257 -9.37 14.42 27.00
CA GLY C 257 -9.57 15.09 25.72
C GLY C 257 -8.46 15.97 25.19
N GLU C 258 -7.24 15.80 25.68
CA GLU C 258 -6.13 16.62 25.20
C GLU C 258 -5.33 16.00 24.04
N GLY C 259 -5.85 14.92 23.47
CA GLY C 259 -5.16 14.32 22.34
C GLY C 259 -4.10 13.28 22.65
N PRO C 260 -3.51 12.68 21.60
CA PRO C 260 -2.48 11.65 21.72
C PRO C 260 -1.10 12.11 22.17
N SER C 261 -0.25 11.14 22.49
CA SER C 261 1.12 11.35 22.92
C SER C 261 1.92 10.19 22.35
N LEU C 262 3.24 10.38 22.26
CA LEU C 262 4.12 9.31 21.78
C LEU C 262 5.09 9.06 22.91
N VAL C 263 5.05 7.86 23.47
CA VAL C 263 5.94 7.50 24.57
C VAL C 263 6.95 6.46 24.12
N GLU C 264 8.23 6.79 24.26
CA GLU C 264 9.29 5.87 23.89
C GLU C 264 9.82 5.18 25.13
N LEU C 265 9.63 3.87 25.21
CA LEU C 265 10.12 3.10 26.35
C LEU C 265 11.36 2.35 25.88
N ARG C 266 12.53 2.82 26.32
CA ARG C 266 13.78 2.19 25.93
C ARG C 266 13.99 0.91 26.73
N VAL C 267 14.03 -0.21 26.04
CA VAL C 267 14.22 -1.51 26.67
C VAL C 267 15.30 -2.30 25.92
N TYR C 268 15.43 -3.57 26.25
CA TYR C 268 16.39 -4.42 25.57
C TYR C 268 15.81 -5.81 25.38
N ARG C 269 16.01 -6.38 24.20
CA ARG C 269 15.53 -7.71 23.85
C ARG C 269 16.65 -8.70 24.23
N TYR C 270 16.51 -9.37 25.36
CA TYR C 270 17.54 -10.32 25.80
C TYR C 270 17.66 -11.58 24.93
N GLY C 271 16.53 -12.09 24.45
CA GLY C 271 16.57 -13.28 23.62
C GLY C 271 16.72 -12.90 22.16
N PRO C 272 16.69 -13.88 21.23
CA PRO C 272 16.81 -13.58 19.81
C PRO C 272 15.53 -12.91 19.31
N HIS C 273 15.54 -12.40 18.09
CA HIS C 273 14.34 -11.76 17.55
C HIS C 273 13.16 -12.70 17.69
N SER C 274 13.40 -13.98 17.40
CA SER C 274 12.39 -15.01 17.49
C SER C 274 13.05 -16.37 17.41
N SER C 275 12.25 -17.42 17.62
CA SER C 275 12.74 -18.79 17.57
C SER C 275 13.32 -19.13 16.20
N ALA C 276 12.93 -18.35 15.19
CA ALA C 276 13.43 -18.55 13.83
C ALA C 276 14.65 -17.68 13.56
N ASP C 277 15.06 -16.91 14.57
CA ASP C 277 16.21 -16.02 14.46
C ASP C 277 17.47 -16.57 15.13
N ASP C 278 18.59 -15.87 14.94
CA ASP C 278 19.88 -16.25 15.52
C ASP C 278 20.56 -15.01 16.09
N ASP C 279 20.10 -14.56 17.26
CA ASP C 279 20.62 -13.38 17.94
C ASP C 279 22.14 -13.26 17.82
N SER C 280 22.85 -14.18 18.45
CA SER C 280 24.31 -14.18 18.42
C SER C 280 24.83 -14.34 16.99
N ARG C 281 24.69 -13.27 16.21
CA ARG C 281 25.13 -13.27 14.82
C ARG C 281 25.17 -11.84 14.29
N TYR C 282 24.77 -10.88 15.13
CA TYR C 282 24.78 -9.48 14.72
C TYR C 282 24.78 -8.49 15.88
N ARG C 283 25.00 -8.99 17.10
CA ARG C 283 25.04 -8.12 18.28
C ARG C 283 26.28 -8.35 19.13
N PRO C 284 26.93 -7.25 19.56
CA PRO C 284 28.13 -7.31 20.39
C PRO C 284 27.86 -7.80 21.81
N LYS C 285 28.71 -8.68 22.31
CA LYS C 285 28.56 -9.22 23.66
C LYS C 285 28.70 -8.13 24.71
N GLU C 286 29.45 -7.07 24.38
CA GLU C 286 29.65 -5.97 25.31
C GLU C 286 28.34 -5.21 25.52
N GLU C 287 27.56 -5.09 24.45
CA GLU C 287 26.28 -4.40 24.52
C GLU C 287 25.28 -5.27 25.28
N VAL C 288 25.21 -6.54 24.89
CA VAL C 288 24.29 -7.48 25.52
C VAL C 288 24.59 -7.61 27.02
N ALA C 289 25.87 -7.71 27.36
CA ALA C 289 26.27 -7.84 28.76
C ALA C 289 25.90 -6.56 29.49
N PHE C 290 26.16 -5.42 28.87
CA PHE C 290 25.86 -4.13 29.45
C PHE C 290 24.38 -4.01 29.80
N TRP C 291 23.52 -4.56 28.95
CA TRP C 291 22.08 -4.48 29.21
C TRP C 291 21.53 -5.56 30.14
N ARG C 292 22.16 -6.73 30.18
CA ARG C 292 21.69 -7.80 31.06
C ARG C 292 21.81 -7.32 32.50
N LYS C 293 22.71 -6.37 32.70
CA LYS C 293 22.96 -5.79 34.02
C LYS C 293 21.86 -4.77 34.33
N LYS C 294 20.98 -4.55 33.38
CA LYS C 294 19.88 -3.61 33.55
C LYS C 294 18.51 -4.30 33.58
N ASP C 295 18.50 -5.60 33.78
CA ASP C 295 17.27 -6.38 33.84
C ASP C 295 16.28 -5.65 34.77
N PRO C 296 15.07 -5.34 34.27
CA PRO C 296 14.08 -4.64 35.09
C PRO C 296 13.61 -5.39 36.34
N ILE C 297 13.68 -6.71 36.30
CA ILE C 297 13.24 -7.51 37.45
C ILE C 297 14.14 -7.34 38.67
N PRO C 298 15.44 -7.64 38.55
CA PRO C 298 16.32 -7.47 39.72
C PRO C 298 16.34 -6.01 40.17
N ARG C 299 16.22 -5.10 39.20
CA ARG C 299 16.23 -3.68 39.51
C ARG C 299 15.07 -3.28 40.40
N PHE C 300 13.86 -3.73 40.07
CA PHE C 300 12.69 -3.39 40.87
C PHE C 300 12.72 -4.18 42.18
N ARG C 301 13.32 -5.36 42.14
CA ARG C 301 13.44 -6.19 43.34
C ARG C 301 14.23 -5.42 44.38
N ARG C 302 15.33 -4.81 43.96
CA ARG C 302 16.16 -4.04 44.88
C ARG C 302 15.37 -2.85 45.43
N PHE C 303 14.53 -2.24 44.60
CA PHE C 303 13.72 -1.10 45.01
C PHE C 303 12.75 -1.53 46.11
N LEU C 304 12.11 -2.69 45.92
CA LEU C 304 11.16 -3.21 46.88
C LEU C 304 11.84 -3.62 48.19
N GLU C 305 12.96 -4.32 48.05
CA GLU C 305 13.70 -4.80 49.21
C GLU C 305 14.09 -3.67 50.15
N ALA C 306 14.55 -2.55 49.58
CA ALA C 306 14.94 -1.41 50.39
C ALA C 306 13.77 -0.81 51.16
N ARG C 307 12.55 -1.13 50.73
CA ARG C 307 11.35 -0.60 51.36
C ARG C 307 10.60 -1.64 52.17
N GLY C 308 11.20 -2.81 52.36
CA GLY C 308 10.58 -3.88 53.11
C GLY C 308 9.43 -4.53 52.40
N LEU C 309 9.40 -4.41 51.08
CA LEU C 309 8.33 -4.99 50.28
C LEU C 309 8.73 -6.24 49.52
N TRP C 310 9.91 -6.76 49.83
CA TRP C 310 10.41 -7.97 49.20
C TRP C 310 11.35 -8.71 50.13
N ASN C 311 11.25 -10.04 50.10
CA ASN C 311 12.12 -10.90 50.88
C ASN C 311 12.24 -12.19 50.08
N GLU C 312 13.32 -12.93 50.32
CA GLU C 312 13.59 -14.17 49.62
C GLU C 312 12.45 -15.18 49.68
N GLU C 313 11.82 -15.32 50.84
CA GLU C 313 10.71 -16.26 51.00
C GLU C 313 9.53 -15.92 50.10
N TRP C 314 9.21 -14.64 49.99
CA TRP C 314 8.10 -14.22 49.14
C TRP C 314 8.41 -14.57 47.69
N GLU C 315 9.66 -14.35 47.27
CA GLU C 315 10.10 -14.66 45.92
C GLU C 315 9.85 -16.14 45.61
N GLU C 316 10.22 -17.01 46.54
CA GLU C 316 10.03 -18.44 46.36
C GLU C 316 8.56 -18.79 46.20
N ASP C 317 7.72 -18.21 47.06
CA ASP C 317 6.29 -18.48 47.02
C ASP C 317 5.63 -17.99 45.74
N VAL C 318 5.96 -16.77 45.32
CA VAL C 318 5.39 -16.22 44.10
C VAL C 318 5.79 -17.07 42.89
N ARG C 319 7.05 -17.48 42.83
CA ARG C 319 7.51 -18.30 41.71
C ARG C 319 6.80 -19.64 41.66
N GLU C 320 6.54 -20.22 42.83
CA GLU C 320 5.84 -21.50 42.90
C GLU C 320 4.41 -21.32 42.41
N GLU C 321 3.78 -20.22 42.83
CA GLU C 321 2.42 -19.92 42.41
C GLU C 321 2.35 -19.81 40.89
N ILE C 322 3.24 -19.00 40.32
CA ILE C 322 3.28 -18.81 38.87
C ILE C 322 3.56 -20.13 38.15
N ARG C 323 4.51 -20.91 38.66
CA ARG C 323 4.84 -22.19 38.06
C ARG C 323 3.57 -23.03 37.94
N ALA C 324 2.79 -23.08 39.01
CA ALA C 324 1.54 -23.84 39.04
C ALA C 324 0.50 -23.27 38.09
N GLU C 325 0.43 -21.94 38.01
CA GLU C 325 -0.53 -21.29 37.12
C GLU C 325 -0.23 -21.65 35.66
N LEU C 326 1.06 -21.69 35.33
CA LEU C 326 1.48 -22.02 33.98
C LEU C 326 1.09 -23.44 33.61
N GLU C 327 1.34 -24.38 34.51
CA GLU C 327 1.00 -25.78 34.25
C GLU C 327 -0.49 -25.98 34.08
N ARG C 328 -1.27 -25.33 34.92
CA ARG C 328 -2.72 -25.43 34.87
C ARG C 328 -3.24 -24.84 33.56
N GLY C 329 -2.69 -23.69 33.17
CA GLY C 329 -3.12 -23.04 31.95
C GLY C 329 -2.78 -23.88 30.73
N LEU C 330 -1.59 -24.45 30.72
CA LEU C 330 -1.15 -25.28 29.61
C LEU C 330 -2.04 -26.53 29.51
N LYS C 331 -2.35 -27.11 30.66
CA LYS C 331 -3.18 -28.30 30.71
C LYS C 331 -4.56 -28.02 30.10
N GLU C 332 -5.15 -26.89 30.50
CA GLU C 332 -6.47 -26.52 29.99
C GLU C 332 -6.42 -26.26 28.49
N ALA C 333 -5.35 -25.64 28.03
CA ALA C 333 -5.20 -25.33 26.62
C ALA C 333 -5.12 -26.61 25.79
N GLU C 334 -4.31 -27.55 26.25
CA GLU C 334 -4.14 -28.83 25.55
C GLU C 334 -5.39 -29.70 25.61
N GLU C 335 -6.05 -29.65 26.75
CA GLU C 335 -7.26 -30.43 26.97
C GLU C 335 -8.40 -30.00 26.05
N ALA C 336 -8.36 -28.75 25.61
CA ALA C 336 -9.41 -28.22 24.72
C ALA C 336 -9.50 -29.00 23.40
N GLY C 337 -8.40 -29.64 23.01
CA GLY C 337 -8.41 -30.40 21.78
C GLY C 337 -8.11 -29.58 20.53
N PRO C 338 -7.80 -30.24 19.40
CA PRO C 338 -7.49 -29.62 18.11
C PRO C 338 -8.69 -28.91 17.48
N VAL C 339 -8.42 -27.86 16.72
CA VAL C 339 -9.51 -27.15 16.06
C VAL C 339 -9.97 -27.98 14.87
N PRO C 340 -11.29 -28.09 14.66
CA PRO C 340 -11.86 -28.85 13.56
C PRO C 340 -11.37 -28.33 12.20
N PRO C 341 -11.18 -29.23 11.22
CA PRO C 341 -10.72 -28.82 9.89
C PRO C 341 -11.70 -27.85 9.22
N GLU C 342 -12.98 -28.06 9.46
CA GLU C 342 -14.02 -27.22 8.86
C GLU C 342 -13.96 -25.77 9.31
N TRP C 343 -13.40 -25.51 10.48
CA TRP C 343 -13.30 -24.15 10.99
C TRP C 343 -12.52 -23.24 10.04
N MET C 344 -11.76 -23.85 9.13
CA MET C 344 -11.00 -23.10 8.15
C MET C 344 -11.90 -22.28 7.22
N PHE C 345 -13.16 -22.66 7.12
CA PHE C 345 -14.11 -21.95 6.26
C PHE C 345 -15.04 -21.01 7.02
N GLU C 346 -14.90 -20.98 8.34
CA GLU C 346 -15.74 -20.13 9.18
C GLU C 346 -15.11 -18.76 9.45
N ASP C 347 -15.96 -17.77 9.67
CA ASP C 347 -15.53 -16.40 9.97
C ASP C 347 -14.86 -15.60 8.86
N VAL C 348 -14.88 -16.08 7.62
CA VAL C 348 -14.29 -15.29 6.55
C VAL C 348 -15.26 -14.12 6.41
N PHE C 349 -16.55 -14.45 6.48
CA PHE C 349 -17.66 -13.49 6.43
C PHE C 349 -18.57 -13.93 7.57
N ALA C 350 -19.60 -13.15 7.86
CA ALA C 350 -20.54 -13.53 8.92
C ALA C 350 -21.13 -14.90 8.60
N GLU C 351 -21.43 -15.12 7.33
CA GLU C 351 -21.99 -16.38 6.86
C GLU C 351 -21.23 -16.85 5.62
N LYS C 352 -21.10 -18.17 5.47
CA LYS C 352 -20.38 -18.74 4.33
C LYS C 352 -21.14 -18.60 3.02
N PRO C 353 -20.53 -17.94 2.02
CA PRO C 353 -21.15 -17.75 0.71
C PRO C 353 -21.12 -19.07 -0.05
N TRP C 354 -21.78 -19.12 -1.21
CA TRP C 354 -21.82 -20.35 -2.00
C TRP C 354 -20.46 -20.95 -2.30
N HIS C 355 -19.48 -20.12 -2.68
CA HIS C 355 -18.17 -20.66 -3.01
C HIS C 355 -17.44 -21.32 -1.84
N LEU C 356 -17.64 -20.82 -0.62
CA LEU C 356 -16.98 -21.43 0.53
C LEU C 356 -17.71 -22.71 0.93
N LEU C 357 -19.03 -22.75 0.70
CA LEU C 357 -19.80 -23.94 1.02
C LEU C 357 -19.34 -25.04 0.08
N ARG C 358 -19.12 -24.69 -1.18
CA ARG C 358 -18.65 -25.64 -2.18
C ARG C 358 -17.25 -26.13 -1.83
N GLN C 359 -16.38 -25.20 -1.49
CA GLN C 359 -15.00 -25.54 -1.14
C GLN C 359 -14.93 -26.39 0.12
N GLU C 360 -15.86 -26.14 1.04
CA GLU C 360 -15.90 -26.91 2.28
C GLU C 360 -16.25 -28.35 1.91
N ALA C 361 -17.30 -28.52 1.11
CA ALA C 361 -17.73 -29.83 0.67
C ALA C 361 -16.61 -30.56 -0.07
N LEU C 362 -15.86 -29.83 -0.87
CA LEU C 362 -14.76 -30.42 -1.63
C LEU C 362 -13.73 -31.03 -0.67
N LEU C 363 -13.41 -30.30 0.39
CA LEU C 363 -12.44 -30.74 1.36
C LEU C 363 -12.93 -31.95 2.15
N LYS C 364 -14.23 -31.95 2.48
CA LYS C 364 -14.83 -33.05 3.23
C LYS C 364 -14.60 -34.38 2.53
N GLU C 365 -14.65 -34.36 1.20
CA GLU C 365 -14.43 -35.56 0.40
C GLU C 365 -13.03 -36.11 0.63
N GLU C 366 -12.17 -35.24 1.14
CA GLU C 366 -10.77 -35.59 1.42
C GLU C 366 -10.61 -36.14 2.84
N ALA D 2 -39.65 9.86 -8.32
CA ALA D 2 -39.10 10.88 -9.27
C ALA D 2 -37.75 10.44 -9.82
N LEU D 3 -37.35 11.07 -10.92
CA LEU D 3 -36.09 10.76 -11.58
C LEU D 3 -34.90 11.43 -10.91
N MET D 4 -33.79 10.70 -10.82
CA MET D 4 -32.58 11.26 -10.25
C MET D 4 -31.36 10.57 -10.81
N THR D 5 -30.23 11.24 -10.68
CA THR D 5 -28.96 10.71 -11.17
C THR D 5 -28.43 9.73 -10.14
N MET D 6 -27.30 9.10 -10.46
CA MET D 6 -26.68 8.16 -9.53
C MET D 6 -26.18 8.95 -8.32
N VAL D 7 -25.59 10.12 -8.58
CA VAL D 7 -25.09 10.97 -7.50
C VAL D 7 -26.21 11.26 -6.49
N GLN D 8 -27.37 11.66 -6.99
CA GLN D 8 -28.50 11.96 -6.11
C GLN D 8 -28.99 10.74 -5.36
N ALA D 9 -29.00 9.59 -6.02
CA ALA D 9 -29.44 8.35 -5.38
C ALA D 9 -28.49 7.96 -4.26
N LEU D 10 -27.19 8.08 -4.53
CA LEU D 10 -26.17 7.77 -3.53
C LEU D 10 -26.28 8.72 -2.34
N ASN D 11 -26.44 10.01 -2.63
CA ASN D 11 -26.57 11.03 -1.59
C ASN D 11 -27.79 10.71 -0.72
N ARG D 12 -28.88 10.32 -1.37
CA ARG D 12 -30.11 9.99 -0.68
C ARG D 12 -29.91 8.78 0.24
N ALA D 13 -29.24 7.75 -0.28
CA ALA D 13 -28.98 6.55 0.50
C ALA D 13 -28.20 6.90 1.77
N LEU D 14 -27.18 7.74 1.62
CA LEU D 14 -26.37 8.16 2.75
C LEU D 14 -27.19 8.94 3.75
N ASP D 15 -27.94 9.92 3.25
CA ASP D 15 -28.79 10.75 4.09
C ASP D 15 -29.77 9.88 4.89
N GLU D 16 -30.43 8.96 4.20
CA GLU D 16 -31.40 8.08 4.83
C GLU D 16 -30.81 7.20 5.93
N GLU D 17 -29.68 6.58 5.65
CA GLU D 17 -29.06 5.71 6.65
C GLU D 17 -28.53 6.51 7.83
N MET D 18 -28.01 7.70 7.57
CA MET D 18 -27.49 8.53 8.64
C MET D 18 -28.60 9.02 9.56
N ALA D 19 -29.78 9.25 9.00
CA ALA D 19 -30.92 9.70 9.80
C ALA D 19 -31.43 8.55 10.66
N LYS D 20 -31.32 7.34 10.14
CA LYS D 20 -31.78 6.15 10.85
C LYS D 20 -30.83 5.63 11.92
N ASP D 21 -29.53 5.78 11.69
CA ASP D 21 -28.53 5.29 12.63
C ASP D 21 -27.44 6.31 12.89
N PRO D 22 -27.35 6.81 14.14
CA PRO D 22 -26.37 7.81 14.55
C PRO D 22 -24.94 7.29 14.39
N ARG D 23 -24.78 5.98 14.36
CA ARG D 23 -23.46 5.36 14.22
C ARG D 23 -22.87 5.52 12.83
N VAL D 24 -23.73 5.77 11.84
CA VAL D 24 -23.25 5.93 10.48
C VAL D 24 -22.52 7.25 10.30
N VAL D 25 -21.25 7.17 9.93
CA VAL D 25 -20.42 8.34 9.71
C VAL D 25 -19.73 8.27 8.35
N VAL D 26 -19.41 9.44 7.82
CA VAL D 26 -18.74 9.54 6.53
C VAL D 26 -17.37 10.19 6.72
N LEU D 27 -16.34 9.62 6.09
CA LEU D 27 -15.01 10.20 6.20
C LEU D 27 -14.23 10.01 4.91
N GLY D 28 -13.38 10.99 4.60
CA GLY D 28 -12.58 10.93 3.40
C GLY D 28 -12.09 12.31 3.04
N GLU D 29 -11.32 12.40 1.96
CA GLU D 29 -10.78 13.66 1.50
C GLU D 29 -11.86 14.50 0.82
N ASP D 30 -12.05 15.72 1.33
CA ASP D 30 -13.01 16.67 0.74
C ASP D 30 -14.48 16.24 0.75
N VAL D 31 -14.90 15.43 1.71
CA VAL D 31 -16.30 14.99 1.77
C VAL D 31 -17.20 15.93 2.57
N GLY D 32 -16.60 16.75 3.41
CA GLY D 32 -17.37 17.66 4.25
C GLY D 32 -17.90 18.92 3.57
N LYS D 33 -17.23 20.03 3.85
CA LYS D 33 -17.61 21.32 3.28
C LYS D 33 -17.83 21.28 1.78
N ARG D 34 -16.87 20.72 1.05
CA ARG D 34 -16.96 20.62 -0.40
C ARG D 34 -18.11 19.74 -0.86
N GLY D 35 -18.47 18.76 -0.05
CA GLY D 35 -19.55 17.85 -0.41
C GLY D 35 -19.10 16.78 -1.37
N GLY D 36 -17.78 16.59 -1.49
CA GLY D 36 -17.23 15.58 -2.37
C GLY D 36 -16.89 16.11 -3.75
N VAL D 37 -15.82 15.61 -4.35
CA VAL D 37 -15.42 16.09 -5.67
C VAL D 37 -16.44 15.75 -6.75
N PHE D 38 -17.37 14.84 -6.43
CA PHE D 38 -18.44 14.47 -7.36
C PHE D 38 -19.79 14.77 -6.71
N LEU D 39 -19.73 15.49 -5.60
CA LEU D 39 -20.91 15.90 -4.82
C LEU D 39 -21.78 14.81 -4.22
N VAL D 40 -21.23 13.60 -4.07
CA VAL D 40 -22.00 12.52 -3.48
C VAL D 40 -22.39 12.81 -2.03
N THR D 41 -21.53 13.49 -1.29
CA THR D 41 -21.80 13.79 0.11
C THR D 41 -22.28 15.22 0.36
N GLU D 42 -22.70 15.88 -0.70
CA GLU D 42 -23.18 17.26 -0.62
C GLU D 42 -24.29 17.45 0.41
N GLY D 43 -24.14 18.48 1.25
CA GLY D 43 -25.14 18.78 2.26
C GLY D 43 -25.15 17.94 3.52
N LEU D 44 -24.43 16.82 3.53
CA LEU D 44 -24.41 15.97 4.72
C LEU D 44 -23.71 16.61 5.92
N LEU D 45 -22.64 17.35 5.69
CA LEU D 45 -21.94 18.00 6.80
C LEU D 45 -22.86 19.04 7.44
N GLN D 46 -23.49 19.84 6.59
CA GLN D 46 -24.40 20.87 7.05
C GLN D 46 -25.53 20.28 7.89
N LYS D 47 -26.03 19.12 7.49
CA LYS D 47 -27.13 18.48 8.20
C LYS D 47 -26.77 17.63 9.41
N TYR D 48 -25.63 16.93 9.36
CA TYR D 48 -25.26 16.07 10.47
C TYR D 48 -24.09 16.51 11.34
N GLY D 49 -23.31 17.48 10.87
CA GLY D 49 -22.19 17.97 11.66
C GLY D 49 -20.84 17.30 11.45
N PRO D 50 -19.76 17.95 11.90
CA PRO D 50 -18.38 17.47 11.78
C PRO D 50 -18.07 16.14 12.47
N ASP D 51 -18.89 15.73 13.42
CA ASP D 51 -18.68 14.46 14.11
C ASP D 51 -19.37 13.30 13.37
N ARG D 52 -19.99 13.62 12.24
CA ARG D 52 -20.68 12.60 11.43
C ARG D 52 -20.13 12.60 10.01
N VAL D 53 -19.62 13.74 9.57
CA VAL D 53 -19.03 13.87 8.24
C VAL D 53 -17.70 14.55 8.41
N MET D 54 -16.60 13.82 8.22
CA MET D 54 -15.31 14.43 8.45
C MET D 54 -14.26 14.35 7.36
N ASP D 55 -13.72 15.52 7.03
CA ASP D 55 -12.65 15.61 6.05
C ASP D 55 -11.45 15.03 6.77
N THR D 56 -10.67 14.23 6.08
CA THR D 56 -9.50 13.60 6.68
C THR D 56 -8.21 14.08 6.04
N PRO D 57 -7.07 13.74 6.66
CA PRO D 57 -5.80 14.16 6.07
C PRO D 57 -5.70 13.37 4.77
N LEU D 58 -4.75 13.72 3.93
CA LEU D 58 -4.58 13.05 2.65
C LEU D 58 -3.81 11.73 2.81
N SER D 59 -4.48 10.72 3.35
CA SER D 59 -3.86 9.41 3.55
C SER D 59 -4.91 8.31 3.46
N GLU D 60 -4.80 7.47 2.43
CA GLU D 60 -5.75 6.37 2.26
C GLU D 60 -5.54 5.29 3.31
N ALA D 61 -4.33 5.15 3.82
CA ALA D 61 -4.06 4.16 4.86
C ALA D 61 -4.77 4.63 6.13
N ALA D 62 -4.70 5.93 6.38
CA ALA D 62 -5.34 6.50 7.55
C ALA D 62 -6.86 6.39 7.44
N ILE D 63 -7.40 6.64 6.24
CA ILE D 63 -8.84 6.57 6.02
C ILE D 63 -9.36 5.15 6.20
N VAL D 64 -8.80 4.21 5.44
CA VAL D 64 -9.23 2.82 5.52
C VAL D 64 -8.96 2.22 6.91
N GLY D 65 -7.76 2.45 7.42
CA GLY D 65 -7.39 1.92 8.72
C GLY D 65 -8.20 2.49 9.87
N ALA D 66 -8.41 3.81 9.86
CA ALA D 66 -9.20 4.44 10.91
C ALA D 66 -10.63 3.91 10.82
N ALA D 67 -11.12 3.77 9.59
CA ALA D 67 -12.48 3.27 9.40
C ALA D 67 -12.61 1.88 10.02
N LEU D 68 -11.56 1.08 9.86
CA LEU D 68 -11.56 -0.27 10.43
C LEU D 68 -11.65 -0.21 11.95
N GLY D 69 -10.87 0.68 12.56
CA GLY D 69 -10.89 0.83 14.01
C GLY D 69 -12.24 1.33 14.49
N MET D 70 -12.81 2.29 13.78
CA MET D 70 -14.12 2.84 14.13
C MET D 70 -15.18 1.75 14.06
N ALA D 71 -15.15 0.96 12.99
CA ALA D 71 -16.11 -0.12 12.79
C ALA D 71 -15.98 -1.20 13.86
N ALA D 72 -14.74 -1.51 14.23
CA ALA D 72 -14.50 -2.54 15.24
C ALA D 72 -14.96 -2.08 16.63
N HIS D 73 -14.86 -0.77 16.87
CA HIS D 73 -15.23 -0.22 18.18
C HIS D 73 -16.71 0.12 18.36
N GLY D 74 -17.36 0.64 17.33
CA GLY D 74 -18.78 0.95 17.50
C GLY D 74 -19.49 1.74 16.43
N LEU D 75 -18.76 2.34 15.50
CA LEU D 75 -19.39 3.12 14.45
C LEU D 75 -19.64 2.30 13.17
N ARG D 76 -20.34 2.92 12.23
CA ARG D 76 -20.65 2.28 10.94
C ARG D 76 -20.11 3.26 9.92
N PRO D 77 -18.77 3.27 9.74
CA PRO D 77 -18.16 4.18 8.78
C PRO D 77 -18.32 3.86 7.31
N VAL D 78 -18.54 4.91 6.54
CA VAL D 78 -18.65 4.84 5.09
C VAL D 78 -17.48 5.70 4.66
N ALA D 79 -16.37 5.05 4.34
CA ALA D 79 -15.17 5.77 3.94
C ALA D 79 -15.14 5.97 2.44
N GLU D 80 -14.58 7.11 2.02
CA GLU D 80 -14.46 7.39 0.60
C GLU D 80 -13.00 7.48 0.19
N ILE D 81 -12.67 6.84 -0.93
CA ILE D 81 -11.33 6.90 -1.49
C ILE D 81 -11.66 7.74 -2.72
N GLN D 82 -11.01 8.90 -2.86
CA GLN D 82 -11.33 9.81 -3.95
C GLN D 82 -11.48 9.21 -5.34
N PHE D 83 -10.61 8.27 -5.69
CA PHE D 83 -10.68 7.56 -6.97
C PHE D 83 -10.23 6.13 -6.67
N ALA D 84 -10.85 5.15 -7.32
CA ALA D 84 -10.50 3.76 -7.08
C ALA D 84 -8.98 3.56 -7.22
N ASP D 85 -8.39 4.31 -8.15
CA ASP D 85 -6.95 4.26 -8.43
C ASP D 85 -6.08 4.57 -7.21
N TYR D 86 -6.64 5.30 -6.25
CA TYR D 86 -5.90 5.69 -5.07
C TYR D 86 -6.11 4.84 -3.82
N ILE D 87 -6.61 3.64 -4.01
CA ILE D 87 -6.82 2.74 -2.88
C ILE D 87 -5.47 2.15 -2.46
N PHE D 88 -4.55 2.06 -3.42
CA PHE D 88 -3.26 1.43 -3.16
C PHE D 88 -2.42 1.94 -1.99
N PRO D 89 -2.44 3.25 -1.71
CA PRO D 89 -1.62 3.68 -0.56
C PRO D 89 -2.16 3.06 0.74
N GLY D 90 -3.44 2.69 0.72
CA GLY D 90 -4.03 2.07 1.90
C GLY D 90 -4.36 0.60 1.65
N PHE D 91 -3.69 0.00 0.69
CA PHE D 91 -3.95 -1.40 0.34
C PHE D 91 -3.72 -2.38 1.48
N ASP D 92 -2.63 -2.22 2.22
CA ASP D 92 -2.39 -3.16 3.31
C ASP D 92 -3.48 -3.07 4.37
N GLN D 93 -3.92 -1.84 4.67
CA GLN D 93 -4.98 -1.68 5.65
C GLN D 93 -6.18 -2.48 5.17
N LEU D 94 -6.49 -2.38 3.88
CA LEU D 94 -7.63 -3.07 3.30
C LEU D 94 -7.51 -4.60 3.30
N VAL D 95 -6.39 -5.12 2.80
CA VAL D 95 -6.23 -6.57 2.72
C VAL D 95 -5.72 -7.27 3.97
N SER D 96 -4.89 -6.59 4.77
CA SER D 96 -4.34 -7.21 5.98
C SER D 96 -5.13 -6.94 7.25
N GLN D 97 -5.77 -5.78 7.35
CA GLN D 97 -6.54 -5.45 8.54
C GLN D 97 -8.04 -5.63 8.35
N VAL D 98 -8.62 -4.94 7.36
CA VAL D 98 -10.05 -5.03 7.12
C VAL D 98 -10.55 -6.41 6.72
N ALA D 99 -10.01 -6.93 5.62
CA ALA D 99 -10.43 -8.23 5.10
C ALA D 99 -10.28 -9.42 6.04
N LYS D 100 -9.21 -9.42 6.83
CA LYS D 100 -8.92 -10.54 7.71
C LYS D 100 -9.31 -10.40 9.19
N LEU D 101 -9.91 -9.28 9.58
CA LEU D 101 -10.24 -9.08 10.99
C LEU D 101 -11.13 -10.16 11.60
N ARG D 102 -12.29 -10.40 10.98
CA ARG D 102 -13.20 -11.41 11.53
C ARG D 102 -12.54 -12.79 11.57
N TYR D 103 -11.89 -13.15 10.47
CA TYR D 103 -11.24 -14.45 10.38
C TYR D 103 -10.11 -14.65 11.38
N ARG D 104 -9.16 -13.73 11.40
CA ARG D 104 -8.00 -13.86 12.29
C ARG D 104 -8.33 -13.78 13.78
N SER D 105 -9.47 -13.16 14.10
CA SER D 105 -9.87 -13.02 15.50
C SER D 105 -10.89 -14.07 15.93
N GLY D 106 -11.10 -15.08 15.08
CA GLY D 106 -12.07 -16.12 15.41
C GLY D 106 -13.46 -15.55 15.58
N GLY D 107 -13.72 -14.42 14.91
CA GLY D 107 -15.02 -13.79 15.00
C GLY D 107 -15.22 -12.86 16.18
N GLN D 108 -14.17 -12.63 16.95
CA GLN D 108 -14.27 -11.75 18.12
C GLN D 108 -14.43 -10.29 17.72
N PHE D 109 -13.78 -9.90 16.62
CA PHE D 109 -13.87 -8.52 16.14
C PHE D 109 -14.45 -8.52 14.73
N THR D 110 -15.27 -7.51 14.43
CA THR D 110 -15.92 -7.41 13.12
C THR D 110 -15.68 -6.05 12.47
N ALA D 111 -15.89 -6.00 11.16
CA ALA D 111 -15.67 -4.77 10.41
C ALA D 111 -16.87 -4.26 9.60
N PRO D 112 -17.90 -3.75 10.28
CA PRO D 112 -19.08 -3.25 9.56
C PRO D 112 -18.77 -1.89 8.95
N LEU D 113 -18.00 -1.90 7.86
CA LEU D 113 -17.63 -0.67 7.19
C LEU D 113 -17.79 -0.76 5.68
N VAL D 114 -17.91 0.41 5.07
CA VAL D 114 -18.06 0.50 3.62
C VAL D 114 -16.99 1.42 3.06
N VAL D 115 -16.38 1.01 1.96
CA VAL D 115 -15.37 1.84 1.32
C VAL D 115 -15.88 2.09 -0.09
N ARG D 116 -16.39 3.30 -0.34
CA ARG D 116 -16.87 3.61 -1.66
C ARG D 116 -15.81 4.37 -2.45
N MET D 117 -15.85 4.24 -3.76
CA MET D 117 -14.88 4.90 -4.62
C MET D 117 -15.37 4.98 -6.06
N PRO D 118 -15.12 6.11 -6.74
CA PRO D 118 -15.53 6.28 -8.13
C PRO D 118 -14.53 5.43 -8.92
N SER D 119 -14.94 4.86 -10.05
CA SER D 119 -14.03 4.05 -10.85
C SER D 119 -14.34 4.07 -12.33
N GLY D 120 -13.50 3.37 -13.10
CA GLY D 120 -13.69 3.27 -14.53
C GLY D 120 -13.25 4.44 -15.37
N GLY D 121 -13.14 4.21 -16.67
CA GLY D 121 -12.74 5.25 -17.59
C GLY D 121 -13.93 5.89 -18.28
N GLY D 122 -13.76 6.23 -19.55
CA GLY D 122 -14.83 6.88 -20.29
C GLY D 122 -14.91 8.35 -19.94
N VAL D 123 -13.91 8.82 -19.19
CA VAL D 123 -13.86 10.22 -18.78
C VAL D 123 -12.47 10.83 -18.96
N ARG D 124 -11.64 10.18 -19.78
CA ARG D 124 -10.29 10.65 -20.08
C ARG D 124 -9.48 10.89 -18.80
N GLY D 125 -9.53 9.93 -17.89
CA GLY D 125 -8.80 10.10 -16.63
C GLY D 125 -7.34 9.68 -16.64
N GLY D 126 -6.88 9.10 -17.74
CA GLY D 126 -5.49 8.67 -17.80
C GLY D 126 -5.20 7.52 -16.86
N HIS D 127 -3.95 7.43 -16.41
CA HIS D 127 -3.51 6.36 -15.51
C HIS D 127 -4.22 6.24 -14.16
N HIS D 128 -4.45 7.36 -13.47
CA HIS D 128 -5.09 7.29 -12.16
C HIS D 128 -6.45 7.96 -11.95
N HIS D 129 -7.21 8.12 -13.02
CA HIS D 129 -8.55 8.68 -12.94
C HIS D 129 -9.43 7.82 -13.83
N SER D 130 -9.11 6.52 -13.90
CA SER D 130 -9.86 5.62 -14.75
C SER D 130 -9.83 4.14 -14.34
N GLN D 131 -8.90 3.75 -13.48
CA GLN D 131 -8.77 2.36 -13.08
C GLN D 131 -9.99 1.66 -12.50
N SER D 132 -10.01 0.34 -12.69
CA SER D 132 -11.06 -0.54 -12.16
C SER D 132 -10.25 -1.66 -11.53
N PRO D 133 -9.95 -1.52 -10.23
CA PRO D 133 -9.17 -2.49 -9.46
C PRO D 133 -9.92 -3.58 -8.71
N GLU D 134 -11.19 -3.81 -9.07
CA GLU D 134 -11.99 -4.81 -8.38
C GLU D 134 -11.35 -6.20 -8.24
N ALA D 135 -10.56 -6.61 -9.23
CA ALA D 135 -9.93 -7.94 -9.16
C ALA D 135 -9.09 -8.08 -7.89
N HIS D 136 -8.40 -7.01 -7.52
CA HIS D 136 -7.55 -7.00 -6.33
C HIS D 136 -8.39 -7.28 -5.08
N PHE D 137 -9.63 -6.80 -5.09
CA PHE D 137 -10.51 -6.98 -3.95
C PHE D 137 -11.15 -8.36 -3.95
N VAL D 138 -11.64 -8.78 -5.12
CA VAL D 138 -12.26 -10.09 -5.25
C VAL D 138 -11.28 -11.20 -4.86
N HIS D 139 -10.00 -11.00 -5.21
CA HIS D 139 -8.94 -11.97 -4.91
C HIS D 139 -8.63 -12.03 -3.40
N THR D 140 -9.06 -11.02 -2.66
CA THR D 140 -8.80 -10.96 -1.22
C THR D 140 -9.98 -11.46 -0.39
N ALA D 141 -9.86 -12.66 0.14
CA ALA D 141 -10.93 -13.26 0.95
C ALA D 141 -11.30 -12.35 2.12
N GLY D 142 -12.61 -12.19 2.35
CA GLY D 142 -13.06 -11.37 3.46
C GLY D 142 -13.67 -10.03 3.06
N LEU D 143 -13.62 -9.71 1.77
CA LEU D 143 -14.17 -8.45 1.29
C LEU D 143 -15.33 -8.68 0.34
N LYS D 144 -16.48 -8.06 0.62
CA LYS D 144 -17.59 -8.16 -0.31
C LYS D 144 -17.31 -7.04 -1.31
N VAL D 145 -17.66 -7.24 -2.57
CA VAL D 145 -17.40 -6.23 -3.59
C VAL D 145 -18.65 -5.98 -4.43
N VAL D 146 -19.03 -4.71 -4.55
CA VAL D 146 -20.20 -4.31 -5.31
C VAL D 146 -19.89 -3.17 -6.28
N ALA D 147 -20.40 -3.30 -7.50
CA ALA D 147 -20.22 -2.28 -8.53
C ALA D 147 -21.61 -2.00 -9.11
N VAL D 148 -22.07 -0.77 -8.95
CA VAL D 148 -23.40 -0.39 -9.43
C VAL D 148 -23.38 0.31 -10.79
N SER D 149 -24.51 0.30 -11.50
CA SER D 149 -24.59 0.92 -12.81
C SER D 149 -25.89 1.71 -13.08
N THR D 150 -26.78 1.77 -12.09
CA THR D 150 -28.01 2.54 -12.24
C THR D 150 -28.33 3.26 -10.94
N PRO D 151 -29.05 4.39 -11.03
CA PRO D 151 -29.41 5.15 -9.83
C PRO D 151 -30.20 4.29 -8.85
N TYR D 152 -31.13 3.50 -9.37
CA TYR D 152 -31.96 2.63 -8.54
C TYR D 152 -31.12 1.65 -7.73
N ASP D 153 -30.15 1.01 -8.39
CA ASP D 153 -29.27 0.05 -7.72
C ASP D 153 -28.35 0.78 -6.75
N ALA D 154 -27.85 1.94 -7.17
CA ALA D 154 -26.95 2.73 -6.34
C ALA D 154 -27.56 2.96 -4.96
N LYS D 155 -28.80 3.45 -4.93
CA LYS D 155 -29.44 3.70 -3.65
C LYS D 155 -29.71 2.42 -2.87
N GLY D 156 -30.33 1.45 -3.52
CA GLY D 156 -30.67 0.21 -2.86
C GLY D 156 -29.49 -0.60 -2.34
N LEU D 157 -28.42 -0.67 -3.12
CA LEU D 157 -27.26 -1.44 -2.70
C LEU D 157 -26.36 -0.71 -1.70
N LEU D 158 -26.30 0.62 -1.78
CA LEU D 158 -25.48 1.34 -0.81
C LEU D 158 -26.13 1.22 0.56
N LYS D 159 -27.47 1.27 0.61
CA LYS D 159 -28.18 1.14 1.87
C LYS D 159 -27.93 -0.26 2.43
N ALA D 160 -27.97 -1.26 1.55
CA ALA D 160 -27.73 -2.64 1.96
C ALA D 160 -26.30 -2.80 2.49
N ALA D 161 -25.34 -2.18 1.82
CA ALA D 161 -23.94 -2.28 2.24
C ALA D 161 -23.77 -1.71 3.65
N ILE D 162 -24.36 -0.55 3.89
CA ILE D 162 -24.28 0.09 5.19
C ILE D 162 -24.89 -0.77 6.30
N ARG D 163 -25.92 -1.54 5.95
CA ARG D 163 -26.57 -2.41 6.94
C ARG D 163 -25.83 -3.73 7.09
N ASP D 164 -25.10 -4.11 6.05
CA ASP D 164 -24.33 -5.37 6.05
C ASP D 164 -23.18 -5.25 7.06
N GLU D 165 -22.96 -6.31 7.83
CA GLU D 165 -21.89 -6.30 8.83
C GLU D 165 -20.53 -6.63 8.25
N ASP D 166 -20.52 -7.23 7.06
CA ASP D 166 -19.27 -7.58 6.40
C ASP D 166 -18.73 -6.35 5.68
N PRO D 167 -17.39 -6.21 5.61
CA PRO D 167 -16.76 -5.07 4.93
C PRO D 167 -17.15 -5.11 3.46
N VAL D 168 -17.56 -3.98 2.92
CA VAL D 168 -17.96 -3.91 1.52
C VAL D 168 -17.22 -2.83 0.75
N VAL D 169 -16.63 -3.21 -0.38
CA VAL D 169 -15.96 -2.23 -1.22
C VAL D 169 -17.04 -1.90 -2.25
N PHE D 170 -17.40 -0.63 -2.33
CA PHE D 170 -18.47 -0.15 -3.21
C PHE D 170 -17.93 0.72 -4.36
N LEU D 171 -17.98 0.21 -5.58
CA LEU D 171 -17.47 0.96 -6.73
C LEU D 171 -18.56 1.65 -7.53
N GLU D 172 -18.34 2.95 -7.78
CA GLU D 172 -19.27 3.78 -8.51
C GLU D 172 -18.63 4.28 -9.81
N PRO D 173 -19.05 3.73 -10.96
CA PRO D 173 -18.48 4.16 -12.25
C PRO D 173 -18.73 5.65 -12.43
N LYS D 174 -17.65 6.44 -12.42
CA LYS D 174 -17.80 7.89 -12.52
C LYS D 174 -18.52 8.37 -13.79
N ARG D 175 -18.35 7.67 -14.90
CA ARG D 175 -19.00 8.08 -16.14
C ARG D 175 -20.52 7.96 -16.00
N LEU D 176 -20.98 7.20 -15.01
CA LEU D 176 -22.41 7.01 -14.80
C LEU D 176 -23.00 7.87 -13.67
N TYR D 177 -22.18 8.73 -13.08
CA TYR D 177 -22.66 9.58 -11.99
C TYR D 177 -23.86 10.46 -12.35
N ARG D 178 -23.86 11.01 -13.56
CA ARG D 178 -24.94 11.87 -14.01
C ARG D 178 -25.33 11.59 -15.45
N SER D 179 -24.95 10.42 -15.93
CA SER D 179 -25.23 10.01 -17.31
C SER D 179 -26.71 9.75 -17.60
N VAL D 180 -27.52 9.58 -16.56
CA VAL D 180 -28.93 9.33 -16.75
C VAL D 180 -29.76 9.52 -15.50
N LYS D 181 -30.99 9.98 -15.69
CA LYS D 181 -31.91 10.22 -14.59
C LYS D 181 -33.02 9.18 -14.62
N GLU D 182 -32.98 8.24 -13.68
CA GLU D 182 -33.97 7.16 -13.59
C GLU D 182 -34.85 7.30 -12.34
N GLU D 183 -36.01 6.65 -12.38
CA GLU D 183 -36.94 6.67 -11.25
C GLU D 183 -36.31 5.98 -10.05
N VAL D 184 -36.22 6.70 -8.94
CA VAL D 184 -35.66 6.16 -7.72
C VAL D 184 -36.61 6.52 -6.59
N PRO D 185 -37.33 5.54 -6.05
CA PRO D 185 -38.29 5.78 -4.95
C PRO D 185 -37.64 6.45 -3.74
N GLU D 186 -38.35 7.39 -3.14
CA GLU D 186 -37.85 8.07 -1.96
C GLU D 186 -38.10 7.17 -0.75
N GLU D 187 -39.01 6.22 -0.91
CA GLU D 187 -39.33 5.28 0.15
C GLU D 187 -38.12 4.44 0.51
N ASP D 188 -38.07 3.96 1.75
CA ASP D 188 -36.95 3.16 2.20
C ASP D 188 -37.01 1.77 1.57
N TYR D 189 -35.98 1.43 0.80
CA TYR D 189 -35.92 0.12 0.16
C TYR D 189 -34.45 -0.25 0.02
N THR D 190 -34.17 -1.55 0.02
CA THR D 190 -32.80 -2.02 -0.16
C THR D 190 -32.83 -3.06 -1.26
N LEU D 191 -31.65 -3.40 -1.76
CA LEU D 191 -31.55 -4.42 -2.79
C LEU D 191 -30.59 -5.47 -2.23
N PRO D 192 -30.74 -6.73 -2.67
CA PRO D 192 -29.89 -7.81 -2.17
C PRO D 192 -28.46 -7.85 -2.73
N ILE D 193 -27.50 -7.86 -1.81
CA ILE D 193 -26.10 -7.95 -2.17
C ILE D 193 -25.88 -9.42 -2.49
N GLY D 194 -25.17 -9.70 -3.59
CA GLY D 194 -24.91 -11.07 -3.97
C GLY D 194 -25.84 -11.54 -5.08
N LYS D 195 -26.72 -10.65 -5.55
CA LYS D 195 -27.67 -10.98 -6.59
C LYS D 195 -27.54 -10.12 -7.85
N ALA D 196 -27.52 -10.77 -9.00
CA ALA D 196 -27.42 -10.08 -10.28
C ALA D 196 -28.79 -9.54 -10.67
N ALA D 197 -28.80 -8.66 -11.66
CA ALA D 197 -30.04 -8.08 -12.15
C ALA D 197 -30.14 -8.34 -13.65
N LEU D 198 -31.28 -8.89 -14.05
CA LEU D 198 -31.53 -9.20 -15.46
C LEU D 198 -32.00 -7.89 -16.11
N ARG D 199 -31.15 -7.28 -16.92
CA ARG D 199 -31.49 -6.02 -17.60
C ARG D 199 -32.35 -6.24 -18.82
N ARG D 200 -32.12 -7.36 -19.49
CA ARG D 200 -32.86 -7.69 -20.69
C ARG D 200 -32.83 -9.19 -20.87
N GLU D 201 -34.00 -9.79 -21.12
CA GLU D 201 -34.09 -11.22 -21.32
C GLU D 201 -33.81 -11.54 -22.78
N GLY D 202 -33.16 -12.68 -23.00
CA GLY D 202 -32.82 -13.09 -24.35
C GLY D 202 -32.59 -14.59 -24.35
N LYS D 203 -32.46 -15.19 -25.52
CA LYS D 203 -32.23 -16.62 -25.58
C LYS D 203 -31.13 -17.07 -26.53
N ASP D 204 -30.55 -16.14 -27.27
CA ASP D 204 -29.50 -16.51 -28.22
C ASP D 204 -28.09 -16.26 -27.72
N LEU D 205 -27.93 -15.32 -26.80
CA LEU D 205 -26.60 -14.97 -26.28
C LEU D 205 -26.71 -14.39 -24.88
N THR D 206 -25.76 -14.76 -24.02
CA THR D 206 -25.71 -14.22 -22.66
C THR D 206 -24.59 -13.19 -22.60
N LEU D 207 -24.92 -11.98 -22.14
CA LEU D 207 -23.93 -10.93 -22.00
C LEU D 207 -23.75 -10.66 -20.51
N ILE D 208 -22.66 -11.15 -19.95
CA ILE D 208 -22.35 -10.95 -18.54
C ILE D 208 -21.55 -9.68 -18.41
N CYS D 209 -21.98 -8.79 -17.54
CA CYS D 209 -21.32 -7.51 -17.39
C CYS D 209 -21.66 -6.84 -16.07
N TYR D 210 -21.15 -5.63 -15.89
CA TYR D 210 -21.39 -4.85 -14.69
C TYR D 210 -20.71 -3.50 -14.80
N GLY D 211 -21.10 -2.59 -13.91
CA GLY D 211 -20.50 -1.27 -13.84
C GLY D 211 -20.28 -0.43 -15.10
N THR D 212 -19.05 0.02 -15.23
CA THR D 212 -18.60 0.90 -16.31
C THR D 212 -19.05 0.63 -17.75
N VAL D 213 -19.02 -0.63 -18.17
CA VAL D 213 -19.37 -0.97 -19.55
C VAL D 213 -20.85 -1.13 -19.89
N MET D 214 -21.74 -1.02 -18.92
CA MET D 214 -23.16 -1.21 -19.18
C MET D 214 -23.72 -0.48 -20.41
N PRO D 215 -23.40 0.82 -20.58
CA PRO D 215 -23.91 1.57 -21.73
C PRO D 215 -23.64 0.87 -23.06
N GLU D 216 -22.39 0.48 -23.29
CA GLU D 216 -22.03 -0.18 -24.55
C GLU D 216 -22.60 -1.59 -24.67
N VAL D 217 -22.66 -2.30 -23.55
CA VAL D 217 -23.21 -3.65 -23.57
C VAL D 217 -24.69 -3.58 -23.95
N LEU D 218 -25.42 -2.66 -23.33
CA LEU D 218 -26.84 -2.51 -23.61
C LEU D 218 -27.11 -2.09 -25.06
N GLN D 219 -26.30 -1.19 -25.60
CA GLN D 219 -26.51 -0.77 -26.97
C GLN D 219 -26.13 -1.90 -27.93
N ALA D 220 -25.17 -2.72 -27.53
CA ALA D 220 -24.76 -3.85 -28.35
C ALA D 220 -25.94 -4.82 -28.46
N ALA D 221 -26.61 -5.04 -27.34
CA ALA D 221 -27.77 -5.93 -27.33
C ALA D 221 -28.85 -5.35 -28.24
N ALA D 222 -28.97 -4.02 -28.24
CA ALA D 222 -29.95 -3.34 -29.08
C ALA D 222 -29.64 -3.56 -30.55
N GLU D 223 -28.36 -3.45 -30.91
CA GLU D 223 -27.94 -3.65 -32.29
C GLU D 223 -28.23 -5.09 -32.70
N LEU D 224 -27.94 -6.03 -31.79
CA LEU D 224 -28.18 -7.44 -32.06
C LEU D 224 -29.67 -7.70 -32.30
N ALA D 225 -30.53 -7.02 -31.53
CA ALA D 225 -31.97 -7.18 -31.67
C ALA D 225 -32.41 -6.79 -33.08
N LYS D 226 -31.76 -5.79 -33.66
CA LYS D 226 -32.09 -5.34 -35.01
C LYS D 226 -31.86 -6.47 -36.00
N ALA D 227 -30.94 -7.38 -35.69
CA ALA D 227 -30.63 -8.49 -36.57
C ALA D 227 -31.37 -9.77 -36.18
N GLY D 228 -32.33 -9.65 -35.27
CA GLY D 228 -33.08 -10.82 -34.84
C GLY D 228 -32.41 -11.67 -33.78
N VAL D 229 -31.33 -11.17 -33.21
CA VAL D 229 -30.61 -11.90 -32.16
C VAL D 229 -31.02 -11.35 -30.80
N SER D 230 -31.53 -12.23 -29.93
CA SER D 230 -31.95 -11.79 -28.61
C SER D 230 -30.86 -12.09 -27.58
N ALA D 231 -30.22 -11.03 -27.10
CA ALA D 231 -29.16 -11.18 -26.12
C ALA D 231 -29.72 -10.98 -24.72
N GLU D 232 -29.30 -11.83 -23.79
CA GLU D 232 -29.74 -11.69 -22.42
C GLU D 232 -28.64 -10.91 -21.70
N VAL D 233 -28.99 -9.74 -21.16
CA VAL D 233 -28.00 -8.92 -20.47
C VAL D 233 -28.11 -9.11 -18.96
N LEU D 234 -27.04 -9.59 -18.35
CA LEU D 234 -27.03 -9.82 -16.92
C LEU D 234 -26.00 -8.95 -16.19
N ASP D 235 -26.49 -7.95 -15.46
CA ASP D 235 -25.64 -7.05 -14.68
C ASP D 235 -25.38 -7.77 -13.35
N LEU D 236 -24.15 -8.23 -13.13
CA LEU D 236 -23.84 -8.95 -11.89
C LEU D 236 -24.06 -8.13 -10.62
N ARG D 237 -23.71 -6.84 -10.68
CA ARG D 237 -23.83 -5.93 -9.53
C ARG D 237 -22.85 -6.30 -8.41
N THR D 238 -23.08 -7.44 -7.76
CA THR D 238 -22.18 -7.88 -6.71
C THR D 238 -21.13 -8.80 -7.33
N LEU D 239 -19.85 -8.46 -7.14
CA LEU D 239 -18.77 -9.25 -7.71
C LEU D 239 -18.28 -10.31 -6.72
N MET D 240 -18.53 -10.08 -5.45
CA MET D 240 -18.14 -11.03 -4.40
C MET D 240 -19.06 -10.87 -3.20
N PRO D 241 -19.89 -11.90 -2.93
CA PRO D 241 -20.00 -13.15 -3.70
C PRO D 241 -20.89 -12.95 -4.93
N TRP D 242 -20.44 -13.38 -6.09
CA TRP D 242 -21.27 -13.19 -7.29
C TRP D 242 -22.40 -14.21 -7.43
N ASP D 243 -23.41 -13.83 -8.22
CA ASP D 243 -24.60 -14.63 -8.45
C ASP D 243 -24.34 -15.84 -9.34
N TYR D 244 -23.78 -16.89 -8.75
CA TYR D 244 -23.46 -18.11 -9.47
C TYR D 244 -24.67 -18.67 -10.23
N GLU D 245 -25.79 -18.81 -9.54
CA GLU D 245 -27.01 -19.34 -10.15
C GLU D 245 -27.53 -18.55 -11.35
N ALA D 246 -27.62 -17.24 -11.21
CA ALA D 246 -28.11 -16.40 -12.31
C ALA D 246 -27.23 -16.59 -13.55
N VAL D 247 -25.92 -16.59 -13.34
CA VAL D 247 -24.98 -16.76 -14.44
C VAL D 247 -25.16 -18.11 -15.12
N MET D 248 -25.10 -19.19 -14.35
CA MET D 248 -25.22 -20.52 -14.92
C MET D 248 -26.59 -20.79 -15.57
N ASN D 249 -27.65 -20.25 -14.99
CA ASN D 249 -28.97 -20.43 -15.55
C ASN D 249 -29.06 -19.77 -16.92
N SER D 250 -28.48 -18.58 -17.03
CA SER D 250 -28.50 -17.86 -18.30
C SER D 250 -27.66 -18.57 -19.35
N VAL D 251 -26.45 -18.95 -18.97
CA VAL D 251 -25.55 -19.65 -19.89
C VAL D 251 -26.11 -21.01 -20.32
N ALA D 252 -26.78 -21.70 -19.40
CA ALA D 252 -27.36 -23.01 -19.73
C ALA D 252 -28.40 -22.81 -20.81
N LYS D 253 -29.17 -21.73 -20.70
CA LYS D 253 -30.23 -21.42 -21.66
C LYS D 253 -29.72 -21.06 -23.05
N THR D 254 -28.83 -20.07 -23.12
CA THR D 254 -28.31 -19.59 -24.40
C THR D 254 -27.19 -20.43 -25.00
N GLY D 255 -26.37 -21.04 -24.15
CA GLY D 255 -25.28 -21.86 -24.65
C GLY D 255 -24.08 -21.05 -25.12
N ARG D 256 -24.20 -19.73 -25.13
CA ARG D 256 -23.09 -18.89 -25.55
C ARG D 256 -23.01 -17.63 -24.69
N VAL D 257 -21.79 -17.24 -24.35
CA VAL D 257 -21.59 -16.11 -23.49
C VAL D 257 -20.38 -15.24 -23.80
N VAL D 258 -20.59 -13.94 -23.64
CA VAL D 258 -19.55 -12.94 -23.83
C VAL D 258 -19.56 -12.18 -22.51
N LEU D 259 -18.39 -12.04 -21.89
CA LEU D 259 -18.28 -11.33 -20.62
C LEU D 259 -17.57 -10.01 -20.90
N VAL D 260 -18.11 -8.92 -20.40
CA VAL D 260 -17.54 -7.60 -20.65
C VAL D 260 -17.24 -6.81 -19.38
N SER D 261 -16.09 -6.15 -19.38
CA SER D 261 -15.65 -5.33 -18.26
C SER D 261 -14.55 -4.42 -18.80
N ASP D 262 -14.31 -3.30 -18.13
CA ASP D 262 -13.25 -2.40 -18.60
C ASP D 262 -11.95 -2.61 -17.82
N ALA D 263 -11.97 -3.57 -16.88
CA ALA D 263 -10.77 -3.88 -16.10
C ALA D 263 -9.77 -4.63 -16.99
N PRO D 264 -8.46 -4.54 -16.68
CA PRO D 264 -7.43 -5.21 -17.46
C PRO D 264 -7.73 -6.71 -17.53
N ARG D 265 -7.42 -7.32 -18.66
CA ARG D 265 -7.68 -8.73 -18.89
C ARG D 265 -7.09 -9.77 -17.92
N HIS D 266 -5.77 -9.81 -17.82
CA HIS D 266 -5.08 -10.79 -16.98
C HIS D 266 -5.48 -10.87 -15.52
N ALA D 267 -5.91 -12.07 -15.12
CA ALA D 267 -6.34 -12.35 -13.75
C ALA D 267 -7.45 -11.40 -13.31
N SER D 268 -8.35 -11.07 -14.23
CA SER D 268 -9.46 -10.18 -13.92
C SER D 268 -10.66 -10.95 -13.38
N PHE D 269 -11.63 -10.22 -12.84
CA PHE D 269 -12.82 -10.86 -12.31
C PHE D 269 -13.59 -11.61 -13.40
N VAL D 270 -13.72 -11.02 -14.58
CA VAL D 270 -14.45 -11.70 -15.64
C VAL D 270 -13.73 -12.99 -16.05
N SER D 271 -12.41 -13.01 -15.87
CA SER D 271 -11.65 -14.20 -16.18
C SER D 271 -12.08 -15.32 -15.23
N GLU D 272 -12.33 -14.93 -13.98
CA GLU D 272 -12.76 -15.89 -12.96
C GLU D 272 -14.11 -16.49 -13.31
N VAL D 273 -15.05 -15.63 -13.71
CA VAL D 273 -16.37 -16.11 -14.08
C VAL D 273 -16.25 -17.02 -15.31
N ALA D 274 -15.47 -16.60 -16.29
CA ALA D 274 -15.29 -17.37 -17.52
C ALA D 274 -14.73 -18.77 -17.20
N ALA D 275 -13.68 -18.81 -16.38
CA ALA D 275 -13.07 -20.08 -16.00
C ALA D 275 -14.04 -20.96 -15.23
N THR D 276 -14.93 -20.36 -14.46
CA THR D 276 -15.90 -21.12 -13.68
C THR D 276 -17.00 -21.68 -14.59
N ILE D 277 -17.42 -20.90 -15.58
CA ILE D 277 -18.43 -21.36 -16.52
C ILE D 277 -17.88 -22.56 -17.29
N ALA D 278 -16.62 -22.49 -17.69
CA ALA D 278 -15.98 -23.56 -18.45
C ALA D 278 -15.83 -24.82 -17.62
N GLU D 279 -15.44 -24.65 -16.36
CA GLU D 279 -15.24 -25.79 -15.46
C GLU D 279 -16.55 -26.47 -15.06
N ASP D 280 -17.62 -25.69 -14.95
CA ASP D 280 -18.91 -26.22 -14.52
C ASP D 280 -19.96 -26.46 -15.60
N LEU D 281 -19.92 -25.68 -16.68
CA LEU D 281 -20.91 -25.85 -17.75
C LEU D 281 -20.37 -26.16 -19.13
N LEU D 282 -19.24 -26.84 -19.22
CA LEU D 282 -18.67 -27.17 -20.52
C LEU D 282 -19.72 -27.83 -21.41
N ASP D 283 -20.48 -28.76 -20.84
CA ASP D 283 -21.52 -29.49 -21.56
C ASP D 283 -22.64 -28.62 -22.12
N MET D 284 -22.78 -27.40 -21.60
CA MET D 284 -23.84 -26.49 -22.06
C MET D 284 -23.34 -25.46 -23.06
N LEU D 285 -22.02 -25.38 -23.24
CA LEU D 285 -21.44 -24.39 -24.15
C LEU D 285 -21.48 -24.77 -25.63
N LEU D 286 -22.07 -23.88 -26.44
CA LEU D 286 -22.16 -24.08 -27.88
C LEU D 286 -21.05 -23.27 -28.54
N ALA D 287 -20.40 -22.43 -27.74
CA ALA D 287 -19.30 -21.60 -28.21
C ALA D 287 -18.38 -21.29 -27.04
N PRO D 288 -17.13 -20.90 -27.33
CA PRO D 288 -16.17 -20.59 -26.27
C PRO D 288 -16.59 -19.34 -25.50
N PRO D 289 -16.32 -19.32 -24.19
CA PRO D 289 -16.70 -18.12 -23.42
C PRO D 289 -15.71 -17.03 -23.87
N ILE D 290 -16.24 -15.94 -24.39
CA ILE D 290 -15.41 -14.85 -24.90
C ILE D 290 -15.40 -13.63 -23.99
N ARG D 291 -14.19 -13.16 -23.68
CA ARG D 291 -14.03 -12.02 -22.80
C ARG D 291 -13.63 -10.75 -23.53
N VAL D 292 -14.39 -9.68 -23.29
CA VAL D 292 -14.11 -8.37 -23.86
C VAL D 292 -13.73 -7.54 -22.63
N THR D 293 -12.46 -7.20 -22.50
CA THR D 293 -11.99 -6.48 -21.34
C THR D 293 -11.12 -5.28 -21.69
N GLY D 294 -10.60 -4.62 -20.66
CA GLY D 294 -9.71 -3.51 -20.90
C GLY D 294 -8.43 -4.22 -21.34
N PHE D 295 -7.53 -3.50 -22.00
CA PHE D 295 -6.29 -4.14 -22.45
C PHE D 295 -5.33 -4.25 -21.28
N ASP D 296 -4.31 -5.09 -21.43
CA ASP D 296 -3.32 -5.28 -20.38
C ASP D 296 -2.25 -4.19 -20.45
N THR D 297 -2.70 -2.95 -20.27
CA THR D 297 -1.80 -1.79 -20.30
C THR D 297 -2.31 -0.80 -19.26
N PRO D 298 -1.48 0.16 -18.84
CA PRO D 298 -1.98 1.11 -17.85
C PRO D 298 -3.10 1.84 -18.60
N TYR D 299 -3.97 2.55 -17.89
CA TYR D 299 -5.06 3.24 -18.59
C TYR D 299 -4.53 4.45 -19.34
N PRO D 300 -4.67 4.45 -20.68
CA PRO D 300 -4.20 5.54 -21.53
C PRO D 300 -5.12 6.75 -21.64
N TYR D 301 -4.53 7.94 -21.59
CA TYR D 301 -5.31 9.16 -21.70
C TYR D 301 -5.75 9.38 -23.14
N ALA D 302 -4.78 9.52 -24.03
CA ALA D 302 -5.06 9.76 -25.45
C ALA D 302 -6.03 8.76 -26.07
N GLN D 303 -5.84 7.47 -25.81
CA GLN D 303 -6.70 6.45 -26.38
C GLN D 303 -7.83 5.98 -25.45
N ASP D 304 -8.22 6.84 -24.51
CA ASP D 304 -9.28 6.50 -23.56
C ASP D 304 -10.51 5.93 -24.27
N LYS D 305 -10.92 6.58 -25.36
CA LYS D 305 -12.08 6.16 -26.17
C LYS D 305 -11.97 4.74 -26.71
N LEU D 306 -10.74 4.29 -26.97
CA LEU D 306 -10.50 2.96 -27.52
C LEU D 306 -10.22 1.89 -26.47
N TYR D 307 -9.67 2.29 -25.33
CA TYR D 307 -9.37 1.32 -24.27
C TYR D 307 -10.67 0.73 -23.74
N LEU D 308 -11.60 1.62 -23.40
CA LEU D 308 -12.91 1.22 -22.91
C LEU D 308 -13.61 0.43 -24.03
N PRO D 309 -14.08 -0.79 -23.74
CA PRO D 309 -14.74 -1.55 -24.79
C PRO D 309 -15.79 -0.73 -25.54
N THR D 310 -15.76 -0.80 -26.87
CA THR D 310 -16.72 -0.08 -27.68
C THR D 310 -17.86 -1.02 -28.06
N VAL D 311 -18.94 -0.45 -28.57
CA VAL D 311 -20.09 -1.25 -28.99
C VAL D 311 -19.61 -2.23 -30.06
N THR D 312 -18.77 -1.73 -30.97
CA THR D 312 -18.23 -2.54 -32.05
C THR D 312 -17.41 -3.71 -31.53
N ARG D 313 -16.56 -3.47 -30.53
CA ARG D 313 -15.72 -4.52 -29.98
C ARG D 313 -16.57 -5.60 -29.35
N ILE D 314 -17.63 -5.18 -28.66
CA ILE D 314 -18.52 -6.14 -28.01
C ILE D 314 -19.30 -6.92 -29.07
N LEU D 315 -19.76 -6.22 -30.12
CA LEU D 315 -20.50 -6.87 -31.20
C LEU D 315 -19.63 -7.89 -31.94
N ASN D 316 -18.37 -7.57 -32.15
CA ASN D 316 -17.46 -8.48 -32.83
C ASN D 316 -17.30 -9.78 -32.03
N ALA D 317 -17.27 -9.65 -30.71
CA ALA D 317 -17.15 -10.82 -29.84
C ALA D 317 -18.46 -11.61 -29.88
N ALA D 318 -19.58 -10.89 -29.94
CA ALA D 318 -20.89 -11.55 -30.00
C ALA D 318 -21.00 -12.36 -31.29
N LYS D 319 -20.60 -11.76 -32.40
CA LYS D 319 -20.65 -12.43 -33.69
C LYS D 319 -19.81 -13.70 -33.66
N ARG D 320 -18.63 -13.60 -33.09
CA ARG D 320 -17.72 -14.73 -32.97
C ARG D 320 -18.39 -15.87 -32.21
N ALA D 321 -19.05 -15.54 -31.11
CA ALA D 321 -19.73 -16.54 -30.30
C ALA D 321 -20.91 -17.12 -31.04
N LEU D 322 -21.60 -16.26 -31.80
CA LEU D 322 -22.77 -16.68 -32.55
C LEU D 322 -22.44 -17.54 -33.77
N ASP D 323 -21.38 -17.19 -34.49
CA ASP D 323 -20.99 -17.93 -35.69
C ASP D 323 -20.16 -19.18 -35.40
N TYR D 324 -19.86 -19.41 -34.13
CA TYR D 324 -19.06 -20.58 -33.78
C TYR D 324 -19.81 -21.89 -33.99
#